data_5NGL
#
_entry.id   5NGL
#
_cell.length_a   62.379
_cell.length_b   78.766
_cell.length_c   145.526
_cell.angle_alpha   90.00
_cell.angle_beta   94.94
_cell.angle_gamma   90.00
#
_symmetry.space_group_name_H-M   'P 1 21 1'
#
loop_
_entity.id
_entity.type
_entity.pdbx_description
1 polymer Glucosylceramidase
2 branched beta-D-glucopyranose-(1-6)-1-DEOXYNOJIRIMYCIN
3 non-polymer 'SODIUM ION'
4 water water
#
_entity_poly.entity_id   1
_entity_poly.type   'polypeptide(L)'
_entity_poly.pdbx_seq_one_letter_code
;MGSSHHHHHHSSGPQQGLRSNSDDAEKPVVPVPTGDVAIYTTTSSLTRDLTRDAVNFSPKDNLAPTTITLNPAEQYQTMD
GFGAAITGSTCYNLLLMKPADRHAFLTETFSDKDGFGFSYIRISIGCSDFSLSEYTCCDTKGIENFALQSEEKDYILPIL
KEILAINPSIKVIAAPWTCPKWMKVKSLTDRTPLDSWTNGQLNPDYYQDYATYFVKWIQAFKAEGIDIYAVTPQNEPLNR
GNSASLYMEWEEQRDFVKTALGPQMKAAGLSTKIYAFDHNYNYDNIESQKNYPGKIYEDAAASQYLAGAAYHNYGGNREE
LLNIHQAYPEKELLFTETSIGTWNSGRDLSKRLMEDMEEVALGTINNWCKGVIVWNLMLDNDRGPNREGGCQTCYGAVDI
NNSDYKTIIRNSHYYIIAHLSSVVKPGAVRIATTGYTDNGITCSAFENTDGTYAFVLINNNEKSKKITVSDGQRHFAYDV
PGKSVTSYRWAKSK
;
_entity_poly.pdbx_strand_id   A,B,C
#
loop_
_chem_comp.id
_chem_comp.type
_chem_comp.name
_chem_comp.formula
BGC D-saccharide, beta linking beta-D-glucopyranose 'C6 H12 O6'
NA non-polymer 'SODIUM ION' 'Na 1'
NOJ D-saccharide 1-DEOXYNOJIRIMYCIN 'C6 H13 N O4'
#
# COMPACT_ATOMS: atom_id res chain seq x y z
N GLY A 35 -0.88 -36.20 -13.35
CA GLY A 35 -1.81 -37.37 -13.56
C GLY A 35 -3.29 -37.04 -13.81
N ASP A 36 -4.13 -38.07 -13.78
CA ASP A 36 -5.59 -37.92 -13.95
C ASP A 36 -6.27 -37.23 -12.79
N VAL A 37 -5.76 -37.47 -11.59
CA VAL A 37 -6.31 -36.90 -10.36
C VAL A 37 -5.29 -35.98 -9.64
N ALA A 38 -5.68 -34.72 -9.47
CA ALA A 38 -4.87 -33.70 -8.78
C ALA A 38 -5.21 -33.75 -7.29
N ILE A 39 -4.17 -33.67 -6.47
CA ILE A 39 -4.28 -33.85 -5.04
C ILE A 39 -3.53 -32.75 -4.31
N TYR A 40 -4.11 -32.32 -3.20
CA TYR A 40 -3.54 -31.39 -2.21
C TYR A 40 -3.57 -32.11 -0.85
N THR A 41 -2.46 -32.06 -0.11
CA THR A 41 -2.38 -32.66 1.20
C THR A 41 -1.76 -31.73 2.21
N THR A 42 -2.34 -31.66 3.39
CA THR A 42 -1.72 -31.02 4.56
C THR A 42 -1.81 -32.02 5.69
N THR A 43 -0.75 -32.18 6.47
CA THR A 43 -0.82 -32.99 7.68
C THR A 43 -0.70 -32.10 8.93
N SER A 44 -1.28 -32.56 10.03
CA SER A 44 -1.15 -31.83 11.35
C SER A 44 0.26 -31.45 11.78
N SER A 45 1.19 -32.35 11.49
CA SER A 45 2.61 -32.18 11.79
C SER A 45 3.38 -31.32 10.78
N LEU A 46 2.75 -30.89 9.67
CA LEU A 46 3.40 -30.19 8.55
C LEU A 46 4.45 -31.00 7.78
N THR A 47 4.31 -32.33 7.75
CA THR A 47 5.06 -33.14 6.78
C THR A 47 4.57 -32.83 5.37
N ARG A 48 3.31 -32.37 5.26
CA ARG A 48 2.73 -31.96 4.01
C ARG A 48 2.02 -30.64 4.33
N ASP A 49 2.10 -29.69 3.41
CA ASP A 49 1.75 -28.30 3.65
C ASP A 49 1.10 -27.78 2.36
N LEU A 50 -0.19 -28.09 2.20
CA LEU A 50 -0.87 -27.98 0.91
C LEU A 50 0.04 -28.51 -0.21
N THR A 51 0.65 -29.70 0.02
CA THR A 51 1.55 -30.26 -0.97
C THR A 51 0.76 -30.81 -2.16
N ARG A 52 1.32 -30.68 -3.37
CA ARG A 52 0.67 -31.19 -4.58
C ARG A 52 1.11 -32.63 -4.83
N ASP A 53 0.17 -33.49 -5.23
CA ASP A 53 0.51 -34.82 -5.73
C ASP A 53 -0.45 -35.11 -6.87
N ALA A 54 -0.24 -36.22 -7.55
CA ALA A 54 -1.16 -36.68 -8.56
C ALA A 54 -1.16 -38.19 -8.56
N VAL A 55 -2.29 -38.81 -8.91
CA VAL A 55 -2.35 -40.22 -9.29
C VAL A 55 -3.14 -40.39 -10.59
N ASN A 56 -2.90 -41.48 -11.31
CA ASN A 56 -3.69 -41.80 -12.49
C ASN A 56 -4.80 -42.74 -12.09
N PHE A 57 -5.76 -42.95 -13.00
CA PHE A 57 -6.80 -43.96 -12.75
C PHE A 57 -6.17 -45.37 -12.80
N SER A 58 -6.81 -46.38 -12.21
CA SER A 58 -6.28 -47.75 -12.28
C SER A 58 -7.33 -48.86 -12.43
N THR A 67 -13.87 -48.46 0.30
CA THR A 67 -14.31 -47.85 -0.92
C THR A 67 -15.25 -46.73 -0.59
N ILE A 68 -15.11 -45.65 -1.34
CA ILE A 68 -16.01 -44.52 -1.31
C ILE A 68 -16.43 -44.33 -2.76
N THR A 69 -17.75 -44.43 -3.02
CA THR A 69 -18.32 -44.29 -4.39
C THR A 69 -19.17 -43.01 -4.46
N LEU A 70 -18.85 -42.13 -5.41
CA LEU A 70 -19.60 -40.90 -5.63
C LEU A 70 -20.86 -41.20 -6.42
N ASN A 71 -22.00 -40.71 -5.92
CA ASN A 71 -23.30 -40.85 -6.58
C ASN A 71 -23.80 -39.48 -7.05
N PRO A 72 -23.46 -39.08 -8.29
CA PRO A 72 -23.82 -37.74 -8.77
C PRO A 72 -25.31 -37.51 -9.04
N ALA A 73 -26.11 -38.59 -9.09
CA ALA A 73 -27.55 -38.48 -9.22
C ALA A 73 -28.22 -37.99 -7.94
N GLU A 74 -27.52 -38.05 -6.80
CA GLU A 74 -28.08 -37.66 -5.52
C GLU A 74 -27.47 -36.32 -5.07
N GLN A 75 -28.16 -35.22 -5.41
CA GLN A 75 -27.63 -33.85 -5.28
C GLN A 75 -28.19 -33.14 -4.08
N TYR A 76 -27.34 -32.41 -3.36
CA TYR A 76 -27.76 -31.54 -2.27
C TYR A 76 -27.60 -30.06 -2.72
N GLN A 77 -27.08 -29.19 -1.84
CA GLN A 77 -27.01 -27.75 -2.13
C GLN A 77 -25.90 -27.46 -3.13
N THR A 78 -26.04 -26.35 -3.85
CA THR A 78 -24.96 -25.86 -4.69
C THR A 78 -24.06 -24.91 -3.88
N MET A 79 -22.77 -24.84 -4.22
CA MET A 79 -21.80 -24.16 -3.37
C MET A 79 -21.50 -22.79 -3.98
N ASP A 80 -21.47 -21.78 -3.12
CA ASP A 80 -21.21 -20.41 -3.55
C ASP A 80 -19.73 -20.02 -3.52
N GLY A 81 -19.00 -20.51 -2.51
CA GLY A 81 -17.64 -20.12 -2.32
C GLY A 81 -17.14 -20.31 -0.90
N PHE A 82 -15.85 -20.10 -0.75
CA PHE A 82 -15.16 -20.25 0.52
C PHE A 82 -14.10 -19.17 0.66
N GLY A 83 -13.86 -18.67 1.87
CA GLY A 83 -12.85 -17.66 2.03
C GLY A 83 -12.68 -17.13 3.43
N ALA A 84 -12.36 -15.83 3.52
CA ALA A 84 -11.95 -15.18 4.76
C ALA A 84 -12.41 -13.74 4.72
N ALA A 85 -12.30 -13.07 5.87
CA ALA A 85 -12.61 -11.65 5.96
C ALA A 85 -11.43 -10.73 5.55
N ILE A 86 -11.76 -9.69 4.81
CA ILE A 86 -10.81 -8.64 4.39
C ILE A 86 -11.18 -7.48 5.28
N THR A 87 -10.59 -7.47 6.46
CA THR A 87 -10.81 -6.40 7.39
C THR A 87 -9.83 -5.24 7.19
N GLY A 88 -10.06 -4.12 7.86
CA GLY A 88 -9.05 -3.05 7.85
C GLY A 88 -7.65 -3.49 8.27
N SER A 89 -7.59 -4.32 9.32
CA SER A 89 -6.32 -4.79 9.85
C SER A 89 -5.64 -5.70 8.83
N THR A 90 -6.42 -6.56 8.20
CA THR A 90 -5.88 -7.39 7.08
C THR A 90 -5.26 -6.52 5.97
N CYS A 91 -6.02 -5.50 5.56
CA CYS A 91 -5.55 -4.54 4.51
C CYS A 91 -4.34 -3.79 4.92
N TYR A 92 -4.30 -3.31 6.17
CA TYR A 92 -3.12 -2.59 6.66
C TYR A 92 -1.88 -3.46 6.60
N ASN A 93 -2.02 -4.68 7.07
CA ASN A 93 -0.89 -5.62 7.05
C ASN A 93 -0.47 -5.89 5.58
N LEU A 94 -1.45 -6.13 4.70
CA LEU A 94 -1.10 -6.40 3.30
C LEU A 94 -0.39 -5.20 2.66
N LEU A 95 -0.87 -3.99 2.95
CA LEU A 95 -0.28 -2.76 2.38
C LEU A 95 1.11 -2.41 2.88
N LEU A 96 1.51 -2.93 4.04
CA LEU A 96 2.85 -2.76 4.53
C LEU A 96 3.87 -3.74 3.94
N MET A 97 3.40 -4.79 3.27
CA MET A 97 4.31 -5.68 2.57
C MET A 97 4.92 -4.95 1.36
N LYS A 98 6.02 -5.50 0.86
CA LYS A 98 6.51 -5.10 -0.47
C LYS A 98 5.38 -5.38 -1.47
N PRO A 99 5.15 -4.48 -2.44
CA PRO A 99 4.01 -4.72 -3.36
C PRO A 99 4.00 -6.10 -4.02
N ALA A 100 5.13 -6.54 -4.52
CA ALA A 100 5.23 -7.84 -5.16
C ALA A 100 4.95 -8.99 -4.23
N ASP A 101 5.39 -8.89 -2.95
CA ASP A 101 5.10 -9.93 -1.98
C ASP A 101 3.60 -9.96 -1.67
N ARG A 102 2.99 -8.78 -1.50
CA ARG A 102 1.55 -8.74 -1.29
C ARG A 102 0.82 -9.42 -2.46
N HIS A 103 1.19 -9.02 -3.66
CA HIS A 103 0.50 -9.56 -4.86
C HIS A 103 0.70 -11.06 -5.00
N ALA A 104 1.91 -11.56 -4.72
CA ALA A 104 2.15 -13.03 -4.66
C ALA A 104 1.27 -13.72 -3.66
N PHE A 105 1.14 -13.14 -2.46
CA PHE A 105 0.29 -13.75 -1.46
C PHE A 105 -1.18 -13.74 -1.92
N LEU A 106 -1.63 -12.60 -2.43
CA LEU A 106 -2.99 -12.50 -2.93
C LEU A 106 -3.29 -13.44 -4.10
N THR A 107 -2.32 -13.62 -4.98
CA THR A 107 -2.44 -14.53 -6.17
C THR A 107 -2.56 -15.95 -5.63
N GLU A 108 -1.67 -16.33 -4.69
CA GLU A 108 -1.66 -17.70 -4.16
C GLU A 108 -2.97 -18.05 -3.47
N THR A 109 -3.52 -17.05 -2.80
CA THR A 109 -4.74 -17.18 -2.05
C THR A 109 -5.98 -17.18 -2.97
N PHE A 110 -6.08 -16.19 -3.85
CA PHE A 110 -7.34 -15.91 -4.55
C PHE A 110 -7.36 -16.38 -6.01
N SER A 111 -6.22 -16.66 -6.64
CA SER A 111 -6.23 -17.11 -8.05
C SER A 111 -6.74 -18.55 -8.21
N ASP A 112 -7.65 -18.76 -9.17
CA ASP A 112 -8.14 -20.09 -9.50
C ASP A 112 -7.02 -20.86 -10.23
N LYS A 113 -6.40 -20.23 -11.23
CA LYS A 113 -5.36 -20.93 -11.99
C LYS A 113 -3.97 -20.88 -11.39
N ASP A 114 -3.65 -19.83 -10.64
CA ASP A 114 -2.31 -19.68 -10.07
C ASP A 114 -2.30 -19.85 -8.53
N GLY A 115 -3.34 -20.40 -7.91
CA GLY A 115 -3.42 -20.48 -6.45
C GLY A 115 -4.54 -21.39 -6.00
N PHE A 116 -5.02 -21.14 -4.78
CA PHE A 116 -6.07 -21.92 -4.13
C PHE A 116 -7.49 -21.48 -4.41
N GLY A 117 -7.66 -20.36 -5.09
CA GLY A 117 -8.96 -19.94 -5.60
C GLY A 117 -9.99 -19.59 -4.55
N PHE A 118 -9.56 -19.00 -3.42
CA PHE A 118 -10.51 -18.52 -2.44
C PHE A 118 -11.52 -17.67 -3.21
N SER A 119 -12.81 -17.83 -2.90
CA SER A 119 -13.90 -17.35 -3.75
C SER A 119 -15.07 -16.62 -3.07
N TYR A 120 -14.96 -16.41 -1.76
CA TYR A 120 -15.92 -15.66 -1.00
C TYR A 120 -15.15 -14.84 0.02
N ILE A 121 -15.41 -13.53 0.08
CA ILE A 121 -14.83 -12.71 1.14
C ILE A 121 -15.93 -11.99 1.86
N ARG A 122 -15.66 -11.64 3.11
CA ARG A 122 -16.59 -10.89 3.94
C ARG A 122 -15.93 -9.58 4.38
N ILE A 123 -16.68 -8.47 4.27
CA ILE A 123 -16.26 -7.17 4.74
C ILE A 123 -17.31 -6.53 5.66
N SER A 124 -16.91 -5.49 6.37
CA SER A 124 -17.77 -4.80 7.26
C SER A 124 -18.33 -3.53 6.58
N ILE A 125 -19.57 -3.23 6.90
CA ILE A 125 -20.23 -1.97 6.51
C ILE A 125 -19.95 -1.02 7.64
N GLY A 126 -19.11 -0.03 7.38
CA GLY A 126 -18.49 0.71 8.46
C GLY A 126 -17.44 -0.12 9.18
N CYS A 127 -17.12 0.27 10.42
CA CYS A 127 -16.07 -0.42 11.14
C CYS A 127 -16.43 -1.82 11.62
N SER A 128 -15.42 -2.63 11.87
CA SER A 128 -15.55 -3.81 12.73
C SER A 128 -14.55 -3.63 13.84
N ASP A 129 -14.34 -4.68 14.65
CA ASP A 129 -13.25 -4.67 15.65
C ASP A 129 -11.85 -4.87 15.02
N PHE A 130 -11.76 -5.05 13.70
CA PHE A 130 -10.49 -5.00 13.01
C PHE A 130 -10.42 -3.90 11.94
N SER A 131 -10.99 -2.76 12.31
CA SER A 131 -10.80 -1.51 11.60
C SER A 131 -9.74 -0.72 12.31
N LEU A 132 -9.33 0.38 11.70
CA LEU A 132 -8.28 1.23 12.27
C LEU A 132 -8.88 2.31 13.17
N SER A 133 -10.23 2.35 13.26
CA SER A 133 -10.95 3.24 14.16
C SER A 133 -12.39 2.78 14.29
N GLU A 134 -13.09 3.34 15.26
CA GLU A 134 -14.53 3.22 15.34
C GLU A 134 -15.14 4.28 14.44
N TYR A 135 -15.98 3.87 13.49
CA TYR A 135 -16.56 4.83 12.52
C TYR A 135 -17.68 4.15 11.76
N THR A 136 -18.53 4.96 11.14
CA THR A 136 -19.52 4.46 10.19
C THR A 136 -19.45 5.34 9.00
N CYS A 137 -20.21 5.00 7.95
CA CYS A 137 -20.23 5.82 6.76
C CYS A 137 -21.21 7.02 6.85
N CYS A 138 -21.75 7.32 8.04
CA CYS A 138 -22.64 8.49 8.22
C CYS A 138 -22.67 8.86 9.68
N ASP A 139 -21.51 9.29 10.15
CA ASP A 139 -21.37 9.67 11.55
C ASP A 139 -22.02 11.03 11.84
N THR A 140 -22.21 11.86 10.82
CA THR A 140 -22.86 13.15 11.01
C THR A 140 -24.33 12.90 10.83
N LYS A 141 -25.12 13.39 11.77
CA LYS A 141 -26.56 13.13 11.75
C LYS A 141 -27.22 13.59 10.46
N GLY A 142 -28.06 12.74 9.89
CA GLY A 142 -28.75 12.99 8.65
C GLY A 142 -28.15 12.10 7.58
N ILE A 143 -28.97 11.19 7.06
CA ILE A 143 -28.52 10.26 6.01
C ILE A 143 -27.98 10.94 4.75
N GLU A 144 -28.35 12.19 4.53
CA GLU A 144 -27.77 13.00 3.45
C GLU A 144 -26.25 13.17 3.56
N ASN A 145 -25.68 12.91 4.74
CA ASN A 145 -24.23 13.00 4.94
C ASN A 145 -23.49 11.74 4.59
N PHE A 146 -24.17 10.73 4.03
CA PHE A 146 -23.53 9.46 3.71
C PHE A 146 -22.28 9.65 2.83
N ALA A 147 -21.15 9.07 3.24
CA ALA A 147 -20.00 8.92 2.34
C ALA A 147 -19.10 7.77 2.80
N LEU A 148 -18.42 7.15 1.84
CA LEU A 148 -17.31 6.23 2.18
C LEU A 148 -16.22 7.04 2.85
N GLN A 149 -15.62 6.47 3.89
CA GLN A 149 -14.62 7.15 4.71
C GLN A 149 -13.19 6.73 4.32
N SER A 150 -12.19 7.32 4.96
CA SER A 150 -10.77 7.00 4.73
C SER A 150 -10.50 5.48 4.80
N GLU A 151 -11.09 4.77 5.73
CA GLU A 151 -10.78 3.34 5.79
C GLU A 151 -11.17 2.61 4.47
N GLU A 152 -12.32 2.94 3.90
CA GLU A 152 -12.70 2.36 2.61
C GLU A 152 -11.80 2.85 1.49
N LYS A 153 -11.53 4.15 1.45
CA LYS A 153 -10.80 4.73 0.31
C LYS A 153 -9.37 4.27 0.32
N ASP A 154 -8.80 4.14 1.52
CA ASP A 154 -7.38 3.92 1.69
C ASP A 154 -6.95 2.47 1.90
N TYR A 155 -7.86 1.64 2.40
CA TYR A 155 -7.54 0.27 2.79
C TYR A 155 -8.40 -0.73 2.06
N ILE A 156 -9.71 -0.63 2.25
CA ILE A 156 -10.60 -1.69 1.82
C ILE A 156 -10.67 -1.68 0.29
N LEU A 157 -10.87 -0.51 -0.29
CA LEU A 157 -11.06 -0.51 -1.76
C LEU A 157 -9.82 -0.89 -2.56
N PRO A 158 -8.64 -0.34 -2.19
CA PRO A 158 -7.43 -0.74 -2.93
C PRO A 158 -7.13 -2.24 -2.87
N ILE A 159 -7.35 -2.87 -1.72
CA ILE A 159 -7.14 -4.30 -1.57
C ILE A 159 -8.14 -5.10 -2.36
N LEU A 160 -9.43 -4.78 -2.25
CA LEU A 160 -10.46 -5.53 -2.98
C LEU A 160 -10.29 -5.39 -4.46
N LYS A 161 -9.87 -4.22 -4.94
CA LYS A 161 -9.54 -4.05 -6.37
C LYS A 161 -8.37 -4.92 -6.82
N GLU A 162 -7.40 -5.13 -5.97
CA GLU A 162 -6.29 -6.06 -6.28
C GLU A 162 -6.78 -7.52 -6.31
N ILE A 163 -7.62 -7.85 -5.35
CA ILE A 163 -8.20 -9.21 -5.31
C ILE A 163 -9.09 -9.47 -6.55
N LEU A 164 -9.96 -8.53 -6.89
CA LEU A 164 -10.77 -8.61 -8.12
C LEU A 164 -9.96 -8.67 -9.42
N ALA A 165 -8.78 -8.01 -9.48
CA ALA A 165 -7.88 -8.18 -10.61
C ALA A 165 -7.41 -9.64 -10.76
N ILE A 166 -7.15 -10.28 -9.64
CA ILE A 166 -6.79 -11.69 -9.60
C ILE A 166 -8.02 -12.64 -9.81
N ASN A 167 -9.14 -12.30 -9.22
CA ASN A 167 -10.31 -13.18 -9.20
C ASN A 167 -11.53 -12.28 -9.40
N PRO A 168 -11.92 -12.06 -10.67
CA PRO A 168 -12.97 -11.06 -10.88
C PRO A 168 -14.39 -11.52 -10.46
N SER A 169 -14.61 -12.82 -10.31
CA SER A 169 -15.93 -13.33 -9.93
C SER A 169 -16.09 -13.61 -8.43
N ILE A 170 -15.15 -13.14 -7.62
CA ILE A 170 -15.24 -13.36 -6.17
C ILE A 170 -16.51 -12.71 -5.58
N LYS A 171 -17.20 -13.49 -4.73
CA LYS A 171 -18.37 -13.04 -4.00
C LYS A 171 -18.00 -12.28 -2.75
N VAL A 172 -18.70 -11.18 -2.53
CA VAL A 172 -18.53 -10.37 -1.29
C VAL A 172 -19.82 -10.35 -0.50
N ILE A 173 -19.71 -10.67 0.79
CA ILE A 173 -20.81 -10.55 1.73
C ILE A 173 -20.37 -9.53 2.77
N ALA A 174 -21.32 -8.69 3.20
CA ALA A 174 -21.05 -7.60 4.12
C ALA A 174 -22.06 -7.55 5.26
N ALA A 175 -21.63 -6.95 6.37
CA ALA A 175 -22.51 -6.67 7.51
C ALA A 175 -22.02 -5.44 8.25
N PRO A 176 -22.93 -4.63 8.79
CA PRO A 176 -22.44 -3.60 9.72
C PRO A 176 -22.20 -4.22 11.10
N TRP A 177 -21.28 -3.68 11.83
CA TRP A 177 -21.10 -4.03 13.25
C TRP A 177 -21.93 -3.07 14.13
N THR A 178 -22.10 -1.84 13.67
CA THR A 178 -23.02 -0.88 14.29
C THR A 178 -23.66 0.00 13.24
N CYS A 179 -24.86 0.49 13.54
CA CYS A 179 -25.44 1.60 12.79
C CYS A 179 -24.80 2.87 13.29
N PRO A 180 -24.94 3.98 12.53
CA PRO A 180 -24.54 5.29 13.02
C PRO A 180 -25.10 5.61 14.41
N LYS A 181 -24.29 6.18 15.30
CA LYS A 181 -24.71 6.18 16.73
C LYS A 181 -26.08 6.86 16.95
N TRP A 182 -26.35 7.86 16.12
CA TRP A 182 -27.55 8.68 16.19
C TRP A 182 -28.85 7.96 15.76
N MET A 183 -28.75 6.77 15.14
CA MET A 183 -29.90 5.93 14.88
C MET A 183 -30.23 5.01 16.04
N LYS A 184 -29.43 5.04 17.10
CA LYS A 184 -29.64 4.16 18.23
C LYS A 184 -30.59 4.75 19.26
N VAL A 185 -31.25 3.85 19.97
CA VAL A 185 -31.85 4.16 21.28
C VAL A 185 -31.28 3.20 22.31
N LYS A 186 -31.32 3.61 23.58
CA LYS A 186 -30.83 2.73 24.64
C LYS A 186 -31.55 1.36 24.59
N SER A 187 -32.86 1.38 24.40
CA SER A 187 -33.65 0.15 24.20
C SER A 187 -35.01 0.49 23.59
N LEU A 188 -35.82 -0.52 23.30
CA LEU A 188 -37.14 -0.29 22.72
C LEU A 188 -38.19 0.13 23.73
N THR A 189 -37.88 0.01 25.00
CA THR A 189 -38.74 0.49 26.08
C THR A 189 -38.21 1.76 26.73
N ASP A 190 -36.97 2.13 26.42
CA ASP A 190 -36.41 3.42 26.78
C ASP A 190 -35.82 4.05 25.54
N ARG A 191 -36.63 4.82 24.82
CA ARG A 191 -36.29 5.31 23.49
C ARG A 191 -35.54 6.64 23.47
N THR A 192 -34.58 6.79 24.36
CA THR A 192 -33.74 7.96 24.43
C THR A 192 -32.47 7.66 23.62
N PRO A 193 -31.81 8.70 23.09
CA PRO A 193 -30.54 8.52 22.38
C PRO A 193 -29.43 7.79 23.14
N LEU A 194 -28.59 7.06 22.39
CA LEU A 194 -27.43 6.40 22.99
C LEU A 194 -26.16 6.65 22.16
N ASP A 195 -25.29 7.50 22.68
CA ASP A 195 -24.09 7.90 21.96
C ASP A 195 -23.00 6.86 22.20
N SER A 196 -23.18 5.67 21.61
CA SER A 196 -22.31 4.53 21.85
C SER A 196 -22.05 3.76 20.56
N TRP A 197 -20.79 3.46 20.32
CA TRP A 197 -20.39 2.52 19.26
C TRP A 197 -20.87 1.10 19.52
N THR A 198 -21.12 0.76 20.80
CA THR A 198 -21.65 -0.56 21.19
C THR A 198 -23.04 -0.48 21.82
N ASN A 199 -23.70 -1.63 21.84
CA ASN A 199 -24.97 -1.78 22.54
C ASN A 199 -26.08 -0.92 21.89
N GLY A 200 -27.20 -0.74 22.57
CA GLY A 200 -28.35 -0.05 22.00
C GLY A 200 -29.18 -0.95 21.10
N GLN A 201 -30.30 -0.42 20.63
CA GLN A 201 -31.13 -1.01 19.59
C GLN A 201 -31.40 0.03 18.52
N LEU A 202 -31.82 -0.41 17.34
CA LEU A 202 -32.10 0.49 16.23
C LEU A 202 -33.41 1.22 16.52
N ASN A 203 -33.38 2.55 16.45
CA ASN A 203 -34.60 3.37 16.64
C ASN A 203 -35.55 3.04 15.51
N PRO A 204 -36.78 2.54 15.80
CA PRO A 204 -37.76 2.28 14.73
C PRO A 204 -38.09 3.48 13.84
N ASP A 205 -37.90 4.69 14.33
CA ASP A 205 -38.06 5.86 13.47
C ASP A 205 -36.99 5.99 12.37
N TYR A 206 -35.91 5.20 12.47
CA TYR A 206 -34.81 5.26 11.51
C TYR A 206 -34.66 4.01 10.64
N TYR A 207 -35.65 3.13 10.69
CA TYR A 207 -35.65 1.96 9.84
C TYR A 207 -35.53 2.36 8.38
N GLN A 208 -36.30 3.36 7.94
CA GLN A 208 -36.28 3.74 6.54
C GLN A 208 -34.93 4.37 6.18
N ASP A 209 -34.38 5.22 7.03
CA ASP A 209 -33.10 5.90 6.71
C ASP A 209 -31.90 4.90 6.77
N TYR A 210 -31.92 3.96 7.72
CA TYR A 210 -30.91 2.90 7.76
C TYR A 210 -30.98 1.95 6.56
N ALA A 211 -32.17 1.60 6.08
CA ALA A 211 -32.29 0.91 4.79
C ALA A 211 -31.61 1.69 3.67
N THR A 212 -31.83 2.99 3.64
CA THR A 212 -31.17 3.89 2.68
C THR A 212 -29.64 3.86 2.83
N TYR A 213 -29.16 3.84 4.09
CA TYR A 213 -27.75 3.63 4.40
C TYR A 213 -27.16 2.38 3.68
N PHE A 214 -27.83 1.21 3.79
CA PHE A 214 -27.42 -0.03 3.12
C PHE A 214 -27.38 0.17 1.59
N VAL A 215 -28.42 0.80 1.06
CA VAL A 215 -28.52 1.03 -0.38
C VAL A 215 -27.39 1.94 -0.88
N LYS A 216 -27.15 3.08 -0.22
CA LYS A 216 -26.06 4.00 -0.63
C LYS A 216 -24.64 3.34 -0.59
N TRP A 217 -24.42 2.55 0.46
CA TRP A 217 -23.19 1.78 0.61
C TRP A 217 -23.02 0.78 -0.51
N ILE A 218 -24.05 0.01 -0.81
CA ILE A 218 -23.94 -0.97 -1.90
C ILE A 218 -23.65 -0.27 -3.23
N GLN A 219 -24.36 0.84 -3.47
CA GLN A 219 -24.22 1.63 -4.68
C GLN A 219 -22.83 2.29 -4.80
N ALA A 220 -22.27 2.79 -3.70
CA ALA A 220 -20.95 3.38 -3.70
C ALA A 220 -19.90 2.31 -4.04
N PHE A 221 -20.06 1.10 -3.50
CA PHE A 221 -19.15 0.01 -3.86
C PHE A 221 -19.29 -0.33 -5.35
N LYS A 222 -20.52 -0.41 -5.83
CA LYS A 222 -20.78 -0.67 -7.25
C LYS A 222 -20.10 0.37 -8.13
N ALA A 223 -20.16 1.65 -7.75
CA ALA A 223 -19.49 2.72 -8.51
C ALA A 223 -17.97 2.59 -8.53
N GLU A 224 -17.43 1.91 -7.52
CA GLU A 224 -16.02 1.53 -7.43
C GLU A 224 -15.64 0.22 -8.10
N GLY A 225 -16.59 -0.49 -8.69
CA GLY A 225 -16.32 -1.72 -9.44
C GLY A 225 -16.57 -3.01 -8.68
N ILE A 226 -17.23 -2.92 -7.54
CA ILE A 226 -17.38 -4.06 -6.66
C ILE A 226 -18.86 -4.32 -6.48
N ASP A 227 -19.29 -5.50 -6.89
CA ASP A 227 -20.66 -5.97 -6.71
C ASP A 227 -20.74 -6.64 -5.40
N ILE A 228 -21.63 -6.16 -4.54
CA ILE A 228 -21.88 -6.82 -3.26
C ILE A 228 -22.88 -7.97 -3.49
N TYR A 229 -22.44 -9.20 -3.25
CA TYR A 229 -23.27 -10.37 -3.52
C TYR A 229 -24.33 -10.51 -2.45
N ALA A 230 -24.00 -10.21 -1.19
CA ALA A 230 -24.94 -10.45 -0.08
C ALA A 230 -24.63 -9.52 1.09
N VAL A 231 -25.67 -9.28 1.88
CA VAL A 231 -25.55 -8.62 3.20
C VAL A 231 -26.27 -9.39 4.28
N THR A 232 -25.90 -9.16 5.54
CA THR A 232 -26.81 -9.42 6.65
C THR A 232 -27.15 -8.07 7.25
N PRO A 233 -28.23 -8.00 8.06
CA PRO A 233 -28.64 -6.68 8.59
C PRO A 233 -27.78 -6.16 9.74
N GLN A 234 -27.03 -7.07 10.37
CA GLN A 234 -26.20 -6.76 11.52
C GLN A 234 -25.30 -7.95 11.83
N ASN A 235 -24.02 -7.69 12.11
CA ASN A 235 -23.16 -8.72 12.66
C ASN A 235 -23.55 -9.12 14.09
N GLU A 236 -23.78 -10.42 14.32
CA GLU A 236 -23.95 -10.94 15.69
C GLU A 236 -24.95 -10.10 16.48
N PRO A 237 -26.18 -10.00 15.96
CA PRO A 237 -27.21 -9.14 16.57
C PRO A 237 -27.63 -9.44 18.03
N LEU A 238 -27.23 -10.61 18.57
CA LEU A 238 -27.40 -10.85 20.00
C LEU A 238 -26.23 -10.45 20.86
N ASN A 239 -25.14 -9.91 20.29
CA ASN A 239 -24.02 -9.45 21.09
C ASN A 239 -24.14 -7.93 21.37
N ARG A 240 -24.04 -7.56 22.66
CA ARG A 240 -23.98 -6.14 23.10
C ARG A 240 -22.57 -5.63 23.35
N GLY A 241 -21.60 -6.56 23.28
CA GLY A 241 -20.23 -6.29 23.62
C GLY A 241 -19.45 -5.86 22.40
N ASN A 242 -18.18 -6.26 22.35
CA ASN A 242 -17.29 -5.96 21.24
C ASN A 242 -16.91 -4.49 21.34
N SER A 243 -16.17 -4.00 20.35
CA SER A 243 -15.83 -2.60 20.22
C SER A 243 -16.83 -1.86 19.31
N ALA A 244 -17.66 -2.62 18.63
CA ALA A 244 -18.71 -2.10 17.79
C ALA A 244 -19.82 -3.11 17.72
N SER A 245 -21.02 -2.68 18.08
CA SER A 245 -22.16 -3.60 18.15
C SER A 245 -23.50 -2.90 18.15
N LEU A 246 -24.55 -3.67 17.88
CA LEU A 246 -25.93 -3.23 17.95
C LEU A 246 -26.81 -4.43 18.26
N TYR A 247 -27.63 -4.35 19.31
CA TYR A 247 -28.56 -5.45 19.65
C TYR A 247 -29.78 -5.37 18.74
N MET A 248 -30.19 -6.51 18.20
CA MET A 248 -31.33 -6.57 17.29
C MET A 248 -31.98 -7.95 17.38
N GLU A 249 -33.17 -8.01 17.97
CA GLU A 249 -33.86 -9.30 18.07
C GLU A 249 -34.53 -9.63 16.76
N TRP A 250 -34.97 -10.87 16.66
CA TRP A 250 -35.58 -11.38 15.46
C TRP A 250 -36.81 -10.60 15.03
N GLU A 251 -37.52 -10.04 16.01
CA GLU A 251 -38.74 -9.24 15.76
C GLU A 251 -38.34 -7.90 15.11
N GLU A 252 -37.29 -7.28 15.64
CA GLU A 252 -36.72 -6.06 15.03
C GLU A 252 -36.20 -6.35 13.63
N GLN A 253 -35.43 -7.43 13.48
CA GLN A 253 -34.88 -7.77 12.16
C GLN A 253 -35.93 -8.07 11.10
N ARG A 254 -36.94 -8.87 11.47
CA ARG A 254 -38.14 -9.09 10.66
C ARG A 254 -38.78 -7.76 10.18
N ASP A 255 -39.05 -6.86 11.12
CA ASP A 255 -39.70 -5.59 10.78
C ASP A 255 -38.78 -4.71 9.89
N PHE A 256 -37.51 -4.62 10.27
CA PHE A 256 -36.49 -3.91 9.48
C PHE A 256 -36.42 -4.44 8.05
N VAL A 257 -36.34 -5.75 7.88
CA VAL A 257 -36.29 -6.34 6.54
C VAL A 257 -37.56 -6.15 5.72
N LYS A 258 -38.71 -6.46 6.29
CA LYS A 258 -39.94 -6.44 5.50
C LYS A 258 -40.44 -5.04 5.19
N THR A 259 -40.24 -4.10 6.10
CA THR A 259 -40.80 -2.72 5.92
C THR A 259 -39.83 -1.74 5.29
N ALA A 260 -38.53 -2.03 5.31
CA ALA A 260 -37.53 -1.03 4.87
C ALA A 260 -36.42 -1.61 4.04
N LEU A 261 -35.63 -2.55 4.60
CA LEU A 261 -34.42 -2.97 3.90
C LEU A 261 -34.74 -3.75 2.60
N GLY A 262 -35.67 -4.71 2.67
CA GLY A 262 -36.04 -5.50 1.51
C GLY A 262 -36.70 -4.70 0.41
N PRO A 263 -37.74 -3.89 0.77
CA PRO A 263 -38.35 -2.98 -0.24
C PRO A 263 -37.36 -2.03 -0.88
N GLN A 264 -36.52 -1.40 -0.07
CA GLN A 264 -35.60 -0.37 -0.62
C GLN A 264 -34.51 -0.94 -1.54
N MET A 265 -33.90 -2.06 -1.14
CA MET A 265 -32.93 -2.75 -2.01
C MET A 265 -33.58 -3.21 -3.33
N LYS A 266 -34.81 -3.76 -3.28
CA LYS A 266 -35.53 -4.20 -4.51
C LYS A 266 -35.86 -2.99 -5.40
N ALA A 267 -36.40 -1.94 -4.81
CA ALA A 267 -36.68 -0.69 -5.56
C ALA A 267 -35.42 -0.09 -6.23
N ALA A 268 -34.25 -0.29 -5.62
CA ALA A 268 -32.97 0.17 -6.20
C ALA A 268 -32.45 -0.74 -7.29
N GLY A 269 -33.17 -1.84 -7.56
CA GLY A 269 -32.78 -2.78 -8.59
C GLY A 269 -31.59 -3.67 -8.24
N LEU A 270 -31.26 -3.76 -6.95
CA LEU A 270 -30.11 -4.54 -6.48
C LEU A 270 -30.50 -6.01 -6.38
N SER A 271 -29.62 -6.90 -6.85
CA SER A 271 -29.85 -8.33 -6.72
C SER A 271 -29.13 -8.89 -5.49
N THR A 272 -28.55 -8.02 -4.68
CA THR A 272 -27.85 -8.42 -3.48
C THR A 272 -28.78 -9.33 -2.66
N LYS A 273 -28.30 -10.46 -2.16
CA LYS A 273 -29.10 -11.30 -1.27
C LYS A 273 -29.02 -10.76 0.15
N ILE A 274 -30.03 -11.13 0.95
CA ILE A 274 -30.08 -10.78 2.37
C ILE A 274 -30.19 -12.11 3.09
N TYR A 275 -29.27 -12.34 4.02
CA TYR A 275 -29.28 -13.50 4.91
C TYR A 275 -29.56 -12.98 6.30
N ALA A 276 -30.46 -13.67 7.00
CA ALA A 276 -30.79 -13.35 8.39
C ALA A 276 -29.73 -13.83 9.39
N PHE A 277 -29.72 -13.17 10.55
CA PHE A 277 -29.16 -13.68 11.81
C PHE A 277 -27.70 -13.37 11.96
N ASP A 278 -26.83 -14.17 11.35
CA ASP A 278 -25.39 -13.87 11.37
C ASP A 278 -24.83 -13.95 12.81
N HIS A 279 -25.26 -14.97 13.57
CA HIS A 279 -24.72 -15.20 14.91
C HIS A 279 -24.69 -16.73 15.23
N ASN A 280 -24.60 -17.09 16.50
CA ASN A 280 -24.21 -18.44 16.90
C ASN A 280 -25.35 -19.46 16.97
N TYR A 281 -24.97 -20.72 16.81
CA TYR A 281 -25.92 -21.84 16.81
C TYR A 281 -26.81 -21.95 18.06
N ASN A 282 -26.29 -21.59 19.23
CA ASN A 282 -27.05 -21.57 20.49
C ASN A 282 -28.04 -20.38 20.67
N TYR A 283 -28.09 -19.42 19.72
CA TYR A 283 -28.87 -18.18 19.89
C TYR A 283 -28.52 -17.45 21.17
N ASP A 284 -27.23 -17.49 21.53
CA ASP A 284 -26.67 -17.08 22.85
C ASP A 284 -27.52 -17.44 24.11
N ASN A 285 -28.22 -18.59 24.07
CA ASN A 285 -29.03 -19.08 25.20
C ASN A 285 -30.06 -18.05 25.73
N ILE A 286 -30.80 -17.48 24.78
CA ILE A 286 -31.83 -16.47 25.05
C ILE A 286 -33.06 -17.13 24.50
N GLU A 287 -33.97 -17.57 25.40
CA GLU A 287 -35.19 -18.32 25.02
C GLU A 287 -35.98 -17.67 23.88
N SER A 288 -36.25 -16.36 24.01
CA SER A 288 -37.01 -15.60 23.01
C SER A 288 -36.42 -15.69 21.59
N GLN A 289 -35.09 -15.75 21.55
CA GLN A 289 -34.30 -15.67 20.32
C GLN A 289 -33.98 -17.01 19.67
N LYS A 290 -34.40 -18.13 20.28
CA LYS A 290 -34.19 -19.46 19.68
C LYS A 290 -34.93 -19.58 18.36
N ASN A 291 -34.34 -20.30 17.40
CA ASN A 291 -34.89 -20.38 16.03
C ASN A 291 -35.09 -18.98 15.40
N TYR A 292 -34.19 -18.04 15.75
CA TYR A 292 -34.15 -16.64 15.25
C TYR A 292 -34.57 -16.50 13.78
N PRO A 293 -33.81 -17.11 12.83
CA PRO A 293 -34.29 -16.96 11.44
C PRO A 293 -35.65 -17.64 11.15
N GLY A 294 -35.92 -18.76 11.82
CA GLY A 294 -37.16 -19.49 11.58
C GLY A 294 -38.37 -18.64 11.89
N LYS A 295 -38.30 -17.95 13.03
CA LYS A 295 -39.34 -17.02 13.46
C LYS A 295 -39.59 -15.98 12.37
N ILE A 296 -38.50 -15.45 11.79
CA ILE A 296 -38.60 -14.42 10.76
C ILE A 296 -39.18 -15.01 9.49
N TYR A 297 -38.79 -16.25 9.17
CA TYR A 297 -39.32 -16.94 7.98
C TYR A 297 -40.82 -17.12 8.04
N GLU A 298 -41.36 -17.29 9.25
CA GLU A 298 -42.81 -17.47 9.45
C GLU A 298 -43.66 -16.25 9.08
N ASP A 299 -43.04 -15.07 9.04
CA ASP A 299 -43.70 -13.87 8.51
C ASP A 299 -43.42 -13.73 7.04
N ALA A 300 -44.41 -14.06 6.22
CA ALA A 300 -44.24 -14.13 4.77
C ALA A 300 -43.74 -12.81 4.11
N ALA A 301 -44.13 -11.68 4.68
CA ALA A 301 -43.69 -10.36 4.20
C ALA A 301 -42.16 -10.16 4.31
N ALA A 302 -41.57 -10.62 5.41
CA ALA A 302 -40.12 -10.63 5.62
C ALA A 302 -39.40 -11.69 4.78
N SER A 303 -39.95 -12.90 4.80
CA SER A 303 -39.30 -14.08 4.22
C SER A 303 -39.06 -13.97 2.74
N GLN A 304 -39.99 -13.33 2.03
CA GLN A 304 -39.83 -13.10 0.59
C GLN A 304 -38.55 -12.30 0.17
N TYR A 305 -37.92 -11.62 1.11
CA TYR A 305 -36.69 -10.93 0.86
C TYR A 305 -35.46 -11.72 1.32
N LEU A 306 -35.67 -12.83 2.03
CA LEU A 306 -34.55 -13.56 2.64
C LEU A 306 -34.13 -14.81 1.85
N ALA A 307 -32.87 -14.83 1.40
CA ALA A 307 -32.28 -16.02 0.79
C ALA A 307 -32.15 -17.14 1.80
N GLY A 308 -31.92 -16.81 3.04
CA GLY A 308 -31.59 -17.81 4.05
C GLY A 308 -31.10 -17.20 5.34
N ALA A 309 -30.23 -17.93 6.02
CA ALA A 309 -29.64 -17.50 7.28
C ALA A 309 -28.14 -17.75 7.31
N ALA A 310 -27.42 -16.92 8.08
CA ALA A 310 -25.98 -17.02 8.22
C ALA A 310 -25.68 -17.40 9.65
N TYR A 311 -24.65 -18.21 9.86
CA TYR A 311 -24.23 -18.61 11.19
C TYR A 311 -22.75 -18.48 11.44
N HIS A 312 -22.41 -18.28 12.72
CA HIS A 312 -21.10 -18.41 13.30
C HIS A 312 -21.11 -19.60 14.29
N ASN A 313 -19.93 -20.01 14.76
CA ASN A 313 -19.79 -21.19 15.61
C ASN A 313 -19.23 -20.87 16.96
N TYR A 314 -19.39 -19.64 17.44
CA TYR A 314 -18.76 -19.25 18.69
C TYR A 314 -19.50 -19.76 19.90
N GLY A 315 -20.70 -20.27 19.70
CA GLY A 315 -21.44 -21.00 20.74
C GLY A 315 -22.39 -21.95 20.09
N GLY A 316 -22.76 -22.99 20.83
CA GLY A 316 -23.70 -24.02 20.34
C GLY A 316 -23.04 -25.07 19.48
N ASN A 317 -23.87 -25.91 18.87
CA ASN A 317 -23.43 -27.08 18.11
C ASN A 317 -23.95 -27.00 16.67
N ARG A 318 -23.09 -27.27 15.69
CA ARG A 318 -23.46 -27.24 14.26
C ARG A 318 -24.63 -28.14 13.84
N GLU A 319 -25.02 -29.10 14.69
CA GLU A 319 -26.31 -29.82 14.58
C GLU A 319 -27.51 -28.86 14.28
N GLU A 320 -27.49 -27.66 14.87
CA GLU A 320 -28.54 -26.65 14.63
C GLU A 320 -28.83 -26.42 13.15
N LEU A 321 -27.77 -26.39 12.33
CA LEU A 321 -27.91 -26.22 10.89
C LEU A 321 -28.84 -27.23 10.28
N LEU A 322 -28.72 -28.49 10.71
CA LEU A 322 -29.65 -29.56 10.23
C LEU A 322 -31.11 -29.31 10.65
N ASN A 323 -31.31 -28.86 11.88
CA ASN A 323 -32.69 -28.53 12.36
C ASN A 323 -33.31 -27.49 11.41
N ILE A 324 -32.61 -26.37 11.20
CA ILE A 324 -33.08 -25.26 10.35
C ILE A 324 -33.30 -25.69 8.89
N HIS A 325 -32.40 -26.48 8.34
CA HIS A 325 -32.59 -26.94 6.96
C HIS A 325 -33.87 -27.79 6.81
N GLN A 326 -34.04 -28.71 7.75
CA GLN A 326 -35.18 -29.63 7.74
C GLN A 326 -36.50 -28.84 7.82
N ALA A 327 -36.58 -27.94 8.80
CA ALA A 327 -37.74 -27.09 9.01
C ALA A 327 -38.01 -26.12 7.86
N TYR A 328 -36.98 -25.67 7.14
CA TYR A 328 -37.16 -24.73 6.03
C TYR A 328 -36.20 -25.04 4.86
N PRO A 329 -36.45 -26.17 4.16
CA PRO A 329 -35.56 -26.65 3.09
C PRO A 329 -35.44 -25.68 1.91
N GLU A 330 -36.38 -24.75 1.84
CA GLU A 330 -36.41 -23.77 0.75
CA GLU A 330 -36.46 -23.73 0.80
C GLU A 330 -35.37 -22.67 0.98
N LYS A 331 -34.93 -22.51 2.23
CA LYS A 331 -34.04 -21.45 2.63
C LYS A 331 -32.59 -21.90 2.68
N GLU A 332 -31.71 -20.96 2.33
CA GLU A 332 -30.30 -21.19 2.25
C GLU A 332 -29.65 -21.11 3.61
N LEU A 333 -28.46 -21.71 3.70
CA LEU A 333 -27.61 -21.60 4.86
C LEU A 333 -26.18 -21.28 4.38
N LEU A 334 -25.53 -20.38 5.10
CA LEU A 334 -24.17 -19.95 4.83
C LEU A 334 -23.42 -19.85 6.15
N PHE A 335 -22.20 -20.35 6.18
CA PHE A 335 -21.35 -20.19 7.37
C PHE A 335 -20.41 -18.96 7.19
N THR A 336 -20.62 -17.89 7.95
CA THR A 336 -19.96 -16.62 7.68
C THR A 336 -18.85 -16.13 8.61
N GLU A 337 -18.67 -16.74 9.79
CA GLU A 337 -17.56 -16.36 10.67
C GLU A 337 -17.17 -17.39 11.73
N THR A 338 -15.88 -17.64 11.83
CA THR A 338 -15.25 -18.33 12.97
C THR A 338 -13.85 -17.77 13.14
N SER A 339 -13.28 -17.90 14.34
CA SER A 339 -11.95 -17.37 14.66
C SER A 339 -11.06 -18.41 15.35
N ILE A 340 -9.77 -18.19 15.24
CA ILE A 340 -8.76 -18.90 16.03
C ILE A 340 -8.04 -17.84 16.86
N GLY A 341 -7.58 -18.25 18.05
CA GLY A 341 -6.92 -17.29 18.93
C GLY A 341 -6.32 -17.97 20.16
N THR A 342 -5.97 -17.17 21.14
CA THR A 342 -5.32 -17.71 22.36
C THR A 342 -6.21 -18.69 23.13
N TRP A 343 -7.52 -18.49 23.05
CA TRP A 343 -8.48 -19.38 23.72
C TRP A 343 -8.56 -20.82 23.17
N ASN A 344 -8.07 -21.10 21.95
CA ASN A 344 -8.11 -22.46 21.39
C ASN A 344 -6.80 -22.95 20.73
N SER A 345 -5.66 -22.48 21.23
CA SER A 345 -4.33 -22.77 20.66
C SER A 345 -4.28 -22.59 19.15
N GLY A 346 -4.75 -21.44 18.67
CA GLY A 346 -4.91 -21.23 17.22
C GLY A 346 -3.73 -21.41 16.30
N ARG A 347 -2.53 -21.14 16.81
CA ARG A 347 -1.31 -21.30 16.05
C ARG A 347 -0.73 -22.71 16.05
N ASP A 348 -1.28 -23.60 16.87
CA ASP A 348 -0.77 -24.98 16.94
C ASP A 348 -1.61 -25.84 16.04
N LEU A 349 -1.05 -26.16 14.90
CA LEU A 349 -1.76 -26.90 13.88
C LEU A 349 -2.07 -28.35 14.33
N SER A 350 -1.17 -28.94 15.12
CA SER A 350 -1.42 -30.25 15.70
C SER A 350 -2.67 -30.31 16.60
N LYS A 351 -3.06 -29.17 17.19
CA LYS A 351 -4.30 -29.07 17.95
C LYS A 351 -5.54 -28.69 17.09
N ARG A 352 -5.35 -28.04 15.94
CA ARG A 352 -6.45 -27.33 15.26
C ARG A 352 -6.85 -27.92 13.93
N LEU A 353 -5.91 -28.41 13.14
CA LEU A 353 -6.26 -28.78 11.76
C LEU A 353 -7.47 -29.74 11.68
N MET A 354 -7.39 -30.86 12.42
CA MET A 354 -8.41 -31.91 12.35
C MET A 354 -9.77 -31.41 12.80
N GLU A 355 -9.78 -30.85 13.99
CA GLU A 355 -10.97 -30.32 14.59
C GLU A 355 -11.61 -29.23 13.73
N ASP A 356 -10.80 -28.33 13.17
CA ASP A 356 -11.33 -27.23 12.34
C ASP A 356 -11.84 -27.74 11.00
N MET A 357 -11.16 -28.69 10.37
CA MET A 357 -11.69 -29.27 9.15
C MET A 357 -12.98 -30.02 9.37
N GLU A 358 -13.11 -30.64 10.55
CA GLU A 358 -14.30 -31.42 10.86
C GLU A 358 -15.47 -30.53 11.15
N GLU A 359 -15.26 -29.50 11.97
CA GLU A 359 -16.36 -28.67 12.52
C GLU A 359 -16.69 -27.46 11.68
N VAL A 360 -15.67 -26.75 11.20
CA VAL A 360 -15.88 -25.51 10.46
C VAL A 360 -16.11 -25.78 8.97
N ALA A 361 -15.32 -26.67 8.38
CA ALA A 361 -15.38 -26.92 6.95
C ALA A 361 -16.40 -28.01 6.58
N LEU A 362 -16.02 -29.27 6.72
CA LEU A 362 -16.84 -30.38 6.26
C LEU A 362 -18.13 -30.49 7.07
N GLY A 363 -18.04 -30.19 8.36
CA GLY A 363 -19.19 -30.20 9.24
C GLY A 363 -20.35 -29.28 8.89
N THR A 364 -20.02 -28.07 8.39
CA THR A 364 -21.03 -27.10 7.96
C THR A 364 -21.57 -27.47 6.58
N ILE A 365 -20.69 -27.84 5.67
CA ILE A 365 -21.07 -28.21 4.28
C ILE A 365 -21.95 -29.48 4.23
N ASN A 366 -21.59 -30.45 5.05
CA ASN A 366 -22.42 -31.66 5.23
C ASN A 366 -23.74 -31.38 6.01
N ASN A 367 -23.86 -30.19 6.63
CA ASN A 367 -25.14 -29.72 7.23
C ASN A 367 -25.80 -28.58 6.39
N TRP A 368 -25.61 -28.66 5.06
CA TRP A 368 -26.32 -27.89 4.03
C TRP A 368 -25.74 -26.50 3.70
N CYS A 369 -24.75 -26.02 4.46
CA CYS A 369 -24.14 -24.69 4.16
C CYS A 369 -23.51 -24.57 2.76
N LYS A 370 -23.83 -23.47 2.08
CA LYS A 370 -23.39 -23.24 0.73
C LYS A 370 -21.99 -22.60 0.68
N GLY A 371 -21.41 -22.26 1.81
CA GLY A 371 -20.17 -21.53 1.80
C GLY A 371 -19.63 -21.49 3.20
N VAL A 372 -18.33 -21.25 3.29
CA VAL A 372 -17.62 -21.19 4.57
C VAL A 372 -16.63 -20.02 4.51
N ILE A 373 -16.75 -19.12 5.46
CA ILE A 373 -15.97 -17.92 5.53
C ILE A 373 -15.44 -17.78 6.96
N VAL A 374 -14.13 -17.69 7.08
CA VAL A 374 -13.44 -17.45 8.35
C VAL A 374 -13.28 -15.94 8.52
N TRP A 375 -12.73 -15.55 9.65
CA TRP A 375 -12.55 -14.22 10.01
C TRP A 375 -11.24 -13.62 9.39
N ASN A 376 -10.51 -12.78 10.08
CA ASN A 376 -9.39 -12.03 9.46
C ASN A 376 -8.48 -12.95 8.64
N LEU A 377 -8.33 -12.62 7.35
CA LEU A 377 -7.34 -13.31 6.53
C LEU A 377 -5.93 -13.21 7.08
N MET A 378 -5.54 -12.02 7.49
CA MET A 378 -4.15 -11.76 7.94
C MET A 378 -4.05 -10.83 9.16
N LEU A 379 -3.46 -11.32 10.24
CA LEU A 379 -3.11 -10.44 11.35
C LEU A 379 -1.61 -10.54 11.55
N ASP A 380 -1.04 -9.53 12.20
CA ASP A 380 0.35 -9.62 12.57
C ASP A 380 0.57 -10.57 13.76
N ASN A 381 1.82 -10.80 14.09
CA ASN A 381 2.21 -11.73 15.18
C ASN A 381 1.85 -11.18 16.55
N ASP A 382 1.61 -9.88 16.64
CA ASP A 382 0.96 -9.26 17.83
C ASP A 382 -0.57 -9.25 17.80
N ARG A 383 -1.19 -10.07 16.92
CA ARG A 383 -2.65 -10.25 16.91
C ARG A 383 -3.40 -8.99 16.45
N GLY A 384 -2.71 -8.16 15.65
CA GLY A 384 -3.23 -6.83 15.29
C GLY A 384 -3.00 -6.34 13.87
N PRO A 385 -3.25 -5.05 13.62
CA PRO A 385 -3.85 -4.10 14.62
C PRO A 385 -5.22 -4.53 15.14
N ASN A 386 -5.51 -4.17 16.39
CA ASN A 386 -6.77 -4.51 17.02
C ASN A 386 -7.36 -3.27 17.76
N ARG A 387 -8.53 -3.45 18.37
CA ARG A 387 -9.21 -2.36 19.06
C ARG A 387 -9.47 -2.68 20.51
N GLU A 388 -9.37 -1.64 21.34
CA GLU A 388 -9.72 -1.72 22.75
C GLU A 388 -11.18 -2.10 22.85
N GLY A 389 -11.46 -3.20 23.54
CA GLY A 389 -12.79 -3.74 23.68
C GLY A 389 -13.16 -4.76 22.62
N GLY A 390 -12.38 -4.86 21.55
CA GLY A 390 -12.63 -5.85 20.48
C GLY A 390 -11.77 -7.06 20.73
N CYS A 391 -11.71 -7.99 19.78
CA CYS A 391 -10.86 -9.15 20.01
C CYS A 391 -9.39 -8.73 20.01
N GLN A 392 -8.70 -8.93 21.12
CA GLN A 392 -7.26 -8.71 21.20
C GLN A 392 -6.52 -10.03 21.46
N THR A 393 -7.22 -11.14 21.35
CA THR A 393 -6.68 -12.47 21.50
C THR A 393 -6.74 -13.31 20.23
N CYS A 394 -7.09 -12.70 19.08
CA CYS A 394 -7.30 -13.43 17.84
C CYS A 394 -6.00 -13.62 17.02
N TYR A 395 -5.93 -14.71 16.27
CA TYR A 395 -4.88 -14.85 15.21
C TYR A 395 -5.58 -14.74 13.85
N GLY A 396 -4.76 -14.60 12.80
CA GLY A 396 -5.27 -14.52 11.40
C GLY A 396 -5.34 -15.88 10.81
N ALA A 397 -6.07 -16.03 9.69
CA ALA A 397 -5.99 -17.25 8.91
C ALA A 397 -4.50 -17.56 8.56
N VAL A 398 -3.74 -16.50 8.30
CA VAL A 398 -2.28 -16.48 8.32
C VAL A 398 -1.80 -15.36 9.24
N ASP A 399 -0.63 -15.55 9.83
CA ASP A 399 0.03 -14.49 10.59
C ASP A 399 1.22 -13.95 9.85
N ILE A 400 1.37 -12.63 9.82
CA ILE A 400 2.56 -11.98 9.20
C ILE A 400 3.47 -11.37 10.27
N ASN A 401 4.77 -11.44 10.04
CA ASN A 401 5.73 -10.90 10.99
C ASN A 401 5.79 -9.40 10.82
N ASN A 402 5.65 -8.64 11.93
CA ASN A 402 5.60 -7.17 11.83
C ASN A 402 6.98 -6.49 11.90
N SER A 403 8.08 -7.25 11.93
CA SER A 403 9.41 -6.68 11.69
C SER A 403 9.82 -6.66 10.20
N ASP A 404 9.42 -7.67 9.43
CA ASP A 404 9.77 -7.70 7.99
C ASP A 404 8.58 -7.53 7.01
N TYR A 405 7.35 -7.74 7.47
CA TYR A 405 6.16 -7.76 6.63
C TYR A 405 6.33 -8.65 5.40
N LYS A 406 6.92 -9.81 5.64
CA LYS A 406 7.33 -10.74 4.58
C LYS A 406 7.04 -12.16 4.99
N THR A 407 7.50 -12.56 6.19
CA THR A 407 7.39 -13.91 6.68
C THR A 407 5.97 -14.14 7.15
N ILE A 408 5.34 -15.18 6.59
CA ILE A 408 3.94 -15.49 6.82
C ILE A 408 3.85 -16.93 7.25
N ILE A 409 3.04 -17.19 8.28
CA ILE A 409 2.78 -18.52 8.75
C ILE A 409 1.32 -18.79 8.55
N ARG A 410 1.02 -19.86 7.82
CA ARG A 410 -0.35 -20.33 7.62
C ARG A 410 -0.86 -21.00 8.88
N ASN A 411 -2.08 -20.62 9.29
CA ASN A 411 -2.76 -21.22 10.43
C ASN A 411 -3.87 -22.12 9.93
N SER A 412 -4.47 -22.86 10.86
CA SER A 412 -5.49 -23.85 10.47
C SER A 412 -6.55 -23.30 9.51
N HIS A 413 -6.99 -22.06 9.72
CA HIS A 413 -8.02 -21.51 8.85
C HIS A 413 -7.67 -21.41 7.39
N TYR A 414 -6.43 -21.10 7.08
CA TYR A 414 -6.01 -20.99 5.67
C TYR A 414 -6.10 -22.35 5.01
N TYR A 415 -5.58 -23.36 5.68
CA TYR A 415 -5.65 -24.76 5.22
C TYR A 415 -7.08 -25.25 4.96
N ILE A 416 -7.99 -25.05 5.92
CA ILE A 416 -9.35 -25.62 5.78
C ILE A 416 -10.11 -25.03 4.58
N ILE A 417 -9.89 -23.73 4.36
CA ILE A 417 -10.45 -23.07 3.24
C ILE A 417 -9.77 -23.46 1.95
N ALA A 418 -8.43 -23.39 1.90
CA ALA A 418 -7.73 -23.75 0.66
C ALA A 418 -8.07 -25.20 0.24
N HIS A 419 -8.22 -26.07 1.23
CA HIS A 419 -8.63 -27.49 0.91
C HIS A 419 -10.02 -27.58 0.27
N LEU A 420 -10.90 -26.61 0.56
CA LEU A 420 -12.17 -26.51 -0.12
C LEU A 420 -12.08 -25.81 -1.45
N SER A 421 -11.54 -24.57 -1.46
CA SER A 421 -11.58 -23.73 -2.65
C SER A 421 -10.70 -24.23 -3.80
N SER A 422 -9.62 -24.93 -3.48
CA SER A 422 -8.70 -25.47 -4.48
C SER A 422 -9.36 -26.38 -5.49
N VAL A 423 -10.36 -27.16 -5.03
CA VAL A 423 -11.06 -28.18 -5.87
C VAL A 423 -12.59 -28.01 -6.02
N VAL A 424 -13.25 -27.33 -5.09
CA VAL A 424 -14.68 -27.07 -5.17
C VAL A 424 -14.87 -25.61 -5.65
N LYS A 425 -15.27 -25.46 -6.92
CA LYS A 425 -15.46 -24.16 -7.52
C LYS A 425 -16.90 -23.71 -7.37
N PRO A 426 -17.16 -22.39 -7.50
CA PRO A 426 -18.52 -21.85 -7.48
C PRO A 426 -19.44 -22.57 -8.45
N GLY A 427 -20.66 -22.86 -8.01
CA GLY A 427 -21.64 -23.57 -8.83
C GLY A 427 -21.59 -25.08 -8.63
N ALA A 428 -20.55 -25.59 -7.95
CA ALA A 428 -20.44 -26.99 -7.61
C ALA A 428 -21.70 -27.43 -6.84
N VAL A 429 -22.12 -28.66 -7.08
CA VAL A 429 -23.24 -29.26 -6.35
C VAL A 429 -22.65 -30.40 -5.51
N ARG A 430 -22.98 -30.39 -4.21
CA ARG A 430 -22.65 -31.45 -3.29
C ARG A 430 -23.46 -32.71 -3.75
N ILE A 431 -22.76 -33.85 -3.81
CA ILE A 431 -23.34 -35.13 -4.23
C ILE A 431 -23.05 -36.19 -3.16
N ALA A 432 -23.89 -37.21 -3.13
CA ALA A 432 -23.81 -38.26 -2.12
C ALA A 432 -22.62 -39.20 -2.34
N THR A 433 -22.16 -39.77 -1.24
CA THR A 433 -21.21 -40.87 -1.27
C THR A 433 -21.82 -42.14 -0.66
N THR A 434 -21.36 -43.29 -1.14
CA THR A 434 -21.69 -44.58 -0.52
C THR A 434 -20.39 -45.38 -0.39
N GLY A 435 -20.44 -46.49 0.33
CA GLY A 435 -19.24 -47.25 0.70
C GLY A 435 -19.06 -47.05 2.18
N TYR A 436 -18.00 -47.60 2.76
CA TYR A 436 -18.04 -47.85 4.22
C TYR A 436 -17.61 -46.70 5.14
N THR A 437 -18.56 -46.27 5.98
CA THR A 437 -18.32 -45.50 7.21
C THR A 437 -17.12 -46.06 8.03
N ASP A 438 -16.05 -45.27 8.11
CA ASP A 438 -14.83 -45.66 8.81
C ASP A 438 -14.53 -44.67 9.96
N ASN A 439 -13.91 -45.20 11.02
CA ASN A 439 -13.61 -44.42 12.23
C ASN A 439 -12.56 -43.37 11.90
N GLY A 440 -12.80 -42.15 12.36
CA GLY A 440 -11.93 -41.02 12.10
C GLY A 440 -12.00 -40.42 10.70
N ILE A 441 -12.70 -41.06 9.76
CA ILE A 441 -12.84 -40.58 8.37
C ILE A 441 -14.14 -39.79 8.17
N THR A 442 -13.99 -38.56 7.66
CA THR A 442 -15.09 -37.72 7.20
C THR A 442 -14.76 -37.26 5.79
N CYS A 443 -15.78 -37.10 4.98
CA CYS A 443 -15.59 -36.62 3.62
C CYS A 443 -16.78 -35.87 3.03
N SER A 444 -16.51 -35.21 1.92
CA SER A 444 -17.54 -34.55 1.11
C SER A 444 -17.16 -34.59 -0.35
N ALA A 445 -18.15 -34.78 -1.21
CA ALA A 445 -17.93 -34.91 -2.64
C ALA A 445 -18.81 -33.93 -3.38
N PHE A 446 -18.36 -33.52 -4.56
CA PHE A 446 -19.09 -32.52 -5.36
C PHE A 446 -18.86 -32.77 -6.82
N GLU A 447 -19.73 -32.21 -7.65
CA GLU A 447 -19.47 -32.07 -9.06
C GLU A 447 -19.50 -30.61 -9.45
N ASN A 448 -18.42 -30.17 -10.09
CA ASN A 448 -18.27 -28.80 -10.52
C ASN A 448 -19.00 -28.63 -11.86
N THR A 449 -19.31 -27.39 -12.19
CA THR A 449 -20.02 -27.12 -13.45
C THR A 449 -19.20 -27.40 -14.68
N ASP A 450 -17.88 -27.50 -14.57
CA ASP A 450 -17.01 -27.95 -15.67
C ASP A 450 -16.94 -29.48 -15.85
N GLY A 451 -17.77 -30.23 -15.15
CA GLY A 451 -17.79 -31.68 -15.23
C GLY A 451 -16.67 -32.38 -14.48
N THR A 452 -15.98 -31.68 -13.59
CA THR A 452 -14.92 -32.30 -12.80
C THR A 452 -15.56 -32.64 -11.48
N TYR A 453 -15.20 -33.80 -10.93
CA TYR A 453 -15.56 -34.18 -9.58
C TYR A 453 -14.52 -33.61 -8.63
N ALA A 454 -14.90 -33.37 -7.40
CA ALA A 454 -13.99 -32.93 -6.36
C ALA A 454 -14.33 -33.70 -5.10
N PHE A 455 -13.29 -34.02 -4.32
CA PHE A 455 -13.50 -34.84 -3.11
C PHE A 455 -12.55 -34.32 -2.06
N VAL A 456 -13.04 -34.18 -0.84
CA VAL A 456 -12.24 -33.66 0.26
C VAL A 456 -12.42 -34.64 1.38
N LEU A 457 -11.30 -35.08 1.95
CA LEU A 457 -11.30 -36.13 2.97
C LEU A 457 -10.40 -35.82 4.16
N ILE A 458 -10.92 -36.08 5.35
CA ILE A 458 -10.21 -35.90 6.61
C ILE A 458 -9.90 -37.29 7.14
N ASN A 459 -8.62 -37.55 7.41
CA ASN A 459 -8.22 -38.78 8.12
C ASN A 459 -7.68 -38.40 9.50
N ASN A 460 -8.55 -38.39 10.48
CA ASN A 460 -8.19 -38.04 11.87
C ASN A 460 -7.86 -39.35 12.63
N ASN A 461 -6.75 -39.96 12.24
CA ASN A 461 -6.21 -41.21 12.82
C ASN A 461 -4.68 -41.07 12.69
N GLU A 462 -3.90 -41.54 13.66
CA GLU A 462 -2.45 -41.56 13.54
C GLU A 462 -1.98 -42.36 12.33
N LYS A 463 -2.63 -43.47 12.03
CA LYS A 463 -2.25 -44.31 10.91
C LYS A 463 -2.74 -43.77 9.57
N SER A 464 -1.92 -43.92 8.54
CA SER A 464 -2.42 -43.73 7.17
C SER A 464 -3.52 -44.76 6.88
N LYS A 465 -4.34 -44.45 5.89
CA LYS A 465 -5.41 -45.36 5.47
C LYS A 465 -5.35 -45.42 3.96
N LYS A 466 -5.51 -46.62 3.41
CA LYS A 466 -5.64 -46.79 1.97
C LYS A 466 -7.10 -46.65 1.62
N ILE A 467 -7.39 -45.69 0.76
CA ILE A 467 -8.74 -45.47 0.28
C ILE A 467 -8.74 -45.75 -1.21
N THR A 468 -9.91 -46.14 -1.69
CA THR A 468 -10.17 -46.26 -3.10
C THR A 468 -11.46 -45.46 -3.37
N VAL A 469 -11.47 -44.71 -4.47
CA VAL A 469 -12.52 -43.74 -4.79
C VAL A 469 -13.05 -44.04 -6.19
N SER A 470 -14.38 -44.09 -6.34
CA SER A 470 -15.01 -44.34 -7.65
C SER A 470 -16.02 -43.26 -8.02
N ASP A 471 -16.05 -42.89 -9.29
CA ASP A 471 -17.12 -42.05 -9.84
C ASP A 471 -18.14 -42.90 -10.62
N GLY A 472 -17.93 -44.22 -10.65
CA GLY A 472 -18.84 -45.14 -11.31
C GLY A 472 -18.26 -45.65 -12.59
N GLN A 473 -17.54 -44.78 -13.30
CA GLN A 473 -16.79 -45.14 -14.49
C GLN A 473 -15.26 -45.24 -14.30
N ARG A 474 -14.69 -44.46 -13.40
CA ARG A 474 -13.24 -44.44 -13.21
C ARG A 474 -12.96 -44.60 -11.71
N HIS A 475 -11.78 -45.12 -11.41
CA HIS A 475 -11.35 -45.51 -10.07
C HIS A 475 -9.91 -45.06 -9.81
N PHE A 476 -9.61 -44.70 -8.56
CA PHE A 476 -8.24 -44.38 -8.18
C PHE A 476 -8.03 -44.69 -6.72
N ALA A 477 -6.78 -44.95 -6.35
CA ALA A 477 -6.44 -45.33 -5.02
C ALA A 477 -5.30 -44.44 -4.55
N TYR A 478 -5.19 -44.29 -3.24
CA TYR A 478 -4.27 -43.34 -2.63
C TYR A 478 -4.12 -43.69 -1.18
N ASP A 479 -2.89 -43.72 -0.68
CA ASP A 479 -2.64 -43.90 0.74
C ASP A 479 -2.67 -42.53 1.37
N VAL A 480 -3.60 -42.36 2.29
CA VAL A 480 -3.88 -41.08 2.88
C VAL A 480 -3.14 -41.03 4.19
N PRO A 481 -2.26 -40.01 4.38
CA PRO A 481 -1.44 -40.02 5.60
C PRO A 481 -2.25 -39.76 6.86
N GLY A 482 -1.62 -40.07 8.00
CA GLY A 482 -2.23 -39.85 9.29
C GLY A 482 -2.42 -38.37 9.49
N LYS A 483 -3.51 -38.02 10.17
CA LYS A 483 -3.79 -36.64 10.56
C LYS A 483 -3.70 -35.68 9.35
N SER A 484 -4.45 -36.05 8.32
CA SER A 484 -4.44 -35.29 7.11
C SER A 484 -5.79 -34.83 6.59
N VAL A 485 -5.70 -33.79 5.78
CA VAL A 485 -6.78 -33.39 4.90
C VAL A 485 -6.23 -33.60 3.53
N THR A 486 -7.05 -34.18 2.68
CA THR A 486 -6.68 -34.38 1.30
C THR A 486 -7.81 -33.89 0.41
N SER A 487 -7.46 -33.14 -0.62
CA SER A 487 -8.41 -32.71 -1.66
C SER A 487 -8.04 -33.30 -2.99
N TYR A 488 -9.07 -33.65 -3.77
CA TYR A 488 -8.91 -34.38 -5.00
C TYR A 488 -9.80 -33.75 -6.05
N ARG A 489 -9.32 -33.66 -7.28
CA ARG A 489 -10.12 -33.21 -8.40
C ARG A 489 -9.74 -34.02 -9.65
N TRP A 490 -10.73 -34.37 -10.46
CA TRP A 490 -10.49 -35.13 -11.69
C TRP A 490 -11.64 -34.98 -12.68
N ALA A 491 -11.39 -35.30 -13.93
CA ALA A 491 -12.38 -35.14 -15.01
C ALA A 491 -13.34 -36.34 -15.07
N LYS A 492 -14.60 -36.03 -15.34
CA LYS A 492 -15.59 -37.05 -15.72
C LYS A 492 -15.31 -37.58 -17.13
N THR B 34 40.67 -13.29 -24.65
CA THR B 34 41.60 -12.15 -25.00
C THR B 34 42.23 -12.28 -26.41
N GLY B 35 42.44 -11.15 -27.08
CA GLY B 35 42.90 -11.12 -28.48
C GLY B 35 42.41 -9.88 -29.22
N ASP B 36 42.66 -9.81 -30.53
CA ASP B 36 42.20 -8.65 -31.33
C ASP B 36 40.67 -8.56 -31.54
N VAL B 37 40.01 -9.71 -31.63
CA VAL B 37 38.60 -9.78 -32.00
C VAL B 37 37.86 -10.53 -30.93
N ALA B 38 36.86 -9.87 -30.33
CA ALA B 38 36.05 -10.41 -29.25
C ALA B 38 34.87 -11.10 -29.89
N ILE B 39 34.55 -12.33 -29.46
CA ILE B 39 33.54 -13.13 -30.16
C ILE B 39 32.52 -13.70 -29.15
N TYR B 40 31.28 -13.72 -29.53
CA TYR B 40 30.21 -14.42 -28.77
C TYR B 40 29.60 -15.42 -29.70
N THR B 41 29.35 -16.64 -29.20
CA THR B 41 28.76 -17.68 -29.97
C THR B 41 27.60 -18.38 -29.22
N THR B 42 26.53 -18.61 -29.95
CA THR B 42 25.41 -19.48 -29.49
C THR B 42 25.09 -20.47 -30.58
N THR B 43 24.90 -21.75 -30.24
CA THR B 43 24.40 -22.75 -31.19
C THR B 43 22.96 -23.24 -30.73
N SER B 44 22.16 -23.64 -31.71
CA SER B 44 20.81 -24.20 -31.52
CA SER B 44 20.79 -24.08 -31.43
C SER B 44 20.76 -25.32 -30.53
N SER B 45 21.83 -26.13 -30.52
CA SER B 45 21.91 -27.30 -29.62
C SER B 45 22.35 -26.92 -28.24
N LEU B 46 22.78 -25.65 -28.06
CA LEU B 46 23.45 -25.18 -26.83
C LEU B 46 24.79 -25.82 -26.48
N THR B 47 25.50 -26.35 -27.45
CA THR B 47 26.96 -26.54 -27.27
C THR B 47 27.67 -25.24 -26.95
N ARG B 48 27.09 -24.13 -27.40
CA ARG B 48 27.62 -22.79 -27.12
C ARG B 48 26.43 -21.89 -26.71
N ASP B 49 26.64 -21.06 -25.70
CA ASP B 49 25.55 -20.41 -24.93
C ASP B 49 26.04 -19.02 -24.58
N LEU B 50 25.91 -18.12 -25.53
CA LEU B 50 26.62 -16.84 -25.44
C LEU B 50 28.08 -17.02 -24.96
N THR B 51 28.74 -18.08 -25.45
CA THR B 51 30.07 -18.42 -25.06
C THR B 51 31.05 -17.38 -25.65
N ARG B 52 31.93 -16.90 -24.81
CA ARG B 52 33.01 -15.96 -25.24
C ARG B 52 34.18 -16.70 -25.87
N ASP B 53 34.74 -16.12 -26.94
CA ASP B 53 35.96 -16.59 -27.57
C ASP B 53 36.68 -15.35 -28.15
N ALA B 54 37.88 -15.54 -28.67
CA ALA B 54 38.61 -14.44 -29.32
C ALA B 54 39.55 -14.99 -30.36
N VAL B 55 39.94 -14.15 -31.28
CA VAL B 55 40.89 -14.55 -32.29
C VAL B 55 41.79 -13.34 -32.52
N ASN B 56 42.98 -13.58 -33.06
CA ASN B 56 43.83 -12.48 -33.52
C ASN B 56 43.75 -12.27 -35.04
N PHE B 57 44.10 -11.07 -35.49
CA PHE B 57 44.29 -10.82 -36.95
C PHE B 57 45.31 -11.82 -37.46
N SER B 58 45.17 -12.29 -38.70
CA SER B 58 46.02 -13.37 -39.27
C SER B 58 46.64 -13.02 -40.63
N PRO B 59 47.78 -12.27 -40.61
CA PRO B 59 48.43 -11.88 -41.86
C PRO B 59 49.26 -13.03 -42.44
N THR B 66 34.71 -18.63 -47.85
CA THR B 66 34.19 -17.27 -47.96
C THR B 66 35.11 -16.18 -47.34
N THR B 67 35.41 -15.11 -48.11
CA THR B 67 35.86 -13.83 -47.54
C THR B 67 34.69 -12.83 -47.63
N ILE B 68 34.36 -12.27 -46.49
CA ILE B 68 33.38 -11.20 -46.44
C ILE B 68 34.18 -9.93 -46.20
N THR B 69 33.94 -8.94 -47.02
CA THR B 69 34.63 -7.64 -46.91
C THR B 69 33.66 -6.54 -46.47
N LEU B 70 33.97 -5.87 -45.35
CA LEU B 70 33.22 -4.71 -44.94
C LEU B 70 33.46 -3.51 -45.84
N ASN B 71 32.40 -2.76 -46.13
CA ASN B 71 32.46 -1.54 -46.92
C ASN B 71 31.91 -0.33 -46.14
N PRO B 72 32.80 0.35 -45.38
CA PRO B 72 32.36 1.45 -44.55
C PRO B 72 31.96 2.71 -45.30
N ALA B 73 32.31 2.83 -46.60
CA ALA B 73 31.80 3.89 -47.47
C ALA B 73 30.29 3.88 -47.71
N GLU B 74 29.69 2.69 -47.63
CA GLU B 74 28.30 2.50 -47.93
C GLU B 74 27.60 2.44 -46.61
N GLN B 75 27.08 3.58 -46.15
CA GLN B 75 26.46 3.66 -44.84
C GLN B 75 24.96 3.64 -44.98
N TYR B 76 24.30 2.92 -44.09
CA TYR B 76 22.85 2.82 -44.07
C TYR B 76 22.28 3.56 -42.84
N GLN B 77 21.33 2.97 -42.09
CA GLN B 77 20.71 3.65 -40.96
C GLN B 77 21.61 3.65 -39.74
N THR B 78 21.45 4.60 -38.83
CA THR B 78 22.07 4.50 -37.53
C THR B 78 21.19 3.67 -36.60
N MET B 79 21.87 2.98 -35.66
CA MET B 79 21.22 2.04 -34.79
C MET B 79 21.01 2.71 -33.45
N ASP B 80 19.76 2.70 -33.00
CA ASP B 80 19.41 3.29 -31.72
C ASP B 80 19.63 2.31 -30.56
N GLY B 81 19.37 1.02 -30.77
CA GLY B 81 19.59 0.02 -29.75
C GLY B 81 18.62 -1.15 -29.92
N PHE B 82 18.68 -2.06 -28.97
CA PHE B 82 18.01 -3.39 -29.00
C PHE B 82 17.62 -3.80 -27.60
N GLY B 83 16.45 -4.48 -27.42
CA GLY B 83 16.12 -4.88 -26.13
C GLY B 83 14.81 -5.62 -26.06
N ALA B 84 14.11 -5.38 -24.96
CA ALA B 84 12.89 -6.09 -24.60
C ALA B 84 11.89 -5.21 -23.88
N ALA B 85 10.67 -5.74 -23.69
CA ALA B 85 9.64 -4.99 -23.02
C ALA B 85 9.76 -5.19 -21.50
N ILE B 86 9.69 -4.08 -20.78
CA ILE B 86 9.63 -4.14 -19.31
C ILE B 86 8.15 -3.94 -18.91
N THR B 87 7.43 -5.03 -18.91
CA THR B 87 6.00 -5.05 -18.57
C THR B 87 5.81 -5.12 -17.07
N GLY B 88 4.59 -4.84 -16.62
CA GLY B 88 4.26 -5.14 -15.21
C GLY B 88 4.61 -6.57 -14.77
N SER B 89 4.38 -7.53 -15.64
CA SER B 89 4.64 -8.95 -15.30
C SER B 89 6.13 -9.24 -15.19
N THR B 90 6.91 -8.62 -16.06
CA THR B 90 8.39 -8.67 -15.99
C THR B 90 8.85 -8.12 -14.65
N CYS B 91 8.36 -6.94 -14.31
CA CYS B 91 8.66 -6.26 -13.04
C CYS B 91 8.33 -7.04 -11.80
N TYR B 92 7.12 -7.61 -11.79
CA TYR B 92 6.68 -8.44 -10.69
C TYR B 92 7.61 -9.58 -10.49
N ASN B 93 7.91 -10.30 -11.58
CA ASN B 93 8.84 -11.43 -11.50
C ASN B 93 10.22 -11.04 -11.00
N LEU B 94 10.77 -9.94 -11.55
CA LEU B 94 12.05 -9.45 -11.09
C LEU B 94 11.99 -9.07 -9.63
N LEU B 95 10.87 -8.47 -9.21
CA LEU B 95 10.74 -8.01 -7.82
C LEU B 95 10.61 -9.12 -6.78
N LEU B 96 10.23 -10.31 -7.25
CA LEU B 96 10.18 -11.48 -6.42
C LEU B 96 11.51 -12.21 -6.27
N MET B 97 12.52 -11.81 -7.03
CA MET B 97 13.86 -12.34 -6.85
C MET B 97 14.51 -11.70 -5.63
N LYS B 98 15.48 -12.39 -5.02
CA LYS B 98 16.34 -11.73 -4.04
C LYS B 98 17.08 -10.57 -4.70
N PRO B 99 17.28 -9.45 -3.98
CA PRO B 99 17.90 -8.26 -4.61
C PRO B 99 19.22 -8.52 -5.32
N ALA B 100 20.03 -9.40 -4.76
CA ALA B 100 21.33 -9.74 -5.34
C ALA B 100 21.18 -10.45 -6.70
N ASP B 101 20.20 -11.34 -6.76
CA ASP B 101 19.95 -12.16 -7.92
C ASP B 101 19.26 -11.31 -8.99
N ARG B 102 18.35 -10.43 -8.60
CA ARG B 102 17.77 -9.50 -9.56
C ARG B 102 18.88 -8.57 -10.12
N HIS B 103 19.71 -8.04 -9.22
CA HIS B 103 20.76 -7.12 -9.64
C HIS B 103 21.77 -7.79 -10.60
N ALA B 104 22.08 -9.06 -10.34
CA ALA B 104 23.01 -9.82 -11.22
C ALA B 104 22.38 -10.06 -12.62
N PHE B 105 21.10 -10.40 -12.68
CA PHE B 105 20.42 -10.61 -13.97
C PHE B 105 20.31 -9.27 -14.78
N LEU B 106 19.96 -8.19 -14.08
CA LEU B 106 19.84 -6.87 -14.70
C LEU B 106 21.19 -6.34 -15.16
N THR B 107 22.27 -6.68 -14.46
CA THR B 107 23.63 -6.26 -14.89
C THR B 107 24.04 -7.03 -16.12
N GLU B 108 23.83 -8.34 -16.07
CA GLU B 108 24.21 -9.22 -17.15
C GLU B 108 23.44 -8.86 -18.41
N THR B 109 22.22 -8.38 -18.23
CA THR B 109 21.38 -8.04 -19.34
C THR B 109 21.70 -6.65 -19.87
N PHE B 110 21.78 -5.66 -18.97
CA PHE B 110 21.76 -4.24 -19.41
C PHE B 110 23.12 -3.54 -19.38
N SER B 111 24.11 -4.11 -18.67
CA SER B 111 25.40 -3.43 -18.52
C SER B 111 26.20 -3.55 -19.79
N ASP B 112 26.70 -2.42 -20.29
CA ASP B 112 27.61 -2.41 -21.41
C ASP B 112 28.93 -3.13 -21.03
N LYS B 113 29.57 -2.67 -19.96
CA LYS B 113 30.88 -3.23 -19.55
C LYS B 113 30.82 -4.58 -18.88
N ASP B 114 29.74 -4.84 -18.15
CA ASP B 114 29.62 -6.08 -17.43
C ASP B 114 28.48 -6.97 -17.85
N GLY B 115 27.98 -6.80 -19.08
CA GLY B 115 26.90 -7.64 -19.56
C GLY B 115 26.74 -7.55 -21.06
N PHE B 116 25.53 -7.80 -21.53
CA PHE B 116 25.23 -7.78 -22.97
C PHE B 116 24.77 -6.43 -23.52
N GLY B 117 24.58 -5.46 -22.63
CA GLY B 117 24.32 -4.08 -23.05
C GLY B 117 23.02 -3.88 -23.76
N PHE B 118 21.93 -4.60 -23.36
CA PHE B 118 20.64 -4.30 -23.95
C PHE B 118 20.45 -2.76 -23.81
N SER B 119 19.90 -2.13 -24.83
CA SER B 119 19.99 -0.63 -24.97
C SER B 119 18.69 0.09 -25.35
N TYR B 120 17.60 -0.66 -25.47
CA TYR B 120 16.33 -0.09 -25.89
C TYR B 120 15.23 -0.91 -25.26
N ILE B 121 14.38 -0.29 -24.44
CA ILE B 121 13.25 -1.03 -23.84
C ILE B 121 11.92 -0.40 -24.18
N ARG B 122 10.86 -1.21 -24.06
CA ARG B 122 9.51 -0.78 -24.39
C ARG B 122 8.61 -0.98 -23.17
N ILE B 123 7.76 0.03 -22.90
CA ILE B 123 6.80 -0.05 -21.82
C ILE B 123 5.44 0.43 -22.24
N SER B 124 4.40 0.06 -21.48
CA SER B 124 3.04 0.50 -21.81
C SER B 124 2.70 1.82 -21.11
N ILE B 125 1.94 2.66 -21.77
CA ILE B 125 1.33 3.82 -21.08
C ILE B 125 -0.02 3.29 -20.61
N GLY B 126 -0.19 3.15 -19.30
CA GLY B 126 -1.34 2.45 -18.77
C GLY B 126 -1.00 0.99 -18.89
N CYS B 127 -2.02 0.16 -18.75
CA CYS B 127 -1.84 -1.28 -18.72
C CYS B 127 -1.52 -1.84 -20.11
N SER B 128 -0.90 -3.03 -20.11
CA SER B 128 -0.91 -3.90 -21.27
C SER B 128 -1.60 -5.21 -20.84
N ASP B 129 -1.57 -6.23 -21.69
CA ASP B 129 -2.01 -7.58 -21.25
C ASP B 129 -0.96 -8.24 -20.33
N PHE B 130 0.22 -7.61 -20.13
CA PHE B 130 1.17 -8.07 -19.10
C PHE B 130 1.31 -7.08 -17.95
N SER B 131 0.15 -6.65 -17.50
CA SER B 131 -0.01 -5.81 -16.31
C SER B 131 -0.75 -6.66 -15.23
N LEU B 132 -0.88 -6.11 -14.02
CA LEU B 132 -1.50 -6.82 -12.91
C LEU B 132 -2.95 -6.44 -12.75
N SER B 133 -3.44 -5.54 -13.61
CA SER B 133 -4.88 -5.25 -13.71
C SER B 133 -5.14 -4.54 -15.05
N GLU B 134 -6.41 -4.37 -15.37
CA GLU B 134 -6.75 -3.42 -16.43
C GLU B 134 -6.90 -2.03 -15.83
N TYR B 135 -6.17 -1.03 -16.36
CA TYR B 135 -6.22 0.34 -15.83
C TYR B 135 -5.53 1.30 -16.81
N THR B 136 -5.82 2.59 -16.65
CA THR B 136 -5.06 3.66 -17.26
C THR B 136 -4.67 4.67 -16.23
N CYS B 137 -3.90 5.70 -16.65
CA CYS B 137 -3.49 6.76 -15.75
C CYS B 137 -4.53 7.88 -15.59
N CYS B 138 -5.75 7.68 -16.09
CA CYS B 138 -6.85 8.63 -15.86
C CYS B 138 -8.21 7.96 -15.95
N ASP B 139 -8.45 7.00 -15.07
CA ASP B 139 -9.70 6.20 -15.10
C ASP B 139 -10.93 7.00 -14.64
N THR B 140 -10.76 7.98 -13.79
CA THR B 140 -11.85 8.91 -13.43
C THR B 140 -11.98 9.94 -14.54
N LYS B 141 -13.20 10.13 -15.03
CA LYS B 141 -13.44 11.06 -16.10
C LYS B 141 -12.95 12.49 -15.81
N GLY B 142 -12.28 13.07 -16.80
CA GLY B 142 -11.67 14.39 -16.72
C GLY B 142 -10.16 14.26 -16.60
N ILE B 143 -9.46 14.86 -17.55
CA ILE B 143 -7.99 14.76 -17.64
C ILE B 143 -7.25 15.38 -16.44
N GLU B 144 -7.92 16.31 -15.76
CA GLU B 144 -7.50 16.82 -14.46
C GLU B 144 -7.21 15.73 -13.38
N ASN B 145 -7.75 14.53 -13.54
CA ASN B 145 -7.50 13.42 -12.64
C ASN B 145 -6.27 12.60 -12.99
N PHE B 146 -5.41 13.10 -13.89
CA PHE B 146 -4.27 12.29 -14.38
C PHE B 146 -3.37 11.97 -13.20
N ALA B 147 -2.90 10.72 -13.11
CA ALA B 147 -1.85 10.35 -12.18
C ALA B 147 -1.25 9.01 -12.53
N LEU B 148 0.06 8.84 -12.28
CA LEU B 148 0.63 7.49 -12.35
C LEU B 148 -0.06 6.65 -11.28
N GLN B 149 -0.21 5.39 -11.54
CA GLN B 149 -0.99 4.53 -10.66
C GLN B 149 -0.07 3.55 -9.91
N SER B 150 -0.65 2.60 -9.18
CA SER B 150 0.17 1.72 -8.35
C SER B 150 1.11 0.88 -9.19
N GLU B 151 0.74 0.50 -10.42
CA GLU B 151 1.60 -0.39 -11.19
C GLU B 151 2.89 0.41 -11.50
N GLU B 152 2.75 1.68 -11.83
CA GLU B 152 3.92 2.50 -12.18
C GLU B 152 4.80 2.69 -10.95
N LYS B 153 4.18 3.07 -9.86
CA LYS B 153 4.91 3.41 -8.64
C LYS B 153 5.57 2.22 -7.99
N ASP B 154 4.88 1.07 -7.97
CA ASP B 154 5.30 -0.12 -7.26
C ASP B 154 6.18 -1.08 -8.09
N TYR B 155 5.98 -1.09 -9.40
CA TYR B 155 6.64 -2.07 -10.27
C TYR B 155 7.47 -1.41 -11.35
N ILE B 156 6.86 -0.56 -12.18
CA ILE B 156 7.52 -0.09 -13.39
C ILE B 156 8.69 0.83 -13.04
N LEU B 157 8.40 1.86 -12.28
CA LEU B 157 9.46 2.84 -11.93
C LEU B 157 10.64 2.29 -11.11
N PRO B 158 10.39 1.44 -10.10
CA PRO B 158 11.55 0.91 -9.35
C PRO B 158 12.45 0.05 -10.22
N ILE B 159 11.86 -0.69 -11.16
CA ILE B 159 12.67 -1.50 -12.06
C ILE B 159 13.43 -0.65 -13.09
N LEU B 160 12.77 0.32 -13.68
CA LEU B 160 13.41 1.21 -14.62
C LEU B 160 14.56 1.96 -14.00
N LYS B 161 14.38 2.40 -12.77
CA LYS B 161 15.41 3.11 -12.06
C LYS B 161 16.60 2.23 -11.84
N GLU B 162 16.37 0.98 -11.46
CA GLU B 162 17.43 0.00 -11.31
C GLU B 162 18.19 -0.26 -12.65
N ILE B 163 17.45 -0.37 -13.77
CA ILE B 163 18.05 -0.50 -15.10
C ILE B 163 18.89 0.74 -15.48
N LEU B 164 18.36 1.91 -15.20
CA LEU B 164 19.08 3.17 -15.53
C LEU B 164 20.37 3.39 -14.75
N ALA B 165 20.43 2.94 -13.51
CA ALA B 165 21.70 2.98 -12.76
C ALA B 165 22.74 2.09 -13.45
N ILE B 166 22.29 0.98 -14.01
CA ILE B 166 23.13 0.07 -14.77
C ILE B 166 23.52 0.58 -16.15
N ASN B 167 22.57 1.15 -16.87
CA ASN B 167 22.75 1.64 -18.24
C ASN B 167 22.06 2.97 -18.35
N PRO B 168 22.78 4.09 -18.05
CA PRO B 168 22.15 5.40 -18.02
C PRO B 168 21.61 5.93 -19.34
N SER B 169 22.09 5.44 -20.45
CA SER B 169 21.66 5.92 -21.73
C SER B 169 20.63 5.03 -22.42
N ILE B 170 19.98 4.13 -21.66
CA ILE B 170 19.02 3.21 -22.26
C ILE B 170 17.86 4.03 -22.82
N LYS B 171 17.41 3.70 -24.02
CA LYS B 171 16.30 4.35 -24.64
C LYS B 171 14.99 3.64 -24.26
N VAL B 172 13.95 4.45 -24.06
CA VAL B 172 12.61 3.91 -23.74
C VAL B 172 11.61 4.36 -24.80
N ILE B 173 10.86 3.39 -25.35
CA ILE B 173 9.73 3.67 -26.21
C ILE B 173 8.45 3.20 -25.53
N ALA B 174 7.37 3.94 -25.72
CA ALA B 174 6.13 3.62 -25.07
C ALA B 174 4.93 3.70 -25.98
N ALA B 175 3.86 2.99 -25.60
CA ALA B 175 2.63 3.04 -26.32
C ALA B 175 1.47 2.68 -25.36
N PRO B 176 0.31 3.35 -25.49
CA PRO B 176 -0.89 2.79 -24.79
C PRO B 176 -1.45 1.56 -25.44
N TRP B 177 -2.03 0.65 -24.65
CA TRP B 177 -2.86 -0.42 -25.16
C TRP B 177 -4.33 0.07 -25.24
N THR B 178 -4.74 0.95 -24.36
CA THR B 178 -6.05 1.61 -24.52
C THR B 178 -5.97 3.05 -23.99
N CYS B 179 -6.79 3.95 -24.55
CA CYS B 179 -7.07 5.22 -23.91
C CYS B 179 -8.01 4.98 -22.70
N PRO B 180 -8.09 5.95 -21.78
CA PRO B 180 -9.14 5.88 -20.77
C PRO B 180 -10.51 5.58 -21.36
N LYS B 181 -11.26 4.69 -20.70
CA LYS B 181 -12.47 4.18 -21.32
C LYS B 181 -13.48 5.27 -21.69
N TRP B 182 -13.64 6.23 -20.79
CA TRP B 182 -14.47 7.45 -21.05
C TRP B 182 -14.13 8.27 -22.29
N MET B 183 -12.90 8.13 -22.84
CA MET B 183 -12.53 8.81 -24.10
C MET B 183 -13.01 8.04 -25.36
N LYS B 184 -13.60 6.86 -25.20
CA LYS B 184 -13.98 6.06 -26.36
C LYS B 184 -15.37 6.36 -26.88
N VAL B 185 -15.54 6.08 -28.16
CA VAL B 185 -16.86 5.88 -28.75
C VAL B 185 -16.91 4.47 -29.29
N LYS B 186 -18.12 3.96 -29.52
CA LYS B 186 -18.32 2.63 -30.09
C LYS B 186 -17.69 2.52 -31.46
N SER B 187 -18.00 3.51 -32.28
CA SER B 187 -17.41 3.70 -33.59
C SER B 187 -17.51 5.19 -34.00
N LEU B 188 -16.81 5.58 -35.05
CA LEU B 188 -16.97 6.93 -35.62
C LEU B 188 -18.36 7.15 -36.25
N THR B 189 -19.04 6.04 -36.57
CA THR B 189 -20.41 6.02 -37.08
C THR B 189 -21.45 5.98 -35.98
N ASP B 190 -21.06 5.52 -34.79
CA ASP B 190 -21.94 5.44 -33.65
C ASP B 190 -21.22 6.06 -32.45
N ARG B 191 -21.31 7.38 -32.34
CA ARG B 191 -20.47 8.13 -31.41
C ARG B 191 -21.05 8.18 -30.01
N THR B 192 -21.40 7.01 -29.49
CA THR B 192 -21.87 6.86 -28.14
C THR B 192 -20.78 6.22 -27.28
N PRO B 193 -20.86 6.40 -25.95
CA PRO B 193 -19.78 5.84 -25.10
C PRO B 193 -19.65 4.33 -25.19
N LEU B 194 -18.46 3.83 -24.89
CA LEU B 194 -18.21 2.40 -24.82
C LEU B 194 -17.35 2.15 -23.58
N ASP B 195 -17.95 1.55 -22.56
CA ASP B 195 -17.23 1.32 -21.30
C ASP B 195 -16.55 -0.05 -21.40
N SER B 196 -15.40 -0.05 -22.06
CA SER B 196 -14.69 -1.28 -22.38
C SER B 196 -13.19 -1.00 -22.45
N TRP B 197 -12.38 -1.85 -21.79
CA TRP B 197 -10.95 -1.84 -21.94
C TRP B 197 -10.48 -2.19 -23.35
N THR B 198 -11.34 -2.81 -24.14
CA THR B 198 -11.02 -3.23 -25.50
C THR B 198 -11.96 -2.62 -26.52
N ASN B 199 -11.51 -2.60 -27.77
CA ASN B 199 -12.32 -2.16 -28.92
C ASN B 199 -12.67 -0.67 -28.78
N GLY B 200 -13.53 -0.18 -29.66
CA GLY B 200 -13.91 1.20 -29.71
C GLY B 200 -12.89 2.02 -30.47
N GLN B 201 -13.25 3.27 -30.69
CA GLN B 201 -12.40 4.28 -31.36
C GLN B 201 -12.30 5.47 -30.46
N LEU B 202 -11.25 6.28 -30.66
CA LEU B 202 -11.04 7.46 -29.86
C LEU B 202 -12.05 8.52 -30.30
N ASN B 203 -12.76 9.07 -29.32
CA ASN B 203 -13.78 10.12 -29.57
C ASN B 203 -13.02 11.35 -30.09
N PRO B 204 -13.29 11.80 -31.32
CA PRO B 204 -12.70 13.04 -31.82
C PRO B 204 -12.78 14.22 -30.88
N ASP B 205 -13.84 14.28 -30.07
CA ASP B 205 -13.97 15.35 -29.06
C ASP B 205 -12.90 15.31 -27.99
N TYR B 206 -12.23 14.17 -27.81
CA TYR B 206 -11.18 14.03 -26.79
C TYR B 206 -9.75 13.93 -27.37
N TYR B 207 -9.56 14.20 -28.67
CA TYR B 207 -8.20 14.25 -29.22
C TYR B 207 -7.28 15.17 -28.41
N GLN B 208 -7.71 16.40 -28.09
CA GLN B 208 -6.81 17.34 -27.39
C GLN B 208 -6.53 16.89 -25.95
N ASP B 209 -7.54 16.37 -25.25
CA ASP B 209 -7.34 15.83 -23.90
C ASP B 209 -6.49 14.56 -23.90
N TYR B 210 -6.55 13.74 -24.95
CA TYR B 210 -5.71 12.52 -25.01
C TYR B 210 -4.24 12.90 -25.30
N ALA B 211 -4.08 13.90 -26.14
CA ALA B 211 -2.75 14.48 -26.32
C ALA B 211 -2.16 14.95 -25.00
N THR B 212 -2.93 15.71 -24.24
CA THR B 212 -2.50 16.12 -22.88
C THR B 212 -2.12 14.94 -21.97
N TYR B 213 -2.92 13.89 -22.00
CA TYR B 213 -2.62 12.63 -21.33
C TYR B 213 -1.20 12.16 -21.66
N PHE B 214 -0.88 12.03 -22.93
CA PHE B 214 0.52 11.65 -23.34
C PHE B 214 1.56 12.60 -22.75
N VAL B 215 1.30 13.91 -22.86
CA VAL B 215 2.27 14.89 -22.39
C VAL B 215 2.44 14.75 -20.89
N LYS B 216 1.34 14.62 -20.16
CA LYS B 216 1.41 14.47 -18.67
C LYS B 216 2.18 13.20 -18.25
N TRP B 217 2.00 12.13 -19.03
CA TRP B 217 2.66 10.87 -18.75
C TRP B 217 4.16 11.02 -18.98
N ILE B 218 4.52 11.58 -20.11
CA ILE B 218 5.97 11.84 -20.42
C ILE B 218 6.61 12.71 -19.33
N GLN B 219 5.89 13.76 -18.94
CA GLN B 219 6.33 14.67 -17.88
C GLN B 219 6.47 14.03 -16.51
N ALA B 220 5.52 13.16 -16.15
CA ALA B 220 5.58 12.38 -14.89
C ALA B 220 6.79 11.45 -14.86
N PHE B 221 7.08 10.81 -15.98
CA PHE B 221 8.26 9.97 -16.04
C PHE B 221 9.55 10.80 -16.00
N LYS B 222 9.52 11.97 -16.62
CA LYS B 222 10.67 12.88 -16.58
C LYS B 222 10.90 13.30 -15.11
N ALA B 223 9.82 13.53 -14.37
CA ALA B 223 9.94 13.89 -12.95
C ALA B 223 10.57 12.80 -12.10
N GLU B 224 10.52 11.55 -12.56
CA GLU B 224 11.13 10.41 -11.89
C GLU B 224 12.49 10.09 -12.43
N GLY B 225 13.05 10.97 -13.27
CA GLY B 225 14.37 10.79 -13.89
C GLY B 225 14.43 9.87 -15.11
N ILE B 226 13.28 9.54 -15.71
CA ILE B 226 13.21 8.65 -16.88
C ILE B 226 12.81 9.50 -18.06
N ASP B 227 13.69 9.62 -19.04
CA ASP B 227 13.33 10.31 -20.29
C ASP B 227 12.71 9.30 -21.20
N ILE B 228 11.64 9.69 -21.87
CA ILE B 228 11.00 8.80 -22.82
C ILE B 228 11.52 9.21 -24.17
N TYR B 229 12.13 8.27 -24.87
CA TYR B 229 12.83 8.57 -26.13
C TYR B 229 11.81 8.68 -27.28
N ALA B 230 10.75 7.85 -27.23
CA ALA B 230 9.79 7.75 -28.32
C ALA B 230 8.44 7.18 -27.83
N VAL B 231 7.38 7.49 -28.55
CA VAL B 231 6.10 6.90 -28.33
C VAL B 231 5.48 6.50 -29.64
N THR B 232 4.45 5.62 -29.58
CA THR B 232 3.53 5.45 -30.71
C THR B 232 2.14 5.86 -30.19
N PRO B 233 1.18 6.15 -31.08
CA PRO B 233 -0.09 6.64 -30.54
C PRO B 233 -0.98 5.53 -29.96
N GLN B 234 -0.67 4.29 -30.30
CA GLN B 234 -1.52 3.13 -29.94
C GLN B 234 -0.78 1.82 -30.30
N ASN B 235 -0.68 0.92 -29.33
CA ASN B 235 -0.25 -0.44 -29.66
C ASN B 235 -1.25 -1.17 -30.57
N GLU B 236 -0.76 -1.68 -31.67
CA GLU B 236 -1.54 -2.56 -32.56
C GLU B 236 -2.94 -1.99 -32.90
N PRO B 237 -2.98 -0.79 -33.48
CA PRO B 237 -4.25 -0.08 -33.67
C PRO B 237 -5.28 -0.74 -34.57
N LEU B 238 -4.94 -1.81 -35.29
CA LEU B 238 -5.95 -2.62 -36.00
C LEU B 238 -6.48 -3.80 -35.19
N ASN B 239 -6.03 -3.99 -33.94
CA ASN B 239 -6.51 -5.08 -33.12
C ASN B 239 -7.66 -4.60 -32.22
N ARG B 240 -8.81 -5.29 -32.28
CA ARG B 240 -9.98 -4.96 -31.49
C ARG B 240 -10.10 -5.87 -30.27
N GLY B 241 -9.17 -6.84 -30.16
CA GLY B 241 -9.23 -7.86 -29.14
C GLY B 241 -8.28 -7.58 -28.02
N ASN B 242 -7.54 -8.61 -27.58
CA ASN B 242 -6.63 -8.49 -26.45
C ASN B 242 -7.43 -8.24 -25.15
N SER B 243 -6.76 -8.03 -24.02
CA SER B 243 -7.39 -7.58 -22.80
C SER B 243 -7.49 -6.05 -22.66
N ALA B 244 -6.68 -5.33 -23.45
CA ALA B 244 -6.71 -3.87 -23.56
C ALA B 244 -6.35 -3.51 -25.01
N SER B 245 -7.17 -2.69 -25.63
CA SER B 245 -7.03 -2.33 -27.04
C SER B 245 -7.87 -1.10 -27.39
N LEU B 246 -7.51 -0.47 -28.50
CA LEU B 246 -8.29 0.63 -29.10
C LEU B 246 -8.06 0.53 -30.59
N TYR B 247 -9.13 0.49 -31.37
CA TYR B 247 -9.05 0.56 -32.83
C TYR B 247 -8.79 2.01 -33.31
N MET B 248 -7.78 2.16 -34.17
CA MET B 248 -7.39 3.49 -34.72
C MET B 248 -6.90 3.31 -36.16
N GLU B 249 -7.74 3.66 -37.14
CA GLU B 249 -7.36 3.56 -38.54
C GLU B 249 -6.36 4.68 -38.88
N TRP B 250 -5.74 4.61 -40.05
CA TRP B 250 -4.65 5.55 -40.37
C TRP B 250 -5.18 7.00 -40.43
N GLU B 251 -6.41 7.18 -40.91
CA GLU B 251 -7.05 8.53 -41.02
C GLU B 251 -7.16 9.17 -39.64
N GLU B 252 -7.52 8.37 -38.65
CA GLU B 252 -7.63 8.82 -37.26
C GLU B 252 -6.29 9.13 -36.64
N GLN B 253 -5.27 8.28 -36.87
CA GLN B 253 -3.94 8.53 -36.32
C GLN B 253 -3.35 9.79 -36.95
N ARG B 254 -3.53 9.95 -38.26
CA ARG B 254 -3.19 11.15 -38.97
C ARG B 254 -3.82 12.36 -38.30
N ASP B 255 -5.13 12.33 -38.08
CA ASP B 255 -5.74 13.52 -37.48
C ASP B 255 -5.33 13.76 -36.03
N PHE B 256 -5.18 12.68 -35.28
CA PHE B 256 -4.77 12.79 -33.86
C PHE B 256 -3.35 13.39 -33.80
N VAL B 257 -2.46 12.95 -34.67
CA VAL B 257 -1.08 13.41 -34.62
C VAL B 257 -0.92 14.88 -35.06
N LYS B 258 -1.50 15.22 -36.20
CA LYS B 258 -1.35 16.56 -36.74
C LYS B 258 -2.18 17.60 -35.97
N THR B 259 -3.33 17.22 -35.41
CA THR B 259 -4.15 18.24 -34.71
C THR B 259 -3.87 18.37 -33.22
N ALA B 260 -3.21 17.40 -32.60
CA ALA B 260 -3.21 17.30 -31.15
C ALA B 260 -1.92 16.78 -30.57
N LEU B 261 -1.59 15.52 -30.87
CA LEU B 261 -0.45 14.91 -30.23
C LEU B 261 0.86 15.63 -30.62
N GLY B 262 1.09 15.76 -31.92
CA GLY B 262 2.29 16.46 -32.44
C GLY B 262 2.42 17.88 -31.89
N PRO B 263 1.37 18.71 -32.05
CA PRO B 263 1.48 20.12 -31.61
C PRO B 263 1.66 20.30 -30.09
N GLN B 264 0.99 19.47 -29.30
CA GLN B 264 1.11 19.58 -27.85
C GLN B 264 2.47 19.14 -27.32
N MET B 265 3.00 18.05 -27.89
CA MET B 265 4.28 17.54 -27.46
C MET B 265 5.34 18.57 -27.84
N LYS B 266 5.22 19.20 -29.00
CA LYS B 266 6.14 20.31 -29.43
C LYS B 266 6.05 21.48 -28.47
N ALA B 267 4.82 21.92 -28.23
CA ALA B 267 4.54 23.01 -27.29
C ALA B 267 5.10 22.77 -25.88
N ALA B 268 5.10 21.51 -25.42
CA ALA B 268 5.65 21.20 -24.11
C ALA B 268 7.18 21.17 -24.10
N GLY B 269 7.84 21.35 -25.26
CA GLY B 269 9.31 21.35 -25.33
C GLY B 269 9.89 19.94 -25.30
N LEU B 270 9.07 18.92 -25.55
CA LEU B 270 9.53 17.54 -25.48
C LEU B 270 10.25 17.17 -26.78
N SER B 271 11.36 16.44 -26.71
CA SER B 271 12.04 15.96 -27.94
C SER B 271 11.70 14.49 -28.26
N THR B 272 10.79 13.90 -27.51
CA THR B 272 10.30 12.54 -27.74
C THR B 272 9.87 12.35 -29.20
N LYS B 273 10.39 11.32 -29.85
CA LYS B 273 9.93 11.00 -31.24
C LYS B 273 8.57 10.31 -31.23
N ILE B 274 7.86 10.38 -32.36
CA ILE B 274 6.59 9.72 -32.54
C ILE B 274 6.74 8.82 -33.74
N TYR B 275 6.44 7.53 -33.55
CA TYR B 275 6.41 6.57 -34.65
C TYR B 275 4.97 6.16 -34.92
N ALA B 276 4.60 6.04 -36.19
CA ALA B 276 3.30 5.63 -36.60
C ALA B 276 3.13 4.13 -36.59
N PHE B 277 1.86 3.73 -36.51
CA PHE B 277 1.41 2.36 -36.79
C PHE B 277 1.59 1.33 -35.66
N ASP B 278 2.76 0.78 -35.46
CA ASP B 278 3.01 -0.16 -34.36
C ASP B 278 2.15 -1.43 -34.51
N HIS B 279 2.11 -1.96 -35.74
CA HIS B 279 1.41 -3.18 -35.98
C HIS B 279 2.07 -3.97 -37.12
N ASN B 280 1.37 -4.92 -37.73
CA ASN B 280 1.96 -5.98 -38.51
C ASN B 280 2.21 -5.60 -39.96
N TYR B 281 3.24 -6.22 -40.53
CA TYR B 281 3.64 -6.02 -41.92
C TYR B 281 2.53 -6.09 -42.97
N ASN B 282 1.52 -6.94 -42.73
CA ASN B 282 0.42 -7.18 -43.64
C ASN B 282 -0.78 -6.30 -43.38
N TYR B 283 -0.76 -5.44 -42.37
CA TYR B 283 -1.84 -4.53 -42.08
C TYR B 283 -3.13 -5.32 -41.78
N ASP B 284 -2.95 -6.51 -41.20
CA ASP B 284 -4.00 -7.47 -40.87
C ASP B 284 -4.87 -7.77 -42.07
N ASN B 285 -4.26 -7.67 -43.27
CA ASN B 285 -4.99 -7.83 -44.55
C ASN B 285 -6.29 -7.02 -44.61
N ILE B 286 -6.33 -5.83 -44.00
CA ILE B 286 -7.51 -4.98 -44.09
C ILE B 286 -7.25 -4.02 -45.23
N GLU B 287 -8.01 -4.17 -46.31
CA GLU B 287 -7.68 -3.43 -47.55
C GLU B 287 -7.47 -1.92 -47.38
N SER B 288 -8.44 -1.28 -46.73
CA SER B 288 -8.38 0.14 -46.52
C SER B 288 -7.17 0.61 -45.70
N GLN B 289 -6.56 -0.28 -44.92
CA GLN B 289 -5.47 0.04 -44.02
C GLN B 289 -4.10 -0.37 -44.54
N LYS B 290 -4.04 -0.93 -45.76
CA LYS B 290 -2.76 -1.19 -46.38
C LYS B 290 -1.95 0.14 -46.56
N ASN B 291 -0.63 0.01 -46.43
CA ASN B 291 0.30 1.16 -46.45
C ASN B 291 -0.06 2.22 -45.38
N TYR B 292 -0.52 1.73 -44.22
CA TYR B 292 -0.95 2.59 -43.11
C TYR B 292 -0.04 3.85 -42.87
N PRO B 293 1.25 3.67 -42.53
CA PRO B 293 2.11 4.86 -42.35
C PRO B 293 2.38 5.73 -43.59
N GLY B 294 2.51 5.12 -44.75
CA GLY B 294 2.61 5.85 -45.99
C GLY B 294 1.50 6.83 -46.26
N LYS B 295 0.27 6.37 -46.03
CA LYS B 295 -0.89 7.21 -46.20
C LYS B 295 -0.94 8.40 -45.26
N ILE B 296 -0.39 8.25 -44.05
CA ILE B 296 -0.27 9.34 -43.10
C ILE B 296 0.85 10.32 -43.55
N TYR B 297 1.97 9.77 -44.04
CA TYR B 297 3.10 10.60 -44.51
C TYR B 297 2.70 11.53 -45.66
N GLU B 298 1.74 11.09 -46.44
CA GLU B 298 1.20 11.88 -47.54
C GLU B 298 0.47 13.15 -47.11
N ASP B 299 0.17 13.27 -45.80
CA ASP B 299 -0.32 14.50 -45.21
C ASP B 299 0.84 15.21 -44.53
N ALA B 300 1.29 16.33 -45.13
CA ALA B 300 2.50 17.02 -44.64
C ALA B 300 2.36 17.53 -43.24
N ALA B 301 1.13 17.88 -42.85
CA ALA B 301 0.88 18.40 -41.52
C ALA B 301 1.02 17.31 -40.46
N ALA B 302 0.70 16.07 -40.80
CA ALA B 302 0.98 14.95 -39.88
C ALA B 302 2.42 14.53 -39.99
N SER B 303 2.88 14.37 -41.23
CA SER B 303 4.25 13.90 -41.47
C SER B 303 5.33 14.65 -40.74
N GLN B 304 5.19 15.98 -40.64
CA GLN B 304 6.18 16.81 -39.96
C GLN B 304 6.44 16.42 -38.49
N TYR B 305 5.50 15.73 -37.83
CA TYR B 305 5.65 15.25 -36.47
C TYR B 305 6.22 13.82 -36.33
N LEU B 306 6.27 13.07 -37.43
CA LEU B 306 6.51 11.63 -37.40
C LEU B 306 7.95 11.31 -37.80
N ALA B 307 8.70 10.69 -36.90
CA ALA B 307 10.02 10.19 -37.21
C ALA B 307 9.94 9.08 -38.23
N GLY B 308 8.88 8.28 -38.18
CA GLY B 308 8.85 7.11 -39.00
C GLY B 308 7.77 6.18 -38.50
N ALA B 309 8.01 4.90 -38.68
CA ALA B 309 7.00 3.86 -38.42
C ALA B 309 7.57 2.68 -37.66
N ALA B 310 6.69 2.03 -36.90
CA ALA B 310 7.06 0.96 -36.05
C ALA B 310 6.31 -0.26 -36.52
N TYR B 311 6.99 -1.40 -36.58
CA TYR B 311 6.36 -2.65 -36.97
C TYR B 311 6.46 -3.80 -35.97
N HIS B 312 5.45 -4.70 -36.03
CA HIS B 312 5.47 -6.05 -35.44
C HIS B 312 5.44 -7.10 -36.56
N ASN B 313 5.76 -8.38 -36.25
CA ASN B 313 5.82 -9.47 -37.30
C ASN B 313 4.82 -10.61 -37.10
N TYR B 314 3.66 -10.29 -36.55
CA TYR B 314 2.65 -11.32 -36.27
C TYR B 314 1.87 -11.76 -37.48
N GLY B 315 2.05 -11.06 -38.58
CA GLY B 315 1.59 -11.49 -39.89
C GLY B 315 2.27 -10.69 -40.97
N GLY B 316 2.33 -11.24 -42.17
CA GLY B 316 2.98 -10.58 -43.31
C GLY B 316 4.44 -10.86 -43.34
N ASN B 317 5.15 -10.15 -44.22
CA ASN B 317 6.54 -10.42 -44.48
C ASN B 317 7.40 -9.16 -44.33
N ARG B 318 8.59 -9.35 -43.78
CA ARG B 318 9.55 -8.26 -43.55
C ARG B 318 9.97 -7.48 -44.80
N GLU B 319 9.76 -8.08 -45.98
CA GLU B 319 9.87 -7.35 -47.23
C GLU B 319 9.11 -6.02 -47.19
N GLU B 320 7.96 -5.94 -46.48
CA GLU B 320 7.24 -4.66 -46.36
C GLU B 320 8.12 -3.49 -45.91
N LEU B 321 9.10 -3.76 -45.06
CA LEU B 321 10.05 -2.78 -44.61
C LEU B 321 10.81 -2.11 -45.76
N LEU B 322 11.26 -2.91 -46.71
CA LEU B 322 11.92 -2.40 -47.92
C LEU B 322 10.97 -1.59 -48.79
N ASN B 323 9.72 -2.02 -48.93
CA ASN B 323 8.71 -1.28 -49.68
C ASN B 323 8.53 0.09 -49.09
N ILE B 324 8.32 0.14 -47.77
CA ILE B 324 8.14 1.42 -47.06
C ILE B 324 9.40 2.29 -47.12
N HIS B 325 10.56 1.69 -46.89
CA HIS B 325 11.80 2.46 -46.99
C HIS B 325 11.99 3.04 -48.39
N GLN B 326 11.78 2.21 -49.44
CA GLN B 326 11.98 2.71 -50.80
C GLN B 326 11.05 3.89 -51.13
N ALA B 327 9.80 3.82 -50.68
CA ALA B 327 8.82 4.88 -50.91
C ALA B 327 9.09 6.14 -50.12
N TYR B 328 9.55 5.98 -48.88
CA TYR B 328 9.67 7.08 -47.97
C TYR B 328 11.03 6.96 -47.25
N PRO B 329 12.14 7.18 -48.01
CA PRO B 329 13.50 6.91 -47.51
C PRO B 329 14.01 7.88 -46.49
N GLU B 330 13.32 9.00 -46.26
CA GLU B 330 13.70 9.85 -45.17
C GLU B 330 12.91 9.56 -43.88
N LYS B 331 12.02 8.57 -43.86
CA LYS B 331 11.29 8.17 -42.66
C LYS B 331 11.99 6.95 -42.05
N GLU B 332 12.10 6.95 -40.73
CA GLU B 332 12.74 5.90 -40.00
C GLU B 332 11.79 4.66 -39.87
N LEU B 333 12.43 3.53 -39.66
CA LEU B 333 11.79 2.24 -39.35
C LEU B 333 12.31 1.72 -38.01
N LEU B 334 11.41 1.12 -37.22
CA LEU B 334 11.79 0.54 -35.96
C LEU B 334 10.97 -0.75 -35.80
N PHE B 335 11.65 -1.81 -35.37
CA PHE B 335 10.99 -3.08 -35.02
C PHE B 335 10.71 -3.15 -33.52
N THR B 336 9.42 -3.10 -33.14
CA THR B 336 9.00 -2.86 -31.73
C THR B 336 8.31 -4.02 -30.97
N GLU B 337 7.94 -5.07 -31.65
CA GLU B 337 7.37 -6.23 -30.91
C GLU B 337 7.35 -7.49 -31.70
N THR B 338 7.85 -8.55 -31.07
CA THR B 338 7.54 -9.94 -31.47
C THR B 338 7.48 -10.83 -30.25
N SER B 339 6.86 -12.02 -30.36
CA SER B 339 6.62 -12.90 -29.22
C SER B 339 6.96 -14.36 -29.54
N ILE B 340 7.38 -15.07 -28.50
CA ILE B 340 7.48 -16.51 -28.55
C ILE B 340 6.44 -17.14 -27.62
N GLY B 341 5.93 -18.31 -27.96
CA GLY B 341 4.86 -18.89 -27.16
C GLY B 341 4.55 -20.32 -27.51
N THR B 342 3.45 -20.82 -26.96
CA THR B 342 3.07 -22.20 -27.29
C THR B 342 2.83 -22.36 -28.82
N TRP B 343 2.32 -21.32 -29.46
CA TRP B 343 2.03 -21.32 -30.93
C TRP B 343 3.26 -21.45 -31.89
N ASN B 344 4.48 -21.32 -31.39
CA ASN B 344 5.66 -21.42 -32.23
C ASN B 344 6.84 -22.11 -31.57
N SER B 345 6.53 -23.01 -30.65
CA SER B 345 7.54 -23.82 -29.95
C SER B 345 8.61 -22.94 -29.33
N GLY B 346 8.13 -21.90 -28.66
CA GLY B 346 8.92 -20.82 -28.16
C GLY B 346 10.06 -21.18 -27.25
N ARG B 347 9.92 -22.30 -26.50
CA ARG B 347 10.99 -22.76 -25.61
C ARG B 347 11.99 -23.70 -26.28
N ASP B 348 11.77 -24.06 -27.54
CA ASP B 348 12.68 -24.96 -28.20
C ASP B 348 13.66 -24.19 -29.08
N LEU B 349 14.87 -24.02 -28.57
CA LEU B 349 15.93 -23.20 -29.23
C LEU B 349 16.34 -23.81 -30.56
N SER B 350 16.26 -25.15 -30.67
CA SER B 350 16.54 -25.82 -31.94
C SER B 350 15.57 -25.45 -33.02
N LYS B 351 14.36 -25.04 -32.64
CA LYS B 351 13.35 -24.63 -33.61
C LYS B 351 13.30 -23.12 -33.83
N ARG B 352 13.82 -22.35 -32.88
CA ARG B 352 13.61 -20.91 -32.85
C ARG B 352 14.86 -20.06 -33.14
N LEU B 353 16.06 -20.45 -32.70
CA LEU B 353 17.22 -19.54 -32.75
C LEU B 353 17.50 -19.01 -34.14
N MET B 354 17.52 -19.94 -35.10
CA MET B 354 17.85 -19.65 -36.46
C MET B 354 16.80 -18.74 -37.12
N GLU B 355 15.57 -19.16 -37.05
CA GLU B 355 14.49 -18.45 -37.66
C GLU B 355 14.30 -17.05 -37.04
N ASP B 356 14.44 -16.90 -35.71
CA ASP B 356 14.30 -15.61 -35.05
C ASP B 356 15.49 -14.71 -35.36
N MET B 357 16.68 -15.26 -35.40
CA MET B 357 17.80 -14.44 -35.78
C MET B 357 17.67 -13.96 -37.22
N GLU B 358 17.24 -14.85 -38.11
CA GLU B 358 17.02 -14.46 -39.50
C GLU B 358 15.89 -13.45 -39.68
N GLU B 359 14.74 -13.72 -39.08
CA GLU B 359 13.55 -12.95 -39.36
C GLU B 359 13.38 -11.71 -38.53
N VAL B 360 13.71 -11.77 -37.24
CA VAL B 360 13.52 -10.67 -36.30
C VAL B 360 14.77 -9.77 -36.16
N ALA B 361 15.95 -10.36 -36.08
CA ALA B 361 17.17 -9.62 -35.76
C ALA B 361 17.82 -9.10 -37.01
N LEU B 362 18.53 -9.96 -37.75
CA LEU B 362 19.21 -9.43 -38.96
C LEU B 362 18.20 -9.11 -40.06
N GLY B 363 17.07 -9.80 -40.07
CA GLY B 363 16.10 -9.59 -41.15
C GLY B 363 15.47 -8.20 -41.13
N THR B 364 15.27 -7.65 -39.93
CA THR B 364 14.68 -6.31 -39.83
C THR B 364 15.76 -5.20 -40.01
N ILE B 365 16.94 -5.40 -39.42
CA ILE B 365 18.10 -4.47 -39.53
C ILE B 365 18.59 -4.27 -40.98
N ASN B 366 18.65 -5.39 -41.70
CA ASN B 366 19.04 -5.35 -43.09
C ASN B 366 17.99 -4.74 -43.97
N ASN B 367 16.76 -4.62 -43.43
CA ASN B 367 15.66 -3.88 -44.07
C ASN B 367 15.41 -2.52 -43.39
N TRP B 368 16.45 -1.88 -42.85
CA TRP B 368 16.48 -0.49 -42.46
C TRP B 368 16.05 -0.20 -41.01
N CYS B 369 15.56 -1.19 -40.26
CA CYS B 369 15.14 -0.94 -38.86
C CYS B 369 16.33 -0.45 -38.01
N LYS B 370 16.09 0.63 -37.26
CA LYS B 370 17.07 1.23 -36.37
C LYS B 370 17.17 0.54 -35.03
N GLY B 371 16.27 -0.42 -34.75
CA GLY B 371 16.32 -1.10 -33.48
C GLY B 371 15.38 -2.27 -33.51
N VAL B 372 15.59 -3.18 -32.57
CA VAL B 372 14.81 -4.44 -32.48
C VAL B 372 14.46 -4.59 -31.05
N ILE B 373 13.16 -4.67 -30.78
CA ILE B 373 12.68 -4.83 -29.45
C ILE B 373 11.67 -5.98 -29.40
N VAL B 374 11.95 -6.95 -28.55
CA VAL B 374 11.03 -8.10 -28.40
C VAL B 374 10.00 -7.76 -27.31
N TRP B 375 9.11 -8.72 -26.96
CA TRP B 375 8.05 -8.43 -26.01
C TRP B 375 8.57 -8.77 -24.59
N ASN B 376 7.79 -9.40 -23.70
CA ASN B 376 8.21 -9.54 -22.27
C ASN B 376 9.65 -10.01 -22.14
N LEU B 377 10.45 -9.27 -21.35
CA LEU B 377 11.80 -9.74 -20.95
C LEU B 377 11.74 -11.03 -20.14
N MET B 378 10.76 -11.13 -19.25
CA MET B 378 10.74 -12.17 -18.22
C MET B 378 9.30 -12.56 -17.85
N LEU B 379 9.00 -13.82 -18.00
CA LEU B 379 7.75 -14.39 -17.53
C LEU B 379 8.12 -15.56 -16.71
N ASP B 380 7.19 -16.06 -15.90
CA ASP B 380 7.48 -17.28 -15.14
C ASP B 380 7.17 -18.50 -15.98
N ASN B 381 7.46 -19.67 -15.43
CA ASN B 381 7.23 -20.93 -16.10
C ASN B 381 5.74 -21.27 -16.35
N ASP B 382 4.83 -20.60 -15.67
CA ASP B 382 3.42 -20.61 -15.98
C ASP B 382 2.97 -19.46 -16.88
N ARG B 383 3.89 -18.81 -17.60
CA ARG B 383 3.56 -17.89 -18.68
C ARG B 383 2.89 -16.62 -18.21
N GLY B 384 3.22 -16.25 -16.98
CA GLY B 384 2.58 -15.16 -16.31
C GLY B 384 3.48 -14.31 -15.38
N PRO B 385 2.87 -13.36 -14.69
CA PRO B 385 1.40 -13.16 -14.62
C PRO B 385 0.78 -12.73 -15.95
N ASN B 386 -0.45 -13.12 -16.19
CA ASN B 386 -1.13 -12.74 -17.45
C ASN B 386 -2.58 -12.33 -17.18
N ARG B 387 -3.35 -12.01 -18.23
CA ARG B 387 -4.73 -11.47 -18.11
C ARG B 387 -5.71 -12.23 -18.96
N GLU B 388 -6.94 -12.47 -18.44
CA GLU B 388 -7.95 -13.12 -19.21
C GLU B 388 -8.21 -12.28 -20.41
N GLY B 389 -8.30 -12.92 -21.57
CA GLY B 389 -8.48 -12.21 -22.85
C GLY B 389 -7.17 -11.68 -23.46
N GLY B 390 -6.11 -11.59 -22.65
CA GLY B 390 -4.72 -11.32 -23.16
C GLY B 390 -3.99 -12.62 -23.55
N CYS B 391 -2.70 -12.51 -23.83
CA CYS B 391 -1.91 -13.67 -24.23
C CYS B 391 -1.68 -14.48 -22.99
N GLN B 392 -2.16 -15.70 -23.02
CA GLN B 392 -1.96 -16.64 -21.96
C GLN B 392 -1.15 -17.79 -22.45
N THR B 393 -0.55 -17.62 -23.64
CA THR B 393 0.25 -18.66 -24.26
C THR B 393 1.69 -18.22 -24.54
N CYS B 394 2.09 -17.09 -23.96
CA CYS B 394 3.39 -16.50 -24.19
C CYS B 394 4.48 -17.00 -23.26
N TYR B 395 5.73 -16.94 -23.75
CA TYR B 395 6.91 -17.20 -22.93
C TYR B 395 7.70 -15.89 -22.93
N GLY B 396 8.57 -15.72 -21.98
CA GLY B 396 9.43 -14.52 -21.94
C GLY B 396 10.65 -14.71 -22.73
N ALA B 397 11.35 -13.59 -22.98
CA ALA B 397 12.68 -13.70 -23.53
C ALA B 397 13.56 -14.59 -22.67
N VAL B 398 13.46 -14.45 -21.34
CA VAL B 398 13.82 -15.52 -20.40
C VAL B 398 12.55 -16.03 -19.60
N ASP B 399 12.58 -17.28 -19.12
CA ASP B 399 11.56 -17.81 -18.21
C ASP B 399 12.22 -17.98 -16.84
N ILE B 400 11.59 -17.46 -15.81
CA ILE B 400 12.07 -17.69 -14.40
C ILE B 400 11.18 -18.72 -13.71
N ASN B 401 11.79 -19.51 -12.82
CA ASN B 401 11.03 -20.55 -12.14
C ASN B 401 10.31 -19.93 -10.97
N ASN B 402 9.01 -20.20 -10.81
CA ASN B 402 8.24 -19.53 -9.74
C ASN B 402 8.21 -20.29 -8.38
N SER B 403 8.96 -21.41 -8.26
CA SER B 403 9.25 -22.04 -6.97
C SER B 403 10.46 -21.50 -6.31
N ASP B 404 11.40 -20.95 -7.07
CA ASP B 404 12.56 -20.39 -6.46
C ASP B 404 12.89 -18.94 -6.80
N TYR B 405 12.26 -18.36 -7.82
CA TYR B 405 12.65 -17.01 -8.31
C TYR B 405 14.16 -16.75 -8.40
N LYS B 406 14.85 -17.78 -8.86
CA LYS B 406 16.28 -17.76 -9.07
C LYS B 406 16.72 -18.45 -10.39
N THR B 407 16.15 -19.59 -10.69
CA THR B 407 16.54 -20.36 -11.87
C THR B 407 15.92 -19.69 -13.10
N ILE B 408 16.77 -19.15 -13.98
CA ILE B 408 16.32 -18.52 -15.21
C ILE B 408 16.82 -19.30 -16.41
N ILE B 409 15.94 -19.48 -17.40
CA ILE B 409 16.26 -20.11 -18.69
C ILE B 409 16.09 -19.10 -19.80
N ARG B 410 17.17 -18.89 -20.56
CA ARG B 410 17.19 -18.07 -21.74
C ARG B 410 16.50 -18.76 -22.91
N ASN B 411 15.61 -18.01 -23.59
CA ASN B 411 14.90 -18.44 -24.78
C ASN B 411 15.44 -17.69 -25.96
N SER B 412 14.98 -18.03 -27.17
CA SER B 412 15.59 -17.47 -28.36
C SER B 412 15.78 -15.94 -28.35
N HIS B 413 14.75 -15.26 -27.85
CA HIS B 413 14.70 -13.82 -27.87
C HIS B 413 15.85 -13.20 -27.12
N TYR B 414 16.20 -13.75 -25.95
CA TYR B 414 17.31 -13.24 -25.20
C TYR B 414 18.62 -13.33 -26.02
N TYR B 415 18.82 -14.46 -26.68
CA TYR B 415 19.96 -14.66 -27.53
C TYR B 415 20.02 -13.70 -28.70
N ILE B 416 18.89 -13.57 -29.41
CA ILE B 416 18.93 -12.74 -30.60
C ILE B 416 19.25 -11.28 -30.30
N ILE B 417 18.72 -10.77 -29.20
CA ILE B 417 18.99 -9.41 -28.79
C ILE B 417 20.43 -9.32 -28.25
N ALA B 418 20.85 -10.28 -27.40
CA ALA B 418 22.19 -10.24 -26.86
C ALA B 418 23.24 -10.27 -27.96
N HIS B 419 22.98 -11.05 -28.99
CA HIS B 419 23.91 -11.09 -30.12
C HIS B 419 24.04 -9.76 -30.92
N LEU B 420 23.04 -8.89 -30.84
CA LEU B 420 23.12 -7.54 -31.42
C LEU B 420 23.72 -6.62 -30.41
N SER B 421 23.11 -6.51 -29.23
CA SER B 421 23.51 -5.45 -28.30
C SER B 421 24.95 -5.61 -27.74
N SER B 422 25.46 -6.83 -27.66
CA SER B 422 26.79 -7.05 -27.11
C SER B 422 27.88 -6.33 -27.91
N VAL B 423 27.70 -6.25 -29.23
CA VAL B 423 28.69 -5.65 -30.13
C VAL B 423 28.24 -4.40 -30.90
N VAL B 424 26.91 -4.23 -31.11
CA VAL B 424 26.34 -3.09 -31.82
C VAL B 424 25.83 -2.10 -30.78
N LYS B 425 26.59 -1.00 -30.61
CA LYS B 425 26.29 -0.01 -29.62
C LYS B 425 25.46 1.14 -30.19
N PRO B 426 24.73 1.85 -29.33
CA PRO B 426 23.95 3.00 -29.78
C PRO B 426 24.83 3.98 -30.58
N GLY B 427 24.27 4.48 -31.67
CA GLY B 427 24.93 5.38 -32.57
C GLY B 427 25.64 4.69 -33.69
N ALA B 428 25.69 3.35 -33.71
CA ALA B 428 26.47 2.63 -34.75
C ALA B 428 25.74 2.83 -36.05
N VAL B 429 26.47 2.71 -37.15
CA VAL B 429 25.92 2.86 -38.46
C VAL B 429 26.04 1.50 -39.12
N ARG B 430 24.96 1.00 -39.70
CA ARG B 430 25.06 -0.20 -40.46
C ARG B 430 25.83 0.13 -41.75
N ILE B 431 26.72 -0.78 -42.13
CA ILE B 431 27.53 -0.63 -43.34
C ILE B 431 27.38 -1.87 -44.22
N ALA B 432 27.74 -1.73 -45.49
CA ALA B 432 27.57 -2.83 -46.43
C ALA B 432 28.68 -3.86 -46.29
N THR B 433 28.34 -5.10 -46.65
CA THR B 433 29.27 -6.17 -46.88
C THR B 433 29.25 -6.65 -48.33
N THR B 434 30.37 -7.21 -48.76
CA THR B 434 30.43 -7.93 -50.01
C THR B 434 31.21 -9.21 -49.83
N GLY B 435 31.14 -10.09 -50.81
CA GLY B 435 31.86 -11.38 -50.80
C GLY B 435 30.93 -12.52 -51.11
N TYR B 436 31.48 -13.73 -51.16
CA TYR B 436 30.72 -14.87 -51.68
C TYR B 436 29.48 -15.25 -50.84
N THR B 437 28.31 -14.97 -51.43
CA THR B 437 26.99 -15.31 -50.85
C THR B 437 26.79 -16.83 -50.68
N ASP B 438 27.38 -17.39 -49.62
CA ASP B 438 27.32 -18.83 -49.34
C ASP B 438 25.96 -19.25 -48.72
N ASN B 439 25.50 -20.45 -49.06
CA ASN B 439 24.10 -20.89 -48.76
C ASN B 439 23.88 -21.04 -47.26
N GLY B 440 22.77 -20.45 -46.77
CA GLY B 440 22.44 -20.45 -45.33
C GLY B 440 23.14 -19.41 -44.45
N ILE B 441 23.98 -18.56 -45.04
CA ILE B 441 24.72 -17.55 -44.30
C ILE B 441 23.98 -16.22 -44.45
N THR B 442 23.78 -15.52 -43.33
CA THR B 442 23.20 -14.15 -43.34
C THR B 442 24.10 -13.33 -42.44
N CYS B 443 24.35 -12.07 -42.78
CA CYS B 443 25.17 -11.28 -41.87
C CYS B 443 24.81 -9.82 -41.92
N SER B 444 25.22 -9.10 -40.89
CA SER B 444 25.19 -7.61 -40.84
C SER B 444 26.49 -7.04 -40.24
N ALA B 445 26.88 -5.88 -40.75
CA ALA B 445 28.16 -5.25 -40.35
C ALA B 445 27.85 -3.82 -39.94
N PHE B 446 28.50 -3.36 -38.88
CA PHE B 446 28.31 -1.99 -38.38
C PHE B 446 29.65 -1.33 -38.05
N GLU B 447 29.60 -0.02 -38.00
CA GLU B 447 30.65 0.74 -37.41
C GLU B 447 30.17 1.52 -36.20
N ASN B 448 30.74 1.22 -35.03
CA ASN B 448 30.43 1.92 -33.81
C ASN B 448 31.12 3.31 -33.77
N THR B 449 30.55 4.19 -32.93
CA THR B 449 31.10 5.51 -32.76
C THR B 449 32.40 5.48 -31.98
N ASP B 450 32.79 4.34 -31.37
CA ASP B 450 34.06 4.27 -30.62
C ASP B 450 35.29 3.76 -31.42
N GLY B 451 35.18 3.71 -32.74
CA GLY B 451 36.23 3.16 -33.55
C GLY B 451 36.28 1.64 -33.68
N THR B 452 35.22 0.93 -33.27
CA THR B 452 35.16 -0.52 -33.45
C THR B 452 34.14 -0.94 -34.52
N TYR B 453 34.50 -1.96 -35.29
CA TYR B 453 33.56 -2.61 -36.17
C TYR B 453 32.80 -3.70 -35.39
N ALA B 454 31.59 -3.99 -35.82
CA ALA B 454 30.79 -5.10 -35.27
C ALA B 454 30.31 -5.90 -36.44
N PHE B 455 30.20 -7.23 -36.24
CA PHE B 455 29.80 -8.12 -37.29
C PHE B 455 28.97 -9.23 -36.62
N VAL B 456 27.85 -9.55 -37.20
CA VAL B 456 26.92 -10.56 -36.68
C VAL B 456 26.59 -11.48 -37.80
N LEU B 457 26.76 -12.77 -37.59
CA LEU B 457 26.62 -13.73 -38.67
C LEU B 457 25.83 -14.95 -38.19
N ILE B 458 24.96 -15.45 -39.06
CA ILE B 458 24.11 -16.62 -38.80
C ILE B 458 24.56 -17.69 -39.76
N ASN B 459 24.97 -18.85 -39.22
CA ASN B 459 25.29 -20.01 -40.10
C ASN B 459 24.18 -21.05 -39.92
N ASN B 460 23.16 -20.99 -40.77
CA ASN B 460 21.98 -21.86 -40.66
C ASN B 460 22.22 -23.11 -41.52
N ASN B 461 23.25 -23.86 -41.15
CA ASN B 461 23.69 -25.07 -41.89
C ASN B 461 24.14 -25.98 -40.78
N GLU B 462 24.00 -27.29 -40.99
CA GLU B 462 24.57 -28.29 -40.08
C GLU B 462 26.08 -28.24 -40.01
N LYS B 463 26.73 -27.97 -41.14
CA LYS B 463 28.19 -27.96 -41.17
C LYS B 463 28.73 -26.65 -40.67
N SER B 464 29.90 -26.73 -40.03
CA SER B 464 30.72 -25.53 -39.78
C SER B 464 31.21 -24.90 -41.09
N LYS B 465 31.52 -23.60 -41.09
CA LYS B 465 32.08 -22.89 -42.25
C LYS B 465 33.24 -22.06 -41.78
N LYS B 466 34.35 -22.12 -42.50
CA LYS B 466 35.43 -21.22 -42.26
C LYS B 466 35.14 -19.93 -43.00
N ILE B 467 35.24 -18.83 -42.30
CA ILE B 467 35.09 -17.54 -42.94
C ILE B 467 36.37 -16.74 -42.77
N THR B 468 36.60 -15.80 -43.68
CA THR B 468 37.54 -14.74 -43.43
C THR B 468 36.77 -13.46 -43.54
N VAL B 469 37.10 -12.54 -42.64
CA VAL B 469 36.52 -11.20 -42.61
C VAL B 469 37.62 -10.18 -42.75
N SER B 470 37.46 -9.27 -43.70
CA SER B 470 38.40 -8.17 -43.90
C SER B 470 37.65 -6.83 -43.75
N ASP B 471 38.29 -5.86 -43.12
CA ASP B 471 37.78 -4.48 -43.05
C ASP B 471 38.54 -3.51 -43.99
N GLY B 472 39.37 -4.06 -44.87
CA GLY B 472 40.23 -3.26 -45.77
C GLY B 472 41.63 -2.95 -45.25
N GLN B 473 41.86 -3.09 -43.95
CA GLN B 473 43.18 -2.94 -43.35
C GLN B 473 43.69 -4.23 -42.69
N ARG B 474 42.84 -4.93 -41.95
CA ARG B 474 43.22 -6.20 -41.34
C ARG B 474 42.10 -7.21 -41.55
N HIS B 475 42.41 -8.46 -41.24
CA HIS B 475 41.49 -9.55 -41.46
C HIS B 475 41.72 -10.62 -40.43
N PHE B 476 40.66 -11.38 -40.21
CA PHE B 476 40.69 -12.50 -39.31
C PHE B 476 39.90 -13.63 -39.91
N ALA B 477 40.13 -14.83 -39.39
CA ALA B 477 39.35 -15.98 -39.84
C ALA B 477 38.82 -16.73 -38.66
N TYR B 478 37.72 -17.44 -38.89
CA TYR B 478 37.06 -18.22 -37.84
C TYR B 478 36.30 -19.35 -38.43
N ASP B 479 36.33 -20.48 -37.72
CA ASP B 479 35.53 -21.62 -38.05
C ASP B 479 34.19 -21.50 -37.31
N VAL B 480 33.18 -21.12 -38.05
CA VAL B 480 31.88 -20.81 -37.48
C VAL B 480 31.10 -22.13 -37.29
N PRO B 481 30.71 -22.48 -36.06
CA PRO B 481 29.97 -23.77 -35.90
C PRO B 481 28.67 -23.85 -36.61
N GLY B 482 28.19 -25.06 -36.79
CA GLY B 482 26.89 -25.29 -37.34
C GLY B 482 25.82 -24.63 -36.50
N LYS B 483 24.74 -24.23 -37.17
CA LYS B 483 23.50 -23.76 -36.51
C LYS B 483 23.82 -22.75 -35.45
N SER B 484 24.60 -21.71 -35.83
CA SER B 484 25.12 -20.80 -34.84
C SER B 484 24.82 -19.35 -35.18
N VAL B 485 24.86 -18.52 -34.14
CA VAL B 485 24.95 -17.09 -34.29
C VAL B 485 26.27 -16.69 -33.68
N THR B 486 27.03 -15.84 -34.40
CA THR B 486 28.33 -15.38 -33.92
C THR B 486 28.36 -13.86 -34.02
N SER B 487 28.79 -13.22 -32.93
CA SER B 487 29.05 -11.75 -32.95
C SER B 487 30.47 -11.42 -32.72
N TYR B 488 30.97 -10.42 -33.45
CA TYR B 488 32.41 -10.11 -33.50
C TYR B 488 32.54 -8.62 -33.30
N ARG B 489 33.51 -8.19 -32.49
CA ARG B 489 33.87 -6.78 -32.40
C ARG B 489 35.38 -6.62 -32.40
N TRP B 490 35.83 -5.57 -33.07
CA TRP B 490 37.26 -5.29 -33.12
C TRP B 490 37.54 -3.84 -33.52
N ALA B 491 38.74 -3.40 -33.18
CA ALA B 491 39.15 -2.01 -33.42
C ALA B 491 39.52 -1.78 -34.89
N LYS B 492 39.04 -0.67 -35.41
CA LYS B 492 39.41 -0.21 -36.75
C LYS B 492 40.90 0.23 -36.72
N SER B 493 41.60 0.08 -37.83
CA SER B 493 43.00 0.57 -37.91
C SER B 493 43.03 2.05 -38.29
N GLY C 35 12.92 -10.28 29.43
CA GLY C 35 13.60 -10.11 30.77
C GLY C 35 12.83 -9.33 31.83
N ASP C 36 13.46 -9.03 32.97
CA ASP C 36 12.80 -8.26 34.05
C ASP C 36 12.67 -6.77 33.74
N VAL C 37 13.67 -6.25 33.05
CA VAL C 37 13.82 -4.84 32.76
C VAL C 37 13.83 -4.59 31.25
N ALA C 38 12.85 -3.84 30.73
CA ALA C 38 12.83 -3.46 29.31
C ALA C 38 13.76 -2.26 29.10
N ILE C 39 14.57 -2.27 28.03
CA ILE C 39 15.54 -1.18 27.71
C ILE C 39 15.38 -0.67 26.27
N TYR C 40 15.58 0.65 26.06
CA TYR C 40 15.77 1.28 24.73
C TYR C 40 17.00 2.12 24.72
N THR C 41 17.82 2.03 23.68
CA THR C 41 19.12 2.71 23.66
C THR C 41 19.32 3.44 22.35
N THR C 42 19.78 4.68 22.39
CA THR C 42 20.20 5.37 21.19
C THR C 42 21.54 5.91 21.47
N THR C 43 22.44 5.75 20.51
CA THR C 43 23.77 6.34 20.57
C THR C 43 23.88 7.49 19.59
N SER C 44 24.79 8.39 19.90
CA SER C 44 25.10 9.49 19.01
C SER C 44 25.47 9.09 17.56
N SER C 45 26.11 7.92 17.40
CA SER C 45 26.61 7.43 16.11
C SER C 45 25.60 6.56 15.38
N LEU C 46 24.44 6.34 15.99
CA LEU C 46 23.40 5.43 15.51
C LEU C 46 23.85 3.98 15.40
N THR C 47 24.76 3.55 16.27
CA THR C 47 25.02 2.13 16.45
C THR C 47 23.84 1.53 17.21
N ARG C 48 23.16 2.38 17.97
CA ARG C 48 21.91 2.02 18.56
C ARG C 48 20.94 3.14 18.14
N ASP C 49 19.70 2.75 17.86
CA ASP C 49 18.70 3.61 17.19
C ASP C 49 17.34 3.21 17.76
N LEU C 50 17.05 3.71 18.98
CA LEU C 50 15.94 3.20 19.79
C LEU C 50 15.86 1.68 19.76
N THR C 51 17.02 1.05 19.84
CA THR C 51 17.15 -0.40 19.81
C THR C 51 16.65 -0.96 21.14
N ARG C 52 15.80 -1.99 21.07
CA ARG C 52 15.28 -2.67 22.24
C ARG C 52 16.35 -3.58 22.84
N ASP C 53 16.44 -3.63 24.18
CA ASP C 53 17.23 -4.65 24.89
C ASP C 53 16.46 -5.12 26.15
N ALA C 54 17.02 -6.06 26.89
CA ALA C 54 16.53 -6.43 28.23
C ALA C 54 17.68 -6.84 29.15
N VAL C 55 17.39 -6.85 30.44
CA VAL C 55 18.23 -7.44 31.48
C VAL C 55 17.38 -7.99 32.64
N ASN C 56 18.02 -8.75 33.53
CA ASN C 56 17.35 -9.37 34.67
C ASN C 56 17.95 -8.85 35.97
N PHE C 57 17.21 -9.01 37.05
CA PHE C 57 17.66 -8.50 38.34
C PHE C 57 18.82 -9.34 38.82
N SER C 58 19.66 -8.77 39.67
CA SER C 58 20.93 -9.37 40.06
C SER C 58 20.93 -9.79 41.53
N THR C 66 29.01 1.76 42.75
CA THR C 66 28.54 2.27 41.45
C THR C 66 27.00 2.10 41.25
N THR C 67 26.25 2.18 42.35
CA THR C 67 24.80 1.97 42.38
C THR C 67 24.03 3.32 42.40
N ILE C 68 23.04 3.49 41.52
CA ILE C 68 22.12 4.62 41.61
C ILE C 68 20.84 4.10 42.26
N THR C 69 20.41 4.77 43.33
CA THR C 69 19.30 4.28 44.14
C THR C 69 18.11 5.16 43.94
N LEU C 70 16.94 4.54 43.77
CA LEU C 70 15.67 5.24 43.57
C LEU C 70 14.95 5.26 44.91
N ASN C 71 14.47 6.45 45.30
CA ASN C 71 13.68 6.57 46.52
C ASN C 71 12.25 6.91 46.14
N PRO C 72 11.38 5.90 45.97
CA PRO C 72 9.96 6.16 45.63
C PRO C 72 9.18 7.03 46.64
N ALA C 73 9.62 7.03 47.90
CA ALA C 73 8.98 7.85 48.93
C ALA C 73 9.28 9.35 48.77
N GLU C 74 10.37 9.73 48.10
CA GLU C 74 10.72 11.13 47.86
C GLU C 74 10.21 11.56 46.46
N GLN C 75 9.03 12.19 46.42
CA GLN C 75 8.27 12.44 45.18
C GLN C 75 8.28 13.89 44.74
N TYR C 76 8.31 14.12 43.43
CA TYR C 76 8.28 15.47 42.89
C TYR C 76 6.96 15.61 42.12
N GLN C 77 7.03 16.11 40.88
CA GLN C 77 5.87 16.36 40.06
C GLN C 77 5.39 15.10 39.38
N THR C 78 4.12 15.11 39.05
CA THR C 78 3.46 14.10 38.25
C THR C 78 3.61 14.44 36.75
N MET C 79 3.78 13.42 35.92
CA MET C 79 4.07 13.64 34.51
C MET C 79 2.79 13.51 33.69
N ASP C 80 2.55 14.50 32.86
CA ASP C 80 1.37 14.51 32.00
C ASP C 80 1.66 13.82 30.67
N GLY C 81 2.80 14.09 30.06
CA GLY C 81 3.20 13.41 28.82
C GLY C 81 4.26 14.13 28.01
N PHE C 82 4.58 13.60 26.83
CA PHE C 82 5.69 14.09 26.00
C PHE C 82 5.32 13.92 24.52
N GLY C 83 5.73 14.84 23.66
CA GLY C 83 5.31 14.80 22.27
C GLY C 83 5.84 15.88 21.40
N ALA C 84 5.03 16.23 20.40
CA ALA C 84 5.46 17.20 19.41
C ALA C 84 4.23 17.95 18.90
N ALA C 85 4.46 18.94 18.05
CA ALA C 85 3.39 19.76 17.52
C ALA C 85 2.83 19.14 16.24
N ILE C 86 1.50 18.96 16.18
CA ILE C 86 0.83 18.52 14.96
C ILE C 86 0.40 19.79 14.23
N THR C 87 1.33 20.38 13.50
CA THR C 87 1.09 21.58 12.73
C THR C 87 0.45 21.28 11.35
N GLY C 88 0.01 22.34 10.67
CA GLY C 88 -0.52 22.18 9.31
C GLY C 88 0.47 21.53 8.37
N SER C 89 1.73 21.97 8.43
CA SER C 89 2.79 21.42 7.61
C SER C 89 3.07 19.94 7.89
N THR C 90 3.10 19.60 9.19
CA THR C 90 3.16 18.21 9.64
C THR C 90 2.04 17.37 8.98
N CYS C 91 0.82 17.87 9.06
CA CYS C 91 -0.33 17.13 8.49
C CYS C 91 -0.29 17.03 6.96
N TYR C 92 0.24 18.06 6.30
CA TYR C 92 0.38 18.07 4.83
C TYR C 92 1.32 16.94 4.43
N ASN C 93 2.43 16.84 5.16
CA ASN C 93 3.48 15.87 4.87
C ASN C 93 2.94 14.46 5.11
N LEU C 94 2.28 14.25 6.25
CA LEU C 94 1.65 12.97 6.59
C LEU C 94 0.63 12.50 5.54
N LEU C 95 -0.21 13.42 5.08
CA LEU C 95 -1.33 13.07 4.18
C LEU C 95 -0.93 12.81 2.72
N LEU C 96 0.30 13.14 2.36
CA LEU C 96 0.88 12.80 1.05
C LEU C 96 1.62 11.44 1.06
N MET C 97 1.91 10.89 2.24
CA MET C 97 2.36 9.51 2.33
C MET C 97 1.26 8.54 1.88
N LYS C 98 1.68 7.34 1.45
CA LYS C 98 0.70 6.24 1.35
C LYS C 98 0.03 6.02 2.71
N PRO C 99 -1.29 5.74 2.73
CA PRO C 99 -2.00 5.64 4.02
C PRO C 99 -1.35 4.68 5.03
N ALA C 100 -0.97 3.50 4.54
CA ALA C 100 -0.43 2.48 5.44
C ALA C 100 0.92 2.93 6.04
N ASP C 101 1.73 3.55 5.21
CA ASP C 101 2.99 4.16 5.66
C ASP C 101 2.71 5.28 6.69
N ARG C 102 1.68 6.09 6.45
CA ARG C 102 1.29 7.09 7.44
C ARG C 102 0.92 6.43 8.75
N HIS C 103 -0.02 5.49 8.67
CA HIS C 103 -0.51 4.81 9.83
C HIS C 103 0.61 4.10 10.57
N ALA C 104 1.59 3.54 9.85
CA ALA C 104 2.69 2.88 10.50
C ALA C 104 3.54 3.85 11.29
N PHE C 105 3.83 5.02 10.71
CA PHE C 105 4.61 6.03 11.40
C PHE C 105 3.86 6.51 12.62
N LEU C 106 2.57 6.82 12.42
CA LEU C 106 1.73 7.29 13.55
C LEU C 106 1.63 6.26 14.67
N THR C 107 1.56 4.96 14.31
CA THR C 107 1.48 3.86 15.27
C THR C 107 2.78 3.72 16.03
N GLU C 108 3.90 3.76 15.30
CA GLU C 108 5.22 3.77 15.89
C GLU C 108 5.38 4.92 16.88
N THR C 109 4.87 6.10 16.53
CA THR C 109 5.05 7.30 17.35
C THR C 109 4.17 7.38 18.62
N PHE C 110 2.88 7.10 18.40
CA PHE C 110 1.83 7.41 19.34
C PHE C 110 1.22 6.23 20.07
N SER C 111 1.46 5.00 19.62
CA SER C 111 0.86 3.87 20.30
C SER C 111 1.65 3.48 21.54
N ASP C 112 0.90 3.19 22.58
CA ASP C 112 1.48 2.79 23.82
C ASP C 112 1.86 1.29 23.73
N LYS C 113 0.87 0.45 23.42
CA LYS C 113 1.06 -1.00 23.09
C LYS C 113 2.11 -1.31 22.00
N ASP C 114 2.05 -0.56 20.91
CA ASP C 114 2.75 -0.90 19.67
C ASP C 114 3.80 0.11 19.19
N GLY C 115 4.11 1.10 20.03
CA GLY C 115 5.13 2.08 19.68
C GLY C 115 5.76 2.78 20.88
N PHE C 116 6.18 4.01 20.66
CA PHE C 116 6.89 4.79 21.66
C PHE C 116 5.96 5.57 22.60
N GLY C 117 4.66 5.55 22.33
CA GLY C 117 3.66 6.14 23.23
C GLY C 117 3.76 7.65 23.44
N PHE C 118 4.08 8.40 22.39
CA PHE C 118 4.06 9.88 22.49
C PHE C 118 2.65 10.20 23.02
N SER C 119 2.59 11.08 24.04
CA SER C 119 1.39 11.28 24.89
C SER C 119 0.92 12.72 25.01
N TYR C 120 1.62 13.67 24.40
CA TYR C 120 1.16 15.06 24.42
C TYR C 120 1.34 15.62 23.02
N ILE C 121 0.39 16.38 22.51
CA ILE C 121 0.65 17.11 21.28
C ILE C 121 0.18 18.55 21.40
N ARG C 122 0.87 19.42 20.65
CA ARG C 122 0.57 20.82 20.58
C ARG C 122 0.01 21.22 19.18
N ILE C 123 -1.03 22.04 19.15
CA ILE C 123 -1.60 22.53 17.89
C ILE C 123 -1.90 24.03 17.98
N SER C 124 -2.07 24.63 16.80
CA SER C 124 -2.38 26.06 16.67
C SER C 124 -3.90 26.30 16.71
N ILE C 125 -4.29 27.43 17.30
CA ILE C 125 -5.65 27.91 17.29
C ILE C 125 -5.63 28.93 16.17
N GLY C 126 -6.18 28.54 15.02
CA GLY C 126 -5.92 29.24 13.78
C GLY C 126 -4.52 28.89 13.33
N CYS C 127 -3.87 29.82 12.64
CA CYS C 127 -2.61 29.50 11.98
C CYS C 127 -1.42 29.50 12.91
N SER C 128 -0.36 28.84 12.48
CA SER C 128 0.98 29.09 12.94
C SER C 128 1.78 29.52 11.73
N ASP C 129 3.09 29.62 11.89
CA ASP C 129 4.01 29.68 10.74
C ASP C 129 4.26 28.33 10.02
N PHE C 130 3.63 27.24 10.50
CA PHE C 130 3.58 25.94 9.81
C PHE C 130 2.15 25.53 9.53
N SER C 131 1.43 26.53 9.04
CA SER C 131 0.12 26.38 8.47
C SER C 131 0.32 26.64 6.98
N LEU C 132 -0.74 26.46 6.22
CA LEU C 132 -0.70 26.53 4.77
C LEU C 132 -1.22 27.90 4.27
N SER C 133 -1.61 28.77 5.19
CA SER C 133 -2.00 30.16 4.90
C SER C 133 -2.05 30.90 6.23
N GLU C 134 -2.02 32.22 6.20
CA GLU C 134 -2.31 33.02 7.40
C GLU C 134 -3.82 33.12 7.52
N TYR C 135 -4.36 32.78 8.68
CA TYR C 135 -5.81 32.71 8.87
C TYR C 135 -6.15 32.56 10.36
N THR C 136 -7.36 32.99 10.73
CA THR C 136 -7.95 32.70 12.03
C THR C 136 -9.29 32.05 11.80
N CYS C 137 -9.93 31.60 12.87
CA CYS C 137 -11.28 31.02 12.79
C CYS C 137 -12.43 32.07 12.85
N CYS C 138 -12.07 33.33 12.67
CA CYS C 138 -13.07 34.40 12.63
C CYS C 138 -12.41 35.65 12.01
N ASP C 139 -12.00 35.53 10.77
CA ASP C 139 -11.31 36.64 10.05
C ASP C 139 -12.29 37.77 9.66
N THR C 140 -13.60 37.49 9.71
CA THR C 140 -14.64 38.49 9.49
C THR C 140 -15.24 38.94 10.84
N LYS C 141 -15.25 40.26 11.09
CA LYS C 141 -15.82 40.92 12.31
C LYS C 141 -17.13 40.31 12.86
N GLY C 142 -17.16 39.98 14.16
CA GLY C 142 -18.38 39.47 14.81
C GLY C 142 -18.29 38.00 15.15
N ILE C 143 -18.11 37.70 16.43
CA ILE C 143 -17.89 36.32 16.92
C ILE C 143 -18.83 35.28 16.33
N GLU C 144 -20.06 35.69 16.01
CA GLU C 144 -21.04 34.77 15.40
C GLU C 144 -20.70 34.36 13.94
N ASN C 145 -19.65 34.95 13.37
CA ASN C 145 -18.94 34.40 12.19
C ASN C 145 -18.11 33.12 12.45
N PHE C 146 -17.81 32.80 13.72
CA PHE C 146 -16.81 31.77 14.05
C PHE C 146 -16.99 30.43 13.33
N ALA C 147 -15.91 29.99 12.70
CA ALA C 147 -15.90 28.76 11.93
C ALA C 147 -14.52 28.16 11.94
N LEU C 148 -14.43 26.86 12.20
CA LEU C 148 -13.22 26.12 11.81
C LEU C 148 -13.07 26.23 10.27
N GLN C 149 -11.83 26.42 9.82
CA GLN C 149 -11.51 26.74 8.42
C GLN C 149 -11.01 25.51 7.63
N SER C 150 -10.63 25.70 6.36
CA SER C 150 -10.25 24.57 5.50
C SER C 150 -9.08 23.80 6.08
N GLU C 151 -8.08 24.51 6.60
CA GLU C 151 -6.95 23.83 7.20
C GLU C 151 -7.36 22.84 8.29
N GLU C 152 -8.30 23.20 9.17
CA GLU C 152 -8.74 22.29 10.24
C GLU C 152 -9.44 21.10 9.59
N LYS C 153 -10.26 21.39 8.59
CA LYS C 153 -11.17 20.37 8.06
C LYS C 153 -10.43 19.37 7.18
N ASP C 154 -9.46 19.86 6.41
CA ASP C 154 -8.71 19.06 5.43
C ASP C 154 -7.38 18.46 5.95
N TYR C 155 -6.78 19.06 6.98
CA TYR C 155 -5.47 18.60 7.46
C TYR C 155 -5.43 18.25 8.94
N ILE C 156 -5.79 19.19 9.80
CA ILE C 156 -5.53 19.01 11.25
C ILE C 156 -6.42 17.87 11.76
N LEU C 157 -7.72 18.03 11.57
CA LEU C 157 -8.71 17.07 12.08
C LEU C 157 -8.56 15.61 11.60
N PRO C 158 -8.44 15.38 10.28
CA PRO C 158 -8.17 13.99 9.85
C PRO C 158 -6.99 13.32 10.58
N ILE C 159 -5.90 14.05 10.70
CA ILE C 159 -4.69 13.54 11.33
C ILE C 159 -4.92 13.34 12.82
N LEU C 160 -5.53 14.32 13.49
CA LEU C 160 -5.81 14.17 14.93
C LEU C 160 -6.71 12.99 15.21
N LYS C 161 -7.70 12.75 14.35
CA LYS C 161 -8.59 11.58 14.49
C LYS C 161 -7.84 10.29 14.36
N GLU C 162 -6.91 10.28 13.42
CA GLU C 162 -6.03 9.13 13.21
C GLU C 162 -5.15 8.90 14.44
N ILE C 163 -4.56 9.96 14.98
CA ILE C 163 -3.78 9.87 16.22
C ILE C 163 -4.63 9.34 17.41
N LEU C 164 -5.84 9.90 17.57
CA LEU C 164 -6.78 9.50 18.62
C LEU C 164 -7.27 8.06 18.52
N ALA C 165 -7.42 7.53 17.31
CA ALA C 165 -7.76 6.09 17.21
C ALA C 165 -6.62 5.22 17.69
N ILE C 166 -5.40 5.69 17.48
CA ILE C 166 -4.22 5.00 17.94
C ILE C 166 -4.00 5.19 19.46
N ASN C 167 -4.20 6.42 19.95
CA ASN C 167 -3.94 6.80 21.37
C ASN C 167 -5.09 7.69 21.86
N PRO C 168 -6.22 7.08 22.29
CA PRO C 168 -7.42 7.88 22.59
C PRO C 168 -7.24 8.86 23.76
N SER C 169 -6.38 8.48 24.71
CA SER C 169 -6.12 9.27 25.90
C SER C 169 -5.10 10.43 25.71
N ILE C 170 -4.57 10.65 24.49
CA ILE C 170 -3.54 11.67 24.26
C ILE C 170 -4.01 13.06 24.72
N LYS C 171 -3.07 13.83 25.25
CA LYS C 171 -3.34 15.19 25.66
C LYS C 171 -3.04 16.15 24.55
N VAL C 172 -3.92 17.13 24.38
CA VAL C 172 -3.68 18.20 23.42
C VAL C 172 -3.57 19.54 24.13
N ILE C 173 -2.49 20.26 23.87
CA ILE C 173 -2.39 21.67 24.23
C ILE C 173 -2.43 22.54 22.97
N ALA C 174 -3.05 23.70 23.08
CA ALA C 174 -3.29 24.61 21.98
C ALA C 174 -2.97 26.05 22.37
N ALA C 175 -2.54 26.84 21.38
CA ALA C 175 -2.34 28.28 21.54
C ALA C 175 -2.64 28.96 20.21
N PRO C 176 -3.25 30.16 20.23
CA PRO C 176 -3.23 30.97 18.99
C PRO C 176 -1.85 31.59 18.75
N TRP C 177 -1.48 31.74 17.48
CA TRP C 177 -0.33 32.57 17.11
C TRP C 177 -0.80 34.01 16.92
N THR C 178 -2.09 34.21 16.64
CA THR C 178 -2.67 35.55 16.50
C THR C 178 -4.17 35.60 16.71
N CYS C 179 -4.63 36.78 17.13
CA CYS C 179 -6.04 37.06 17.37
C CYS C 179 -6.59 37.41 15.99
N PRO C 180 -7.89 37.17 15.75
CA PRO C 180 -8.52 37.74 14.53
C PRO C 180 -8.07 39.17 14.30
N LYS C 181 -7.60 39.49 13.10
CA LYS C 181 -6.88 40.75 12.80
C LYS C 181 -7.54 42.02 13.35
N TRP C 182 -8.89 42.01 13.31
CA TRP C 182 -9.73 43.14 13.72
C TRP C 182 -9.80 43.39 15.24
N MET C 183 -8.92 42.74 16.01
CA MET C 183 -8.90 42.92 17.46
C MET C 183 -7.58 43.54 17.90
N LYS C 184 -6.76 43.96 16.95
CA LYS C 184 -5.42 44.50 17.23
C LYS C 184 -5.41 46.04 17.33
N VAL C 185 -4.32 46.59 17.90
CA VAL C 185 -4.04 48.03 17.91
C VAL C 185 -2.53 48.27 17.83
N LYS C 186 -2.10 49.33 17.15
CA LYS C 186 -0.64 49.60 17.01
C LYS C 186 0.17 49.42 18.31
N SER C 187 -0.18 50.18 19.35
CA SER C 187 0.18 49.88 20.77
C SER C 187 -1.07 50.11 21.64
N LEU C 188 -0.97 49.90 22.96
CA LEU C 188 -2.14 50.08 23.84
C LEU C 188 -2.37 51.58 24.18
N THR C 189 -1.29 52.37 24.10
CA THR C 189 -1.34 53.84 24.04
C THR C 189 -1.41 54.34 22.58
N ASP C 190 -2.51 53.97 21.88
CA ASP C 190 -2.75 54.26 20.44
C ASP C 190 -3.69 53.17 19.93
N ARG C 191 -4.97 53.25 20.30
CA ARG C 191 -5.94 52.20 19.95
C ARG C 191 -6.57 52.28 18.54
N THR C 192 -5.82 52.76 17.54
CA THR C 192 -6.26 52.74 16.15
C THR C 192 -6.19 51.30 15.58
N PRO C 193 -7.36 50.68 15.24
CA PRO C 193 -7.38 49.26 14.82
C PRO C 193 -6.35 48.91 13.75
N LEU C 194 -5.69 47.75 13.91
CA LEU C 194 -4.57 47.34 13.07
C LEU C 194 -4.98 46.15 12.22
N ASP C 195 -4.47 46.14 10.98
CA ASP C 195 -4.74 45.10 10.00
C ASP C 195 -3.43 44.38 9.64
N SER C 196 -3.03 43.48 10.54
CA SER C 196 -1.79 42.71 10.43
C SER C 196 -1.93 41.32 11.08
N TRP C 197 -1.13 40.38 10.59
CA TRP C 197 -1.07 39.04 11.19
C TRP C 197 -0.03 38.97 12.29
N THR C 198 1.04 39.76 12.11
CA THR C 198 2.06 39.96 13.12
C THR C 198 1.80 41.27 13.89
N ASN C 199 2.39 41.34 15.09
CA ASN C 199 2.33 42.54 15.96
C ASN C 199 0.90 42.87 16.46
N GLY C 200 0.70 44.06 17.04
CA GLY C 200 -0.56 44.42 17.71
C GLY C 200 -0.66 43.97 19.16
N GLN C 201 -1.66 44.50 19.88
CA GLN C 201 -2.01 44.00 21.22
C GLN C 201 -3.51 43.81 21.26
N LEU C 202 -3.99 42.81 22.00
CA LEU C 202 -5.42 42.53 22.04
C LEU C 202 -6.16 43.77 22.52
N ASN C 203 -7.39 43.96 22.03
CA ASN C 203 -8.16 45.12 22.41
C ASN C 203 -9.02 44.79 23.61
N PRO C 204 -8.82 45.51 24.74
CA PRO C 204 -9.59 45.32 25.98
C PRO C 204 -11.10 45.14 25.84
N ASP C 205 -11.71 45.84 24.88
CA ASP C 205 -13.15 45.69 24.58
C ASP C 205 -13.48 44.28 24.12
N TYR C 206 -12.62 43.75 23.24
CA TYR C 206 -12.71 42.36 22.77
C TYR C 206 -11.84 41.42 23.64
N TYR C 207 -11.96 41.51 24.97
CA TYR C 207 -11.50 40.46 25.86
C TYR C 207 -12.61 39.43 25.98
N GLN C 208 -13.84 39.92 26.10
CA GLN C 208 -14.95 39.03 26.31
C GLN C 208 -15.24 38.18 25.04
N ASP C 209 -15.02 38.76 23.85
CA ASP C 209 -15.37 38.08 22.59
C ASP C 209 -14.38 36.93 22.33
N TYR C 210 -13.08 37.28 22.25
CA TYR C 210 -11.95 36.33 22.21
C TYR C 210 -12.13 35.15 23.18
N ALA C 211 -12.61 35.42 24.38
CA ALA C 211 -12.86 34.37 25.34
C ALA C 211 -13.96 33.40 24.86
N THR C 212 -14.98 33.92 24.16
CA THR C 212 -15.97 33.05 23.49
C THR C 212 -15.38 32.37 22.23
N TYR C 213 -14.47 33.05 21.55
CA TYR C 213 -13.65 32.45 20.49
C TYR C 213 -12.95 31.16 20.99
N PHE C 214 -12.23 31.29 22.10
CA PHE C 214 -11.61 30.16 22.78
C PHE C 214 -12.63 29.09 23.14
N VAL C 215 -13.75 29.50 23.73
CA VAL C 215 -14.84 28.57 24.09
C VAL C 215 -15.43 27.86 22.86
N LYS C 216 -15.60 28.60 21.76
CA LYS C 216 -16.20 28.04 20.55
C LYS C 216 -15.22 27.13 19.83
N TRP C 217 -13.96 27.56 19.71
CA TRP C 217 -12.85 26.71 19.21
C TRP C 217 -12.74 25.39 19.96
N ILE C 218 -12.67 25.46 21.29
CA ILE C 218 -12.61 24.27 22.14
C ILE C 218 -13.88 23.43 22.00
N GLN C 219 -15.04 24.08 21.94
CA GLN C 219 -16.29 23.33 21.75
C GLN C 219 -16.42 22.74 20.33
N ALA C 220 -15.86 23.44 19.34
CA ALA C 220 -15.79 22.92 17.95
C ALA C 220 -14.88 21.68 17.82
N PHE C 221 -13.67 21.76 18.37
CA PHE C 221 -12.84 20.54 18.48
C PHE C 221 -13.55 19.43 19.26
N LYS C 222 -14.22 19.77 20.36
CA LYS C 222 -15.00 18.77 21.13
C LYS C 222 -16.13 18.12 20.31
N ALA C 223 -16.73 18.88 19.40
CA ALA C 223 -17.75 18.35 18.45
C ALA C 223 -17.19 17.26 17.53
N GLU C 224 -15.94 17.44 17.11
CA GLU C 224 -15.23 16.46 16.26
C GLU C 224 -14.65 15.24 17.00
N GLY C 225 -14.87 15.16 18.31
CA GLY C 225 -14.39 14.06 19.15
C GLY C 225 -13.07 14.32 19.86
N ILE C 226 -12.62 15.58 19.85
CA ILE C 226 -11.31 15.99 20.35
C ILE C 226 -11.38 16.91 21.58
N ASP C 227 -10.91 16.39 22.72
CA ASP C 227 -10.80 17.12 24.00
C ASP C 227 -9.55 17.93 24.06
N ILE C 228 -9.68 19.23 24.29
CA ILE C 228 -8.50 20.08 24.45
C ILE C 228 -8.16 20.05 25.94
N TYR C 229 -6.96 19.57 26.26
CA TYR C 229 -6.54 19.39 27.63
C TYR C 229 -6.11 20.72 28.21
N ALA C 230 -5.39 21.52 27.44
CA ALA C 230 -4.87 22.79 27.91
C ALA C 230 -4.80 23.81 26.80
N VAL C 231 -4.77 25.07 27.22
CA VAL C 231 -4.42 26.18 26.31
C VAL C 231 -3.49 27.13 27.00
N THR C 232 -2.77 27.89 26.20
CA THR C 232 -2.18 29.14 26.64
C THR C 232 -3.02 30.23 25.94
N PRO C 233 -2.93 31.49 26.41
CA PRO C 233 -3.72 32.57 25.76
C PRO C 233 -3.06 33.14 24.49
N GLN C 234 -1.76 32.90 24.35
CA GLN C 234 -1.02 33.36 23.20
C GLN C 234 0.30 32.62 23.15
N ASN C 235 0.71 32.27 21.93
CA ASN C 235 2.03 31.69 21.71
C ASN C 235 3.07 32.81 21.65
N GLU C 236 4.14 32.63 22.44
CA GLU C 236 5.22 33.59 22.53
C GLU C 236 4.77 35.07 22.62
N PRO C 237 4.00 35.43 23.66
CA PRO C 237 3.37 36.76 23.80
C PRO C 237 4.27 38.03 23.82
N LEU C 238 5.58 37.88 23.86
CA LEU C 238 6.53 39.00 23.72
C LEU C 238 7.21 39.07 22.34
N ASN C 239 6.83 38.17 21.43
CA ASN C 239 7.35 38.15 20.06
C ASN C 239 6.35 38.86 19.16
N ARG C 240 6.85 39.90 18.49
CA ARG C 240 6.12 40.66 17.49
C ARG C 240 6.46 40.22 16.06
N GLY C 241 7.50 39.39 15.90
CA GLY C 241 7.94 38.95 14.57
C GLY C 241 7.13 37.79 14.01
N ASN C 242 7.83 36.82 13.41
CA ASN C 242 7.21 35.59 12.91
C ASN C 242 6.27 35.87 11.72
N SER C 243 5.48 34.87 11.30
CA SER C 243 4.51 35.03 10.22
C SER C 243 3.14 35.40 10.78
N ALA C 244 2.91 35.02 12.03
CA ALA C 244 1.75 35.45 12.80
C ALA C 244 2.16 35.60 14.27
N SER C 245 1.68 36.67 14.91
CA SER C 245 2.04 36.98 16.30
C SER C 245 1.07 37.99 16.93
N LEU C 246 1.21 38.16 18.25
CA LEU C 246 0.44 39.12 19.04
C LEU C 246 1.19 39.41 20.33
N TYR C 247 1.19 40.68 20.71
CA TYR C 247 1.83 41.14 21.94
C TYR C 247 0.79 41.16 23.08
N MET C 248 0.99 40.29 24.08
CA MET C 248 0.16 40.24 25.28
C MET C 248 1.05 40.24 26.51
N GLU C 249 1.15 41.39 27.17
CA GLU C 249 1.92 41.51 28.43
C GLU C 249 1.19 40.86 29.60
N TRP C 250 1.96 40.57 30.66
CA TRP C 250 1.44 39.87 31.83
C TRP C 250 0.24 40.62 32.40
N GLU C 251 0.33 41.95 32.41
CA GLU C 251 -0.83 42.81 32.74
C GLU C 251 -2.03 42.38 31.91
N GLU C 252 -1.85 42.41 30.59
CA GLU C 252 -2.94 42.05 29.68
C GLU C 252 -3.43 40.63 29.91
N GLN C 253 -2.49 39.69 30.05
CA GLN C 253 -2.82 38.27 30.23
C GLN C 253 -3.59 38.06 31.52
N ARG C 254 -3.07 38.63 32.62
CA ARG C 254 -3.78 38.70 33.90
C ARG C 254 -5.21 39.12 33.67
N ASP C 255 -5.35 40.32 33.11
CA ASP C 255 -6.67 40.93 32.86
C ASP C 255 -7.55 40.01 32.02
N PHE C 256 -7.03 39.59 30.87
CA PHE C 256 -7.72 38.67 29.96
C PHE C 256 -8.18 37.40 30.67
N VAL C 257 -7.29 36.77 31.42
CA VAL C 257 -7.63 35.52 32.12
C VAL C 257 -8.69 35.76 33.21
N LYS C 258 -8.46 36.78 34.05
CA LYS C 258 -9.38 37.06 35.16
C LYS C 258 -10.73 37.63 34.64
N THR C 259 -10.69 38.66 33.79
CA THR C 259 -11.93 39.31 33.30
C THR C 259 -12.73 38.44 32.34
N ALA C 260 -12.07 37.64 31.50
CA ALA C 260 -12.73 37.03 30.33
C ALA C 260 -12.50 35.52 30.13
N LEU C 261 -11.25 35.13 29.83
CA LEU C 261 -10.97 33.73 29.45
C LEU C 261 -11.41 32.76 30.52
N GLY C 262 -10.85 32.93 31.72
CA GLY C 262 -11.15 32.08 32.88
C GLY C 262 -12.60 31.80 33.21
N PRO C 263 -13.39 32.86 33.52
CA PRO C 263 -14.80 32.60 33.90
C PRO C 263 -15.63 32.01 32.75
N GLN C 264 -15.42 32.50 31.53
CA GLN C 264 -16.11 31.90 30.35
C GLN C 264 -15.91 30.38 30.16
N MET C 265 -14.67 29.90 30.29
CA MET C 265 -14.37 28.45 30.14
C MET C 265 -14.94 27.66 31.30
N LYS C 266 -14.88 28.23 32.50
CA LYS C 266 -15.57 27.68 33.67
C LYS C 266 -17.11 27.69 33.49
N ALA C 267 -17.65 28.79 32.97
CA ALA C 267 -19.10 28.90 32.71
C ALA C 267 -19.57 27.91 31.62
N ALA C 268 -18.70 27.70 30.63
CA ALA C 268 -18.93 26.69 29.60
C ALA C 268 -18.85 25.24 30.09
N GLY C 269 -18.42 24.98 31.33
CA GLY C 269 -18.24 23.62 31.84
C GLY C 269 -16.96 22.91 31.39
N LEU C 270 -15.98 23.68 30.87
CA LEU C 270 -14.73 23.15 30.32
C LEU C 270 -13.64 23.00 31.39
N SER C 271 -13.16 21.76 31.60
CA SER C 271 -12.06 21.48 32.54
C SER C 271 -10.65 21.69 31.94
N THR C 272 -10.60 22.07 30.67
CA THR C 272 -9.41 22.64 30.03
C THR C 272 -8.58 23.57 30.92
N LYS C 273 -7.36 23.12 31.22
CA LYS C 273 -6.44 23.88 32.02
C LYS C 273 -5.89 25.06 31.22
N ILE C 274 -5.48 26.09 31.92
CA ILE C 274 -4.91 27.29 31.31
C ILE C 274 -3.51 27.48 31.83
N TYR C 275 -2.52 27.50 30.93
CA TYR C 275 -1.15 27.74 31.35
C TYR C 275 -0.76 29.12 30.89
N ALA C 276 0.05 29.80 31.68
CA ALA C 276 0.47 31.16 31.36
C ALA C 276 1.76 31.22 30.60
N PHE C 277 1.93 32.33 29.90
CA PHE C 277 3.19 32.78 29.35
C PHE C 277 3.57 32.15 28.00
N ASP C 278 3.97 30.87 27.97
CA ASP C 278 4.31 30.18 26.68
C ASP C 278 5.42 30.89 25.92
N HIS C 279 6.49 31.24 26.64
CA HIS C 279 7.62 31.90 25.99
C HIS C 279 8.91 31.63 26.77
N ASN C 280 9.98 32.39 26.52
CA ASN C 280 11.35 31.97 26.86
C ASN C 280 11.78 32.15 28.32
N TYR C 281 12.89 31.51 28.70
CA TYR C 281 13.40 31.58 30.07
C TYR C 281 13.80 32.99 30.50
N ASN C 282 14.50 33.72 29.64
CA ASN C 282 15.00 35.10 29.95
C ASN C 282 13.99 36.23 29.67
N TYR C 283 12.77 35.88 29.31
CA TYR C 283 11.69 36.84 29.04
C TYR C 283 12.05 37.87 27.96
N ASP C 284 12.90 37.44 27.02
CA ASP C 284 13.46 38.28 25.96
C ASP C 284 14.19 39.50 26.51
N ASN C 285 14.88 39.29 27.63
CA ASN C 285 15.55 40.33 28.42
C ASN C 285 14.85 41.71 28.48
N ILE C 286 13.52 41.69 28.61
CA ILE C 286 12.67 42.89 28.80
C ILE C 286 12.29 42.92 30.29
N GLU C 287 13.00 43.77 31.07
CA GLU C 287 12.77 43.93 32.53
C GLU C 287 11.31 44.05 32.92
N SER C 288 10.57 44.88 32.18
CA SER C 288 9.12 45.01 32.34
C SER C 288 8.39 43.67 32.58
N GLN C 289 8.76 42.65 31.80
CA GLN C 289 8.03 41.37 31.79
C GLN C 289 8.80 40.22 32.47
N LYS C 290 9.96 40.51 33.07
CA LYS C 290 10.67 39.51 33.90
C LYS C 290 9.75 38.97 34.96
N ASN C 291 9.90 37.69 35.29
CA ASN C 291 8.95 36.94 36.12
C ASN C 291 7.46 37.04 35.67
N TYR C 292 7.25 37.06 34.36
CA TYR C 292 5.91 37.20 33.75
C TYR C 292 4.85 36.36 34.45
N PRO C 293 5.05 35.04 34.58
CA PRO C 293 3.94 34.26 35.18
C PRO C 293 3.75 34.50 36.69
N GLY C 294 4.85 34.70 37.41
CA GLY C 294 4.79 34.99 38.85
C GLY C 294 3.93 36.22 39.16
N LYS C 295 4.17 37.29 38.39
CA LYS C 295 3.43 38.55 38.54
C LYS C 295 1.92 38.42 38.34
N ILE C 296 1.48 37.50 37.46
CA ILE C 296 0.05 37.18 37.29
C ILE C 296 -0.43 36.30 38.45
N TYR C 297 0.43 35.41 38.95
CA TYR C 297 0.09 34.63 40.14
C TYR C 297 -0.12 35.56 41.35
N GLU C 298 0.69 36.62 41.46
CA GLU C 298 0.54 37.63 42.56
C GLU C 298 -0.87 38.26 42.65
N ASP C 299 -1.60 38.24 41.54
CA ASP C 299 -3.01 38.65 41.48
C ASP C 299 -3.92 37.42 41.55
N ALA C 300 -4.59 37.21 42.68
CA ALA C 300 -5.38 35.97 42.92
C ALA C 300 -6.65 35.80 42.05
N ALA C 301 -7.12 36.89 41.44
CA ALA C 301 -8.28 36.82 40.52
C ALA C 301 -7.91 35.98 39.30
N ALA C 302 -6.76 36.36 38.71
CA ALA C 302 -6.09 35.63 37.61
C ALA C 302 -5.61 34.23 38.01
N SER C 303 -4.77 34.18 39.04
CA SER C 303 -4.14 32.94 39.52
C SER C 303 -5.13 31.82 39.68
N GLN C 304 -6.23 32.10 40.36
CA GLN C 304 -7.38 31.17 40.44
C GLN C 304 -7.67 30.24 39.18
N TYR C 305 -7.51 30.78 37.96
CA TYR C 305 -7.83 30.04 36.72
C TYR C 305 -6.60 29.38 36.06
N LEU C 306 -5.40 29.79 36.50
CA LEU C 306 -4.14 29.35 35.95
C LEU C 306 -3.57 28.10 36.62
N ALA C 307 -3.47 27.00 35.89
CA ALA C 307 -2.81 25.79 36.39
C ALA C 307 -1.29 26.00 36.58
N GLY C 308 -0.69 26.91 35.81
CA GLY C 308 0.70 27.21 35.94
C GLY C 308 1.24 27.89 34.70
N ALA C 309 2.47 27.54 34.31
CA ALA C 309 3.18 28.25 33.24
C ALA C 309 3.86 27.36 32.19
N ALA C 310 3.91 27.88 30.96
CA ALA C 310 4.55 27.20 29.82
C ALA C 310 5.79 27.96 29.37
N TYR C 311 6.87 27.22 29.10
CA TYR C 311 8.14 27.79 28.63
C TYR C 311 8.66 27.20 27.34
N HIS C 312 9.27 28.06 26.54
CA HIS C 312 10.15 27.67 25.44
C HIS C 312 11.57 27.96 25.90
N ASN C 313 12.56 27.46 25.15
CA ASN C 313 13.96 27.66 25.49
C ASN C 313 14.74 28.43 24.43
N TYR C 314 14.09 29.28 23.65
CA TYR C 314 14.83 30.09 22.66
C TYR C 314 15.68 31.23 23.27
N GLY C 315 15.44 31.59 24.52
CA GLY C 315 16.20 32.61 25.24
C GLY C 315 16.44 32.20 26.68
N GLY C 316 17.65 32.41 27.20
CA GLY C 316 17.91 32.31 28.63
C GLY C 316 18.36 30.95 29.08
N ASN C 317 18.40 30.79 30.39
CA ASN C 317 18.86 29.58 31.03
C ASN C 317 17.69 28.86 31.68
N ARG C 318 17.71 27.54 31.56
CA ARG C 318 16.64 26.71 32.12
C ARG C 318 16.59 26.68 33.65
N GLU C 319 17.64 27.17 34.34
CA GLU C 319 17.57 27.39 35.81
C GLU C 319 16.34 28.24 36.26
N GLU C 320 15.81 29.07 35.36
CA GLU C 320 14.58 29.83 35.62
C GLU C 320 13.40 28.97 36.03
N LEU C 321 13.34 27.76 35.49
CA LEU C 321 12.29 26.84 35.89
C LEU C 321 12.37 26.54 37.39
N LEU C 322 13.61 26.43 37.88
CA LEU C 322 13.84 26.16 39.29
C LEU C 322 13.37 27.36 40.12
N ASN C 323 13.69 28.58 39.69
CA ASN C 323 13.24 29.83 40.37
C ASN C 323 11.73 29.93 40.50
N ILE C 324 11.04 29.67 39.40
CA ILE C 324 9.57 29.74 39.38
C ILE C 324 8.92 28.64 40.19
N HIS C 325 9.48 27.43 40.21
CA HIS C 325 8.87 26.38 41.01
C HIS C 325 9.10 26.65 42.51
N GLN C 326 10.31 27.04 42.86
CA GLN C 326 10.65 27.32 44.26
C GLN C 326 9.67 28.40 44.76
N ALA C 327 9.54 29.46 43.96
CA ALA C 327 8.70 30.61 44.25
C ALA C 327 7.20 30.28 44.35
N TYR C 328 6.69 29.45 43.44
CA TYR C 328 5.26 29.13 43.42
C TYR C 328 5.11 27.65 43.22
N PRO C 329 5.43 26.85 44.26
CA PRO C 329 5.53 25.39 44.13
C PRO C 329 4.21 24.70 43.90
N GLU C 330 3.10 25.38 44.17
CA GLU C 330 1.79 24.79 43.92
C GLU C 330 1.27 25.05 42.50
N LYS C 331 2.03 25.80 41.70
CA LYS C 331 1.72 26.07 40.29
C LYS C 331 2.57 25.14 39.40
N GLU C 332 1.97 24.66 38.32
CA GLU C 332 2.61 23.69 37.39
C GLU C 332 3.60 24.33 36.40
N LEU C 333 4.55 23.53 35.90
CA LEU C 333 5.42 23.94 34.81
C LEU C 333 5.26 22.95 33.66
N LEU C 334 5.27 23.48 32.43
CA LEU C 334 5.20 22.66 31.19
C LEU C 334 6.21 23.18 30.20
N PHE C 335 6.98 22.29 29.57
CA PHE C 335 7.89 22.73 28.50
C PHE C 335 7.14 22.47 27.18
N THR C 336 6.84 23.53 26.42
CA THR C 336 5.87 23.43 25.30
C THR C 336 6.46 23.62 23.89
N GLU C 337 7.71 24.11 23.75
CA GLU C 337 8.27 24.28 22.42
C GLU C 337 9.76 24.48 22.40
N THR C 338 10.41 23.82 21.44
CA THR C 338 11.80 24.05 21.07
C THR C 338 12.00 23.53 19.62
N SER C 339 13.04 24.02 18.94
CA SER C 339 13.22 23.73 17.50
C SER C 339 14.63 23.30 17.16
N ILE C 340 14.76 22.57 16.05
CA ILE C 340 16.06 22.26 15.48
C ILE C 340 16.03 22.78 14.06
N GLY C 341 17.18 23.31 13.61
CA GLY C 341 17.33 23.93 12.29
C GLY C 341 18.76 24.13 11.81
N THR C 342 18.92 24.90 10.74
CA THR C 342 20.26 25.23 10.18
C THR C 342 21.20 25.86 11.22
N TRP C 343 20.65 26.76 12.02
CA TRP C 343 21.37 27.48 13.10
C TRP C 343 22.05 26.58 14.15
N ASN C 344 21.48 25.42 14.45
CA ASN C 344 22.05 24.54 15.48
C ASN C 344 22.47 23.15 14.97
N SER C 345 22.74 23.03 13.67
CA SER C 345 23.15 21.75 13.06
C SER C 345 22.12 20.66 13.36
N GLY C 346 20.86 21.01 13.19
CA GLY C 346 19.75 20.19 13.69
C GLY C 346 19.66 18.79 13.15
N ARG C 347 20.28 18.52 12.01
CA ARG C 347 20.38 17.16 11.49
C ARG C 347 21.63 16.41 11.95
N ASP C 348 22.62 17.08 12.50
CA ASP C 348 23.81 16.39 12.95
C ASP C 348 23.59 15.84 14.36
N LEU C 349 23.19 14.57 14.44
CA LEU C 349 22.84 13.93 15.70
C LEU C 349 24.03 13.78 16.63
N SER C 350 25.24 13.78 16.06
CA SER C 350 26.47 13.69 16.83
C SER C 350 26.59 14.86 17.78
N LYS C 351 26.18 16.04 17.34
CA LYS C 351 26.11 17.23 18.20
C LYS C 351 24.81 17.24 19.03
N ARG C 352 23.68 17.08 18.36
CA ARG C 352 22.37 17.42 18.93
C ARG C 352 21.82 16.46 20.01
N LEU C 353 22.03 15.16 19.88
CA LEU C 353 21.39 14.21 20.80
C LEU C 353 21.75 14.45 22.30
N MET C 354 23.03 14.71 22.59
CA MET C 354 23.48 14.82 23.99
C MET C 354 22.99 16.13 24.58
N GLU C 355 23.23 17.22 23.85
CA GLU C 355 22.72 18.56 24.18
C GLU C 355 21.20 18.58 24.39
N ASP C 356 20.46 18.14 23.37
CA ASP C 356 18.98 18.16 23.46
C ASP C 356 18.41 17.27 24.56
N MET C 357 18.98 16.10 24.79
CA MET C 357 18.52 15.26 25.91
C MET C 357 18.85 15.91 27.27
N GLU C 358 19.96 16.62 27.32
CA GLU C 358 20.39 17.30 28.55
C GLU C 358 19.59 18.57 28.81
N GLU C 359 19.40 19.39 27.78
CA GLU C 359 18.81 20.74 27.91
C GLU C 359 17.29 20.71 27.87
N VAL C 360 16.74 19.98 26.90
CA VAL C 360 15.32 19.94 26.63
C VAL C 360 14.56 18.86 27.42
N ALA C 361 15.08 17.62 27.48
CA ALA C 361 14.39 16.51 28.13
C ALA C 361 14.64 16.43 29.62
N LEU C 362 15.80 15.92 30.02
CA LEU C 362 16.07 15.71 31.44
C LEU C 362 16.20 17.05 32.18
N GLY C 363 16.83 18.04 31.54
CA GLY C 363 17.01 19.38 32.11
C GLY C 363 15.72 20.04 32.57
N THR C 364 14.68 19.99 31.74
CA THR C 364 13.40 20.65 32.05
C THR C 364 12.60 19.83 33.07
N ILE C 365 12.63 18.51 32.91
CA ILE C 365 11.95 17.58 33.83
C ILE C 365 12.56 17.65 35.26
N ASN C 366 13.89 17.69 35.32
CA ASN C 366 14.60 17.76 36.60
C ASN C 366 14.42 19.14 37.24
N ASN C 367 13.98 20.13 36.46
CA ASN C 367 13.53 21.43 36.97
C ASN C 367 11.99 21.58 36.98
N TRP C 368 11.30 20.47 37.28
CA TRP C 368 9.89 20.43 37.61
C TRP C 368 8.86 20.40 36.46
N CYS C 369 9.31 20.41 35.20
CA CYS C 369 8.33 20.36 34.10
C CYS C 369 7.54 19.03 34.11
N LYS C 370 6.25 19.16 33.91
CA LYS C 370 5.33 18.00 33.91
C LYS C 370 5.27 17.34 32.51
N GLY C 371 5.87 17.97 31.52
CA GLY C 371 5.84 17.48 30.14
C GLY C 371 6.83 18.19 29.27
N VAL C 372 7.18 17.56 28.13
CA VAL C 372 8.12 18.14 27.22
C VAL C 372 7.52 17.98 25.81
N ILE C 373 7.39 19.10 25.08
CA ILE C 373 6.78 19.11 23.71
C ILE C 373 7.72 19.84 22.77
N VAL C 374 8.24 19.12 21.79
CA VAL C 374 8.99 19.76 20.73
C VAL C 374 8.03 20.42 19.71
N TRP C 375 8.61 21.11 18.73
CA TRP C 375 7.88 21.77 17.66
C TRP C 375 7.49 20.74 16.58
N ASN C 376 7.60 21.09 15.28
CA ASN C 376 7.00 20.29 14.18
C ASN C 376 7.43 18.84 14.30
N LEU C 377 6.47 17.92 14.31
CA LEU C 377 6.77 16.50 14.25
C LEU C 377 7.45 16.10 12.93
N MET C 378 6.91 16.58 11.80
CA MET C 378 7.37 16.21 10.44
C MET C 378 7.44 17.42 9.49
N LEU C 379 8.64 17.68 9.00
CA LEU C 379 8.86 18.56 7.86
C LEU C 379 9.52 17.77 6.73
N ASP C 380 9.48 18.32 5.53
CA ASP C 380 10.19 17.67 4.43
C ASP C 380 11.67 18.10 4.38
N ASN C 381 12.44 17.49 3.47
CA ASN C 381 13.86 17.82 3.24
C ASN C 381 14.10 19.28 2.85
N ASP C 382 13.07 19.95 2.35
CA ASP C 382 13.14 21.34 2.04
C ASP C 382 12.61 22.19 3.18
N ARG C 383 12.60 21.63 4.40
CA ARG C 383 12.23 22.38 5.61
C ARG C 383 10.80 22.93 5.59
N GLY C 384 9.92 22.24 4.84
CA GLY C 384 8.58 22.71 4.55
C GLY C 384 7.44 21.72 4.77
N PRO C 385 6.20 22.13 4.46
CA PRO C 385 5.87 23.50 4.02
C PRO C 385 6.18 24.60 5.07
N ASN C 386 6.59 25.79 4.62
CA ASN C 386 6.77 26.92 5.51
C ASN C 386 6.10 28.18 4.91
N ARG C 387 6.34 29.34 5.53
CA ARG C 387 5.63 30.59 5.21
C ARG C 387 6.62 31.74 5.12
N GLU C 388 6.28 32.75 4.30
CA GLU C 388 7.07 33.98 4.23
C GLU C 388 7.09 34.65 5.59
N GLY C 389 8.29 34.80 6.13
CA GLY C 389 8.47 35.45 7.41
C GLY C 389 8.38 34.53 8.62
N GLY C 390 7.95 33.27 8.42
CA GLY C 390 7.91 32.25 9.49
C GLY C 390 9.29 31.65 9.60
N CYS C 391 9.43 30.57 10.36
CA CYS C 391 10.68 29.80 10.30
C CYS C 391 10.70 29.12 8.93
N GLN C 392 11.79 29.37 8.21
CA GLN C 392 12.12 28.68 6.95
C GLN C 392 13.46 27.98 7.04
N THR C 393 14.04 27.90 8.24
CA THR C 393 15.30 27.22 8.49
C THR C 393 15.13 26.02 9.44
N CYS C 394 13.88 25.64 9.73
CA CYS C 394 13.57 24.56 10.67
C CYS C 394 13.61 23.14 10.06
N TYR C 395 14.09 22.19 10.85
CA TYR C 395 13.88 20.77 10.59
C TYR C 395 12.71 20.22 11.45
N GLY C 396 12.20 19.06 11.05
CA GLY C 396 11.19 18.34 11.84
C GLY C 396 11.88 17.47 12.87
N ALA C 397 11.10 16.97 13.85
CA ALA C 397 11.59 15.95 14.74
C ALA C 397 11.96 14.71 13.91
N VAL C 398 11.23 14.51 12.82
CA VAL C 398 11.63 13.65 11.72
C VAL C 398 11.51 14.46 10.45
N ASP C 399 12.30 14.06 9.45
CA ASP C 399 12.29 14.70 8.14
C ASP C 399 11.90 13.65 7.16
N ILE C 400 11.09 14.04 6.18
CA ILE C 400 10.59 13.13 5.18
C ILE C 400 10.97 13.61 3.79
N ASN C 401 11.31 12.66 2.95
CA ASN C 401 11.69 12.94 1.58
C ASN C 401 10.45 13.33 0.77
N ASN C 402 10.43 14.54 0.22
CA ASN C 402 9.31 14.97 -0.64
C ASN C 402 9.33 14.42 -2.09
N SER C 403 10.33 13.60 -2.46
CA SER C 403 10.28 12.84 -3.74
C SER C 403 9.48 11.55 -3.60
N ASP C 404 9.57 10.88 -2.45
CA ASP C 404 8.83 9.61 -2.24
C ASP C 404 7.77 9.63 -1.12
N TYR C 405 7.76 10.66 -0.27
CA TYR C 405 6.91 10.69 0.93
C TYR C 405 6.84 9.31 1.59
N LYS C 406 8.02 8.73 1.74
CA LYS C 406 8.22 7.40 2.32
C LYS C 406 9.43 7.33 3.23
N THR C 407 10.58 7.86 2.76
CA THR C 407 11.83 7.87 3.52
C THR C 407 11.86 8.94 4.60
N ILE C 408 11.98 8.49 5.84
CA ILE C 408 11.89 9.34 7.00
C ILE C 408 13.21 9.20 7.74
N ILE C 409 13.84 10.33 8.06
CA ILE C 409 15.00 10.33 8.94
C ILE C 409 14.59 10.89 10.30
N ARG C 410 14.88 10.16 11.37
CA ARG C 410 14.73 10.68 12.75
C ARG C 410 15.76 11.74 13.12
N ASN C 411 15.32 12.86 13.67
CA ASN C 411 16.28 13.85 14.20
C ASN C 411 16.33 13.82 15.73
N SER C 412 17.24 14.60 16.34
CA SER C 412 17.42 14.55 17.80
C SER C 412 16.09 14.56 18.57
N HIS C 413 15.17 15.41 18.13
CA HIS C 413 13.88 15.60 18.81
C HIS C 413 13.03 14.36 18.90
N TYR C 414 12.97 13.56 17.84
CA TYR C 414 12.24 12.30 17.91
C TYR C 414 12.84 11.40 19.00
N TYR C 415 14.18 11.30 19.04
CA TYR C 415 14.84 10.44 20.04
C TYR C 415 14.55 10.89 21.48
N ILE C 416 14.77 12.17 21.76
CA ILE C 416 14.65 12.68 23.12
C ILE C 416 13.24 12.45 23.66
N ILE C 417 12.23 12.66 22.82
CA ILE C 417 10.84 12.40 23.20
C ILE C 417 10.54 10.91 23.35
N ALA C 418 10.97 10.09 22.38
CA ALA C 418 10.74 8.64 22.48
C ALA C 418 11.33 8.03 23.76
N HIS C 419 12.53 8.50 24.12
CA HIS C 419 13.24 7.99 25.31
C HIS C 419 12.55 8.33 26.62
N LEU C 420 11.74 9.38 26.61
CA LEU C 420 10.86 9.69 27.70
C LEU C 420 9.57 8.89 27.65
N SER C 421 8.82 9.02 26.54
CA SER C 421 7.45 8.49 26.44
C SER C 421 7.38 6.94 26.41
N SER C 422 8.44 6.29 25.92
CA SER C 422 8.46 4.83 25.90
C SER C 422 8.38 4.20 27.29
N VAL C 423 8.95 4.87 28.30
CA VAL C 423 8.96 4.30 29.66
C VAL C 423 8.18 5.12 30.69
N VAL C 424 8.09 6.43 30.50
CA VAL C 424 7.35 7.32 31.42
C VAL C 424 6.00 7.67 30.80
N LYS C 425 4.96 7.13 31.44
CA LYS C 425 3.61 7.16 30.98
C LYS C 425 2.84 8.19 31.77
N PRO C 426 1.70 8.66 31.22
CA PRO C 426 0.86 9.66 31.87
C PRO C 426 0.55 9.26 33.32
N GLY C 427 0.64 10.20 34.24
CA GLY C 427 0.34 9.88 35.64
C GLY C 427 1.52 9.43 36.49
N ALA C 428 2.69 9.25 35.87
CA ALA C 428 3.89 8.92 36.59
C ALA C 428 4.38 10.07 37.48
N VAL C 429 4.95 9.72 38.62
CA VAL C 429 5.50 10.71 39.55
C VAL C 429 7.04 10.60 39.54
N ARG C 430 7.73 11.72 39.29
CA ARG C 430 9.19 11.76 39.35
C ARG C 430 9.61 11.52 40.79
N ILE C 431 10.74 10.84 40.97
CA ILE C 431 11.21 10.44 42.31
C ILE C 431 12.70 10.68 42.40
N ALA C 432 13.22 10.70 43.62
CA ALA C 432 14.62 11.05 43.82
C ALA C 432 15.53 9.88 43.50
N THR C 433 16.75 10.23 43.11
CA THR C 433 17.86 9.33 42.90
C THR C 433 19.01 9.80 43.80
N THR C 434 19.63 8.86 44.50
CA THR C 434 20.83 9.12 45.28
C THR C 434 21.95 8.18 44.88
N GLY C 435 23.14 8.49 45.39
CA GLY C 435 24.29 7.60 45.42
C GLY C 435 25.34 7.88 44.37
N TYR C 436 25.86 6.81 43.78
CA TYR C 436 26.86 6.92 42.71
C TYR C 436 26.47 8.06 41.77
N THR C 437 27.40 9.02 41.66
CA THR C 437 27.30 10.11 40.70
C THR C 437 28.67 10.38 40.02
N ASP C 438 28.59 10.88 38.80
CA ASP C 438 29.73 11.01 37.89
C ASP C 438 29.41 12.19 36.96
N ASN C 439 30.40 13.00 36.62
CA ASN C 439 30.16 14.08 35.63
C ASN C 439 29.93 13.43 34.25
N GLY C 440 29.19 14.12 33.39
CA GLY C 440 28.73 13.53 32.14
C GLY C 440 27.58 12.54 32.26
N ILE C 441 27.18 12.16 33.48
CA ILE C 441 26.02 11.29 33.68
C ILE C 441 24.81 12.08 34.23
N THR C 442 23.72 12.15 33.47
CA THR C 442 22.47 12.73 33.97
C THR C 442 21.37 11.67 33.97
N CYS C 443 20.48 11.72 34.95
CA CYS C 443 19.35 10.83 34.97
C CYS C 443 18.09 11.42 35.58
N SER C 444 16.97 10.74 35.34
CA SER C 444 15.67 11.06 35.93
C SER C 444 14.97 9.74 36.24
N ALA C 445 14.28 9.66 37.37
CA ALA C 445 13.61 8.43 37.76
C ALA C 445 12.13 8.69 38.06
N PHE C 446 11.31 7.64 37.97
CA PHE C 446 9.85 7.78 37.99
C PHE C 446 9.20 6.51 38.48
N GLU C 447 7.98 6.66 39.02
CA GLU C 447 7.08 5.54 39.26
C GLU C 447 5.76 5.75 38.51
N ASN C 448 5.45 4.81 37.61
CA ASN C 448 4.17 4.79 36.87
C ASN C 448 2.97 4.32 37.72
N THR C 449 1.76 4.71 37.31
CA THR C 449 0.55 4.35 38.04
C THR C 449 0.23 2.85 37.98
N ASP C 450 0.82 2.13 37.02
CA ASP C 450 0.78 0.64 36.97
C ASP C 450 1.82 -0.07 37.87
N GLY C 451 2.61 0.69 38.64
CA GLY C 451 3.62 0.12 39.53
C GLY C 451 4.88 -0.35 38.85
N THR C 452 5.19 0.18 37.67
CA THR C 452 6.50 0.01 37.06
C THR C 452 7.35 1.24 37.34
N TYR C 453 8.63 1.02 37.62
CA TYR C 453 9.58 2.11 37.67
C TYR C 453 10.07 2.39 36.29
N ALA C 454 10.48 3.63 36.07
CA ALA C 454 11.07 4.06 34.83
C ALA C 454 12.31 4.88 35.13
N PHE C 455 13.33 4.76 34.31
CA PHE C 455 14.61 5.40 34.55
C PHE C 455 15.12 5.86 33.21
N VAL C 456 15.61 7.09 33.13
CA VAL C 456 16.17 7.59 31.88
C VAL C 456 17.54 8.11 32.23
N LEU C 457 18.56 7.75 31.45
CA LEU C 457 19.94 8.12 31.71
C LEU C 457 20.68 8.59 30.48
N ILE C 458 21.41 9.68 30.63
CA ILE C 458 22.36 10.15 29.64
C ILE C 458 23.74 9.74 30.16
N ASN C 459 24.55 9.13 29.30
CA ASN C 459 25.97 8.88 29.56
C ASN C 459 26.71 9.67 28.53
N ASN C 460 27.00 10.93 28.84
CA ASN C 460 27.73 11.80 27.92
C ASN C 460 29.26 11.71 28.09
N ASN C 461 29.77 10.48 28.05
CA ASN C 461 31.20 10.21 27.99
C ASN C 461 31.41 9.35 26.76
N GLU C 462 32.61 9.43 26.18
CA GLU C 462 33.02 8.49 25.14
C GLU C 462 32.98 7.04 25.62
N LYS C 463 33.31 6.79 26.88
CA LYS C 463 33.42 5.43 27.40
C LYS C 463 32.09 4.91 27.90
N SER C 464 31.84 3.62 27.70
CA SER C 464 30.72 2.95 28.38
C SER C 464 30.96 2.97 29.89
N LYS C 465 29.89 2.83 30.68
CA LYS C 465 29.99 2.84 32.15
C LYS C 465 29.10 1.72 32.64
N LYS C 466 29.65 0.81 33.43
CA LYS C 466 28.87 -0.25 34.06
C LYS C 466 28.07 0.43 35.19
N ILE C 467 26.77 0.19 35.24
CA ILE C 467 25.91 0.95 36.15
C ILE C 467 24.89 0.04 36.82
N THR C 468 24.74 0.20 38.13
CA THR C 468 23.76 -0.55 38.87
C THR C 468 22.63 0.41 39.28
N VAL C 469 21.40 -0.07 39.17
CA VAL C 469 20.23 0.68 39.54
C VAL C 469 19.46 -0.12 40.59
N SER C 470 19.10 0.52 41.70
CA SER C 470 18.33 -0.11 42.79
C SER C 470 17.03 0.63 43.04
N ASP C 471 15.92 -0.13 43.13
CA ASP C 471 14.63 0.43 43.56
C ASP C 471 14.39 0.25 45.08
N GLY C 472 15.43 -0.05 45.85
CA GLY C 472 15.29 -0.44 47.27
C GLY C 472 14.95 -1.91 47.55
N GLN C 473 14.44 -2.66 46.57
CA GLN C 473 14.18 -4.10 46.73
C GLN C 473 15.07 -4.94 45.82
N ARG C 474 15.05 -4.58 44.54
CA ARG C 474 15.76 -5.30 43.51
C ARG C 474 16.82 -4.36 42.96
N HIS C 475 17.85 -4.94 42.35
CA HIS C 475 18.75 -4.17 41.49
C HIS C 475 19.15 -4.92 40.22
N PHE C 476 19.62 -4.16 39.25
CA PHE C 476 20.08 -4.69 37.97
C PHE C 476 21.27 -3.86 37.50
N ALA C 477 22.13 -4.42 36.64
CA ALA C 477 23.28 -3.72 36.09
C ALA C 477 23.22 -3.70 34.56
N TYR C 478 23.85 -2.71 33.97
CA TYR C 478 23.84 -2.56 32.54
C TYR C 478 25.06 -1.77 32.16
N ASP C 479 25.81 -2.22 31.15
CA ASP C 479 26.85 -1.40 30.58
C ASP C 479 26.11 -0.50 29.61
N VAL C 480 26.07 0.78 29.96
CA VAL C 480 25.46 1.79 29.14
C VAL C 480 26.54 2.22 28.15
N PRO C 481 26.23 2.22 26.84
CA PRO C 481 27.20 2.68 25.85
C PRO C 481 27.60 4.11 26.07
N GLY C 482 28.72 4.48 25.45
CA GLY C 482 29.12 5.86 25.41
C GLY C 482 28.15 6.66 24.58
N LYS C 483 28.11 7.97 24.86
CA LYS C 483 27.29 8.98 24.15
C LYS C 483 25.87 8.53 23.85
N SER C 484 25.26 7.94 24.87
CA SER C 484 24.00 7.27 24.70
C SER C 484 22.90 7.88 25.54
N VAL C 485 21.67 7.66 25.11
CA VAL C 485 20.52 7.83 25.95
C VAL C 485 20.01 6.41 26.15
N THR C 486 19.72 6.03 27.39
CA THR C 486 19.06 4.76 27.68
C THR C 486 17.79 4.94 28.51
N SER C 487 16.76 4.15 28.23
CA SER C 487 15.51 4.20 28.98
C SER C 487 15.13 2.83 29.50
N TYR C 488 14.77 2.75 30.79
CA TYR C 488 14.53 1.45 31.46
C TYR C 488 13.16 1.41 32.06
N ARG C 489 12.57 0.21 32.11
CA ARG C 489 11.29 0.02 32.75
C ARG C 489 11.11 -1.39 33.28
N TRP C 490 10.61 -1.47 34.53
CA TRP C 490 10.45 -2.74 35.23
C TRP C 490 9.34 -2.73 36.29
N ALA C 491 8.79 -3.90 36.62
CA ALA C 491 7.72 -3.98 37.63
C ALA C 491 8.27 -3.83 39.07
N LYS C 492 7.43 -3.27 39.94
CA LYS C 492 7.51 -3.44 41.43
C LYS C 492 7.45 -4.92 41.82
N SER C 493 8.00 -5.24 42.98
CA SER C 493 8.03 -6.61 43.51
C SER C 493 6.65 -7.30 43.71
C1 NOJ D . -17.26 -12.43 16.68
C2 NOJ D . -17.29 -10.98 16.16
O2 NOJ D . -18.24 -10.91 15.06
C3 NOJ D . -15.93 -10.46 15.71
O3 NOJ D . -16.05 -9.06 15.64
C4 NOJ D . -14.86 -10.87 16.74
O4 NOJ D . -13.59 -10.27 16.47
C5 NOJ D . -14.71 -12.39 16.77
N5 NOJ D . -16.00 -13.01 17.05
C6 NOJ D . -13.73 -12.86 17.83
O6 NOJ D . -14.22 -12.57 19.17
C2 BGC D . -13.81 -12.34 21.38
C3 BGC D . -13.25 -13.09 22.58
C4 BGC D . -13.76 -14.51 22.63
C5 BGC D . -13.54 -15.22 21.29
C6 BGC D . -14.13 -16.63 21.24
C1 BGC D . -13.50 -13.13 20.13
O2 BGC D . -13.21 -11.02 21.32
O3 BGC D . -13.61 -12.42 23.80
O4 BGC D . -13.02 -15.19 23.65
O5 BGC D . -14.09 -14.44 20.20
O6 BGC D . -15.54 -16.55 21.49
C1 NOJ E . 0.42 -8.46 -29.55
C2 NOJ E . 0.20 -7.46 -28.45
O2 NOJ E . 0.92 -6.22 -28.77
C3 NOJ E . 0.59 -8.04 -27.08
O3 NOJ E . -0.23 -7.38 -26.14
C4 NOJ E . 0.48 -9.56 -26.96
O4 NOJ E . 0.82 -10.02 -25.64
C5 NOJ E . 1.37 -10.23 -28.02
N5 NOJ E . 1.08 -9.71 -29.32
C6 NOJ E . 1.17 -11.72 -28.11
O6 NOJ E . -0.19 -12.02 -28.41
C2 BGC E . -1.90 -13.57 -28.80
C3 BGC E . -2.14 -15.01 -29.23
C4 BGC E . -1.53 -15.31 -30.57
C5 BGC E . -0.06 -14.90 -30.56
C6 BGC E . 0.62 -15.05 -31.91
C1 BGC E . -0.42 -13.25 -28.87
O2 BGC E . -2.37 -13.38 -27.47
O3 BGC E . -3.54 -15.36 -29.24
O4 BGC E . -1.75 -16.72 -30.78
O5 BGC E . 0.05 -13.54 -30.18
O6 BGC E . -0.01 -14.16 -32.83
C1 NOJ F . 8.91 29.94 18.23
C2 NOJ F . 7.57 30.11 17.51
O2 NOJ F . 6.48 29.74 18.38
C3 NOJ F . 7.42 29.31 16.20
O3 NOJ F . 6.44 29.94 15.40
C4 NOJ F . 8.70 29.20 15.38
O4 NOJ F . 8.50 28.45 14.18
C5 NOJ F . 9.76 28.54 16.22
N5 NOJ F . 9.96 29.24 17.50
C6 NOJ F . 11.08 28.53 15.49
O6 NOJ F . 11.46 29.87 15.13
C2 BGC F . 12.86 31.45 13.94
C3 BGC F . 14.32 31.70 13.58
C4 BGC F . 15.21 31.52 14.81
C5 BGC F . 14.97 30.13 15.42
C6 BGC F . 15.90 29.80 16.60
C1 BGC F . 12.70 30.13 14.71
O2 BGC F . 12.09 31.43 12.73
O3 BGC F . 14.44 32.99 12.99
O4 BGC F . 16.57 31.68 14.47
O5 BGC F . 13.60 30.02 15.83
O6 BGC F . 15.83 30.74 17.65
NA NA G . -1.75 -4.93 -38.63
NA NA H . 14.33 4.62 -32.56
#